data_8DRP
#
_entry.id   8DRP
#
_cell.length_a   1.00
_cell.length_b   1.00
_cell.length_c   1.00
_cell.angle_alpha   90.00
_cell.angle_beta   90.00
_cell.angle_gamma   90.00
#
_symmetry.space_group_name_H-M   'P 1'
#
loop_
_entity.id
_entity.type
_entity.pdbx_description
1 polymer 'Ryanodine receptor 1'
2 non-polymer CAFFEINE
3 non-polymer "ADENOSINE-5'-TRIPHOSPHATE"
4 non-polymer 'ZINC ION'
#
_entity_poly.entity_id   1
_entity_poly.type   'polypeptide(L)'
_entity_poly.pdbx_seq_one_letter_code
;MGDGGEGEDEVQFLRTDDEVVLQCSATVLKEQLKLCLAAEGFGNRLCFLEPTSNAQNVPPDLAICCFTLEQSLSVRALQE
MLANTVEAGVESSQGGGHRTLLYGHAILLRHAHSRMYLSCLTTSRSMTDKLAFDVGLQEDATGEACWWTMHPASKQRSEG
EKVRVGDDLILVSVSSERYLHLSTASGELQVDASFMQTLWNMNPICSCCEEGYVTGGHVLRLFHGHMDECLTISAADSDD
QRRLVYYEGGAVCTHARSLWRLEPLRISWSGSHLRWGQPLRIRHVTTGRYLALTEDQGLVVVDACKAHTKATSFCFRVSK
EKLDTAPKRDVEGMGPPEIKYGESLCFVQHVASGLWLTYAAPDPKALRLGVLKKKAILHQEGHMDDALFLTRCQQEESQA
ARMIHSTAGLYNQFIKGLDSFSGKPRGSGPPAGPALPIEAVILSLQDLIGYFEPPSEELQHEEKQSKLRSLRNRQSLFQE
EGMLSLVLNCIDRLNVYTTAAHFAEYAGEEAAESWKEIVNLLYELLASLIRGNRANCALFSTNLDWVVSKLDRLEASSGI
LEVLYCVLIESPEVLNIIQENHIKSIISLLDKHGRNHKVLDVLCSLCVCNGVAVRSNQDLITENLLPGRELLLQTNLINY
VTSIRPNIFVGRAEGSTQYGKWYFEVMVDEVVPFLTAQATHLRVGWALTEGYSPYPGGGEGWGGNGVGDDLYSYGFDGLH
LWTGHVARPVTSPGQHLLAPEDVVSCCLDLSVPSISFRINGCPVQGVFEAFNLDGLFFPVVSFSAGVKVRFLLGGRHGEF
KFLPPPGYAPCHEAVLPRERLRLEPIKEYRREGPRGPHLVGPSRCLSHTDFVPCPVDTVQIVLPPHLERIREKLAENIHE
LWALTRIEQGWTYGPVRDDNKRLHPCLVNFHSLPEPERNYNLQMSGETLKTLLALGCHVGMADEKAEDNLKKTKLPKTYM
MSNGYKPAPLDLSHVRLTPAQTTLVDRLAENGHNVWARDRVAQGWSYSAVQDIPARRNPRLVPYRLLDEATKRSNRDSLC
QAVRTLLGYGYNIEPPDQEPSQVENQSRWDRVRIFRAEKSYTVQSGRWYFEFEAVTTGEMRVGWARPELRPDVELGADEL
AYVFNGHRGQRWHLGSEPFGRPWQSGDVVGCMIDLTENTIIFTLNGEVLMSDSGSETAFREIEIGDGFLPVCSLGPGQVG
HLNLGQDVSSLRFFAICGLQEGFEPFAINMQRPVTTWFSKSLPQFEPVPPEHPHYEVARMDGTVDTPPCLRLAHRTWGSQ
NSLVEMLFLRLSLPVQFHQHFRCTAGATPLAPPGLQPPAEDEARAAEPDPDYENLRRSAGGWGEAEGGKEGTAKEGTPGG
TPQPGVEAQPVRAENEKDATTEKNKKRGFLFKAKKAAMMTQPPATPALPRLPHDVVPADNRDDPEIILNTTTYYYSVRVF
AGQEPSCVWVGWVTPDYHQHDMNFDLSKVRAVTVTMGDEQGNVHSSLKCSNCYMVWGGDFVSPGQQGRISHTDLVIGCLV
DLATGLMTFTANGKESNTFFQVEPNTKLFPAVFVLPTHQNVIQFELGKQKNIMPLSAAMFLSERKNPAPQCPPRLEVQML
MPVSWSRMPNHFLQVETRRAGERLGWAVQCQDPLTMMALHIPEENRCMDILELSERLDLQRFHSHTLRLYRAVCALGNNR
VAHALCSHVDQAQLLHALEDAHLPGPLRAGYYDLLISIHLESACRSRRSMLSEYIVPLTPETRAITLFPPGRKGGNARRH
GLPGVGVTTSLRPPHHFSPPCFVAALPAAGVAEAPARLSPAIPLEALRDKALRMLGEAVRDGGQHARDPVGGSVEFQFVP
VLKLVSTLLVMGIFGDEDVKQILKMIEPEVFTEEEEEEEEEEEEEEEEEEDEEEKEEDEEEEEKEDAEKEEEEAPEGEKE
DLEEGLLQMKLPESVKLQMCNLLEYFCDQELQHRVESLAAFAERYVDKLQANQRSRYALLMRAFTMSAAETARRTREFRS
PPQEQINMLLHFKDEADEEDCPLPEDIRQDLQDFHQDLLAHCGIQLEGEEEEPEEETSLSSRLRSLLETVRLVKKKEEKP
EEELPAEEKKPQSLQELVSHMVVRWAQEDYVQSPELVRAMFSLLHRQYDGLGELLRALPRAYTISPSSVEDTMSLLECLG
QIRSLLIVQMGPQEENLMIQSIGNIMNNKVFYQHPNLMRALGMHETVMEVMVNVLGGGETKEIRFPKMVTSCCRFLCYFC
RISRQNQRSMFDHLSYLLENSGIGLGMQGSTPLDVAAASVIDNNELALALQEQDLEKVVSYLAGCGLQSCPMLLAKGYPD
IGWNPCGGERYLDFLRFAVFVNGESVEENANVVVRLLIRKPECFGPALRGEGGSGLLAAIEEAIRISEDPARDGPGVRRD
RRREHFGEEPPEENRVHLGHAIMSFYAALIDLLGRCAPEMHLIQAGKGEALRIRAILRSLVPLDDLVGIISLPLQIPTLG
KDGALVQPKMSASFVPDHKASMVLFLDRVYGIENQDFLLHVLDVGFLPDMRAAASLDTATFSTTEMALALNRYLCLAVLP
LITKCAPLFAGTEHRAIMVDSMLHTVYRLSRGRSLTKAQRDVIEDCLMALCRYIRPSMLQHLLRRLVFDVPILNEFAKMP
LKLLTNHYERCWKYYCLPTGWANFGVTSEEELHLTRKLFWGIFDSLAHKKYDQELYRMAMPCLCAIAGALPPDYVDASYS
SKAEKKATVDAEGNFDPRPVETLNVIIPEKLDSFINKFAEYTHEKWAFDKIQNNWSYGENVDEELKTHPMLRPYKTFSEK
DKEIYRWPIKESLKAMIAWEWTIEKAREGEEERTEKKKTRKISQTAQTYDPREGYNPQPPDLSGVTLSRELQAMAEQLAE
NYHNTWGRKKKQELEAKGGGTHPLLVPYDTLTAKEKARDREKAQELLKFLQMNGYAVTRGLKDMELDTSSIEKRFAFGFL
QQLLRWMDISQEFIAHLEAVVSSGRVEKSPHEQEIKFFAKILLPLINQYFTNHCLYFLSTPAKVLGSGGHASNKEKEMIT
SLFCKLAALVRHRVSLFGTDAPAVVNCLHILARSLDARTVMKSGPEIVKAGLRSFFESASEDIEKMVENLRLGKVSQART
QVKGVGQNLTYTTVALLPVLTTLFQHIAQHQFGDDVILDDVQVSCYRTLCSIYSLGTTKNTYVEKLRPALGECLARLAAA
MPVAFLEPQLNEYNACSVYTTKSPRERAILGLPNSVEEMCPDIPVLDRLMADIGGLAESGARYTEMPHVIEITLPMLCSY
LPRWWERGPEAPPPALPAGAPPPCTAVTSDHLNSLLGNILRIIVNNLGIDEATWMKRLAVFAQPIVSRARPELLHSHFIP
TIGRLRKRAGKVVAEEEQLRLEAKAEAEEGELLVRDEFSVLCRDLYALYPLLIRYVDNNRAHWLTEPNANAEELFRMVGE
IFIYWSKSHNFKREEQNFVVQNEINNMSFLTADSKSKMAKAGDAQSGGSDQERTKKKRRGDRYSVQTSLIVATLKKMLPI
GLNMCAPTDQDLIMLAKTRYALKDTDEEVREFLQNNLHLQGKVEGSPSLRWQMALYRGLPGREEDADDPEKIVRRVQEVS
AVLYHLEQTEHPYKSKKAVWHKLLSKQRRRAVVACFRMTPLYNLPTHRACNMFLESYKAAWILTEDHSFEDRMIDDLSKA
GEQEEEEEEVEEKKPDPLHQLVLHFSRTALTEKSKLDEDYLYMAYADIMAKSCHLEEGGENGEAEEEEVEVSFEEKEMEK
QRLLYQQSRLHTRGAAEMVLQMISACKGETGAMVSSTLKLGISILNGGNAEVQQKMLDYLKDKKEVGFFQSIQALMQTCS
VLDLNAFERQNKAEGLGMVNEDGTVINRQNGEKVMADDEFTQDLFRFLQLLCEGHNNDFQNYLRTQTGNTTTINIIICTV
DYLLRLQESISDFYWYYSGKDVIEEQGKRNFSKAMSVAKQVFNSLTEYIQGPCTGNQQSLAHSRLWDAVVGFLHVFAHMM
MKLAQDSSQIELLKELLDLQKDMVVMLLSLLEGNVVNGMIARQMVDMLVESSSNVEMILKFFDMFLKLKDIVGSEAFQDY
VTDPRGLISKKDFQKAMDSQKQFTGPEIQFLLSCSEADENEMINFEEFANRFQEPARDIGFNVAVLLTNLSEHVPHDPRL
RNFLELAESILEYFRPYLGRIEIMGASRRIERIYFEISETNRAQWEMPQVKESKRQFIFDVVNEGGEAEKMELFVSFCED
TIFEMQIAAQISEPEGEPEADEDEGMGEAAAEGAEEGAAGAEGAAGTVAAGATARLAAAAARALRGLSYRSLRRRVRRLR
RLTAREAATALAALLWAVVARAGAAGAGAAAGALRLLWGSLFGGGLVEGAKKVTVTELLAGMPDPTSDEVHGEQPAGPGG
DADGAGEGEGEGDAAEGDGDEEVAGHEAGPGGAEGVVAVADGGPFRPEGAGGLGDMGDTTPAEPPTPEGSPILKRKLGVD
GEEEELVPEPEPEPEPEPEKADEENGEKEEVPEAPPEPPKKAPPSPPAKKEEAGGAGMEFWGELEVQRVKFLNYLSRNFY
TLRFLALFLAFAINFILLFYKVSDSPPGEDDMEGSAAGDLAGAGSGGGSGWGSGAGEEAEGDEDENMVYYFLEESTGYME
PALWCLSLLHTLVAFLCIIGYNCLKVPLVIFKREKELARKLEFDGLYITEQPGDDDVKGQWDRLVLNTPSFPSNYWDKFV
KRKVLDKHGDIFGRERIAELLGMDLASLEITAHNERKPDPPPGLLTWLMSIDVKYQIWKFGVIFTDNSFLYLGWYMVMSL
LGHYNNFFFAAHLLDIAMGVKTLRTILSSVTHNGKQLVMTVGLLAVVVYLYTVVAFNFFRKFYNKSEDEDEPDMKCDDMM
TCYLFHMYVGVRAGGGIGDEIEDPAGDEYELYRVVFDITFFFFVIVILLAIIQGLIIDAFGELRDQQEQVKEDMETKCFI
CGIGSDYFDTTPHGFETHTLEEHNLANYMFFLMYLINKDETEHTGQESYVWKMYQERCWDFFPAGDCFRKQYEDQLS
;
_entity_poly.pdbx_strand_id   A,B,C,D
#
# COMPACT_ATOMS: atom_id res chain seq x y z
N PHE A 4174 -35.84 4.82 39.46
CA PHE A 4174 -36.28 4.19 38.22
C PHE A 4174 -35.28 4.44 37.10
N ARG A 4175 -34.02 4.15 37.38
CA ARG A 4175 -32.97 4.35 36.38
C ARG A 4175 -33.16 3.51 35.12
N PRO A 4176 -33.42 2.20 35.18
CA PRO A 4176 -33.59 1.43 33.93
C PRO A 4176 -34.99 1.47 33.36
N TYR A 4177 -35.96 2.04 34.08
CA TYR A 4177 -37.34 2.13 33.61
C TYR A 4177 -37.67 3.52 33.08
N LEU A 4178 -36.68 4.39 32.92
CA LEU A 4178 -36.87 5.73 32.43
C LEU A 4178 -35.99 5.95 31.20
N GLY A 4179 -36.58 6.47 30.14
CA GLY A 4179 -35.85 6.73 28.91
C GLY A 4179 -35.89 8.21 28.55
N ARG A 4180 -34.76 8.74 28.09
CA ARG A 4180 -34.64 10.13 27.71
C ARG A 4180 -34.32 10.20 26.23
N ILE A 4181 -35.11 10.97 25.48
CA ILE A 4181 -34.90 11.18 24.06
C ILE A 4181 -35.03 12.68 23.76
N GLU A 4182 -34.38 13.11 22.68
CA GLU A 4182 -34.38 14.51 22.28
C GLU A 4182 -35.00 14.61 20.89
N ILE A 4183 -35.97 15.50 20.74
CA ILE A 4183 -36.65 15.73 19.47
C ILE A 4183 -36.80 17.24 19.25
N MET A 4184 -36.79 17.65 17.99
CA MET A 4184 -37.09 19.02 17.64
C MET A 4184 -38.59 19.18 17.39
N GLY A 4185 -39.21 20.15 18.06
CA GLY A 4185 -40.64 20.33 17.94
C GLY A 4185 -41.05 21.56 17.17
N ALA A 4186 -42.27 22.04 17.40
CA ALA A 4186 -42.77 23.21 16.69
C ALA A 4186 -41.98 24.46 17.07
N SER A 4187 -41.36 24.47 18.25
CA SER A 4187 -40.58 25.61 18.70
C SER A 4187 -39.26 25.77 17.95
N ARG A 4188 -38.96 24.87 17.00
CA ARG A 4188 -37.74 24.87 16.20
C ARG A 4188 -36.49 24.70 17.04
N ARG A 4189 -36.61 24.17 18.26
CA ARG A 4189 -35.48 23.95 19.15
C ARG A 4189 -35.56 22.54 19.71
N ILE A 4190 -34.39 22.01 20.09
CA ILE A 4190 -34.33 20.68 20.68
C ILE A 4190 -35.04 20.70 22.03
N GLU A 4191 -35.64 19.57 22.39
CA GLU A 4191 -36.40 19.46 23.64
C GLU A 4191 -36.39 18.01 24.08
N ARG A 4192 -35.83 17.75 25.26
CA ARG A 4192 -35.80 16.39 25.80
C ARG A 4192 -37.06 16.10 26.60
N ILE A 4193 -37.63 14.93 26.36
CA ILE A 4193 -38.85 14.50 27.05
C ILE A 4193 -38.61 13.14 27.68
N TYR A 4194 -39.40 12.83 28.71
CA TYR A 4194 -39.25 11.61 29.49
C TYR A 4194 -40.48 10.73 29.29
N PHE A 4195 -40.24 9.45 29.01
CA PHE A 4195 -41.31 8.48 28.82
C PHE A 4195 -40.98 7.22 29.62
N GLU A 4196 -42.04 6.57 30.12
CA GLU A 4196 -41.89 5.38 30.93
C GLU A 4196 -41.49 4.19 30.05
N ILE A 4197 -40.48 3.46 30.48
CA ILE A 4197 -40.01 2.27 29.77
C ILE A 4197 -40.41 1.05 30.58
N SER A 4198 -41.25 0.20 30.00
CA SER A 4198 -41.62 -1.04 30.66
C SER A 4198 -40.48 -2.05 30.59
N GLU A 4199 -40.44 -2.95 31.57
CA GLU A 4199 -39.36 -3.94 31.63
C GLU A 4199 -39.44 -4.92 30.47
N THR A 4200 -40.64 -5.17 29.94
CA THR A 4200 -40.79 -6.14 28.85
C THR A 4200 -40.07 -5.67 27.59
N ASN A 4201 -40.20 -4.38 27.27
CA ASN A 4201 -39.56 -3.87 26.06
C ASN A 4201 -38.04 -3.94 26.15
N ARG A 4202 -37.48 -3.58 27.31
CA ARG A 4202 -36.03 -3.64 27.48
C ARG A 4202 -35.54 -5.08 27.57
N ALA A 4203 -36.37 -6.00 28.05
CA ALA A 4203 -35.98 -7.39 28.15
C ALA A 4203 -35.73 -8.00 26.77
N GLN A 4204 -36.62 -7.73 25.82
CA GLN A 4204 -36.50 -8.31 24.48
C GLN A 4204 -35.31 -7.73 23.71
N TRP A 4205 -34.77 -6.60 24.14
CA TRP A 4205 -33.64 -5.98 23.46
C TRP A 4205 -32.34 -6.74 23.65
N GLU A 4206 -32.27 -7.66 24.62
CA GLU A 4206 -31.05 -8.36 24.95
C GLU A 4206 -30.86 -9.67 24.18
N MET A 4207 -31.81 -10.04 23.32
CA MET A 4207 -31.65 -11.24 22.51
C MET A 4207 -30.48 -11.08 21.55
N PRO A 4208 -29.66 -12.12 21.37
CA PRO A 4208 -28.54 -12.01 20.42
C PRO A 4208 -28.98 -11.75 18.99
N GLN A 4209 -30.15 -12.25 18.59
CA GLN A 4209 -30.60 -12.07 17.22
C GLN A 4209 -30.85 -10.60 16.90
N VAL A 4210 -31.59 -9.90 17.78
CA VAL A 4210 -31.86 -8.49 17.55
C VAL A 4210 -30.59 -7.66 17.65
N LYS A 4211 -29.66 -8.04 18.53
CA LYS A 4211 -28.40 -7.33 18.61
C LYS A 4211 -27.58 -7.49 17.33
N GLU A 4212 -27.53 -8.71 16.78
CA GLU A 4212 -26.81 -8.93 15.53
C GLU A 4212 -27.47 -8.17 14.39
N SER A 4213 -28.80 -8.15 14.35
CA SER A 4213 -29.51 -7.37 13.34
C SER A 4213 -29.19 -5.89 13.46
N LYS A 4214 -29.10 -5.39 14.70
CA LYS A 4214 -28.74 -4.00 14.93
C LYS A 4214 -27.34 -3.69 14.42
N ARG A 4215 -26.36 -4.54 14.77
CA ARG A 4215 -25.00 -4.32 14.29
C ARG A 4215 -24.94 -4.34 12.78
N GLN A 4216 -25.67 -5.28 12.15
CA GLN A 4216 -25.72 -5.32 10.69
C GLN A 4216 -26.33 -4.04 10.14
N PHE A 4217 -27.36 -3.51 10.80
CA PHE A 4217 -28.01 -2.30 10.32
C PHE A 4217 -27.06 -1.11 10.34
N ILE A 4218 -26.39 -0.86 11.47
CA ILE A 4218 -25.44 0.24 11.51
C ILE A 4218 -24.29 0.01 10.53
N PHE A 4219 -23.79 -1.21 10.42
CA PHE A 4219 -22.72 -1.48 9.47
C PHE A 4219 -23.15 -1.12 8.05
N ASP A 4220 -24.34 -1.56 7.65
CA ASP A 4220 -24.82 -1.31 6.30
C ASP A 4220 -25.04 0.17 6.06
N VAL A 4221 -25.65 0.88 7.02
CA VAL A 4221 -25.96 2.29 6.78
C VAL A 4221 -24.68 3.13 6.77
N VAL A 4222 -23.70 2.81 7.61
CA VAL A 4222 -22.45 3.57 7.58
C VAL A 4222 -21.67 3.28 6.31
N ASN A 4223 -21.67 2.01 5.86
CA ASN A 4223 -21.00 1.68 4.61
C ASN A 4223 -21.65 2.37 3.42
N GLU A 4224 -22.98 2.41 3.39
CA GLU A 4224 -23.68 3.07 2.30
C GLU A 4224 -23.42 4.58 2.30
N GLY A 4225 -23.42 5.19 3.48
CA GLY A 4225 -23.21 6.63 3.56
C GLY A 4225 -24.41 7.46 3.18
N GLY A 4226 -25.61 6.89 3.21
CA GLY A 4226 -26.81 7.61 2.86
C GLY A 4226 -27.34 8.49 3.98
N GLU A 4227 -26.69 9.62 4.21
CA GLU A 4227 -27.12 10.52 5.28
C GLU A 4227 -28.51 11.08 5.02
N ALA A 4228 -28.83 11.37 3.75
CA ALA A 4228 -30.14 11.92 3.43
C ALA A 4228 -31.26 10.93 3.76
N GLU A 4229 -31.04 9.65 3.47
CA GLU A 4229 -32.02 8.60 3.74
C GLU A 4229 -31.72 7.85 5.03
N LYS A 4230 -30.83 8.39 5.88
CA LYS A 4230 -30.45 7.69 7.11
C LYS A 4230 -31.64 7.54 8.04
N MET A 4231 -32.47 8.57 8.17
CA MET A 4231 -33.62 8.50 9.07
C MET A 4231 -34.64 7.49 8.59
N GLU A 4232 -34.87 7.41 7.27
CA GLU A 4232 -35.79 6.40 6.74
C GLU A 4232 -35.27 5.00 7.03
N LEU A 4233 -33.97 4.77 6.85
CA LEU A 4233 -33.39 3.47 7.17
C LEU A 4233 -33.53 3.17 8.66
N PHE A 4234 -33.35 4.17 9.52
CA PHE A 4234 -33.50 3.96 10.95
C PHE A 4234 -34.95 3.59 11.30
N VAL A 4235 -35.92 4.25 10.67
CA VAL A 4235 -37.32 3.92 10.92
C VAL A 4235 -37.63 2.50 10.44
N SER A 4236 -37.10 2.13 9.28
CA SER A 4236 -37.29 0.76 8.80
C SER A 4236 -36.67 -0.26 9.75
N PHE A 4237 -35.48 0.04 10.27
CA PHE A 4237 -34.84 -0.83 11.25
C PHE A 4237 -35.68 -0.93 12.52
N CYS A 4238 -36.26 0.18 12.96
CA CYS A 4238 -37.11 0.15 14.14
C CYS A 4238 -38.32 -0.74 13.92
N GLU A 4239 -38.97 -0.61 12.77
CA GLU A 4239 -40.13 -1.47 12.46
C GLU A 4239 -39.71 -2.93 12.39
N ASP A 4240 -38.55 -3.22 11.79
CA ASP A 4240 -38.05 -4.58 11.75
C ASP A 4240 -37.81 -5.12 13.15
N THR A 4241 -37.31 -4.28 14.05
CA THR A 4241 -37.10 -4.71 15.44
C THR A 4241 -38.44 -5.00 16.11
N ILE A 4242 -39.46 -4.16 15.88
CA ILE A 4242 -40.78 -4.44 16.45
C ILE A 4242 -41.26 -5.80 15.99
N PHE A 4243 -41.11 -6.09 14.69
CA PHE A 4243 -41.57 -7.37 14.16
C PHE A 4243 -40.74 -8.53 14.75
N GLU A 4244 -39.43 -8.33 14.90
CA GLU A 4244 -38.59 -9.38 15.45
C GLU A 4244 -38.97 -9.72 16.88
N MET A 4245 -39.20 -8.69 17.71
CA MET A 4245 -39.57 -8.96 19.10
C MET A 4245 -40.99 -9.50 19.23
N GLN A 4246 -41.92 -9.10 18.35
CA GLN A 4246 -43.24 -9.72 18.42
C GLN A 4246 -43.17 -11.19 18.00
N ILE A 4247 -42.34 -11.50 17.00
CA ILE A 4247 -42.13 -12.90 16.63
C ILE A 4247 -41.54 -13.68 17.80
N ALA A 4248 -40.53 -13.10 18.46
CA ALA A 4248 -39.97 -13.74 19.64
C ALA A 4248 -41.01 -13.94 20.73
N ALA A 4249 -41.96 -13.00 20.85
CA ALA A 4249 -43.05 -13.17 21.79
C ALA A 4249 -43.92 -14.36 21.43
N GLN A 4250 -44.24 -14.53 20.15
CA GLN A 4250 -45.02 -15.70 19.74
C GLN A 4250 -44.25 -16.99 20.01
N ILE A 4251 -42.96 -17.02 19.70
CA ILE A 4251 -42.17 -18.24 19.89
C ILE A 4251 -41.71 -18.44 21.31
N SER A 4252 -41.92 -17.45 22.20
CA SER A 4252 -41.52 -17.60 23.58
C SER A 4252 -42.33 -18.68 24.27
N GLU A 4253 -41.66 -19.48 25.10
CA GLU A 4253 -42.31 -20.56 25.82
C GLU A 4253 -43.17 -20.03 26.96
N THR A 4323 0.78 -41.41 14.94
CA THR A 4323 1.01 -41.57 13.51
C THR A 4323 0.35 -40.44 12.72
N ALA A 4324 0.04 -40.72 11.45
CA ALA A 4324 -0.62 -39.72 10.62
C ALA A 4324 -2.02 -39.39 11.13
N ARG A 4325 -2.75 -40.41 11.61
CA ARG A 4325 -4.09 -40.17 12.12
C ARG A 4325 -4.08 -39.31 13.38
N GLU A 4326 -3.05 -39.43 14.21
CA GLU A 4326 -2.94 -38.56 15.38
C GLU A 4326 -2.77 -37.10 14.96
N ALA A 4327 -1.93 -36.85 13.96
CA ALA A 4327 -1.78 -35.49 13.46
C ALA A 4327 -3.07 -34.98 12.83
N ALA A 4328 -3.78 -35.85 12.11
CA ALA A 4328 -5.07 -35.46 11.54
C ALA A 4328 -6.06 -35.09 12.62
N THR A 4329 -6.12 -35.87 13.70
CA THR A 4329 -7.02 -35.56 14.81
C THR A 4329 -6.65 -34.24 15.46
N ALA A 4330 -5.34 -34.00 15.66
CA ALA A 4330 -4.90 -32.76 16.27
C ALA A 4330 -5.27 -31.55 15.41
N LEU A 4331 -5.04 -31.67 14.10
CA LEU A 4331 -5.38 -30.58 13.19
C LEU A 4331 -6.88 -30.32 13.15
N ALA A 4332 -7.68 -31.40 13.12
CA ALA A 4332 -9.13 -31.24 13.12
C ALA A 4332 -9.61 -30.59 14.40
N ALA A 4333 -9.06 -30.99 15.55
CA ALA A 4333 -9.44 -30.38 16.82
C ALA A 4333 -9.07 -28.91 16.85
N LEU A 4334 -7.87 -28.56 16.37
CA LEU A 4334 -7.45 -27.17 16.34
C LEU A 4334 -8.37 -26.34 15.44
N LEU A 4335 -8.70 -26.87 14.26
CA LEU A 4335 -9.58 -26.15 13.35
C LEU A 4335 -10.97 -25.97 13.94
N TRP A 4336 -11.52 -27.06 14.47
CA TRP A 4336 -12.90 -26.98 15.00
C TRP A 4336 -12.95 -25.90 16.08
N ALA A 4337 -11.98 -25.88 16.97
CA ALA A 4337 -11.97 -24.93 18.06
C ALA A 4337 -12.17 -23.51 17.59
N VAL A 4338 -11.39 -23.07 16.63
CA VAL A 4338 -11.51 -21.71 16.19
C VAL A 4338 -12.87 -21.50 15.52
N VAL A 4339 -13.30 -22.45 14.71
CA VAL A 4339 -14.62 -22.38 14.11
C VAL A 4339 -15.64 -22.34 15.21
N ALA A 4340 -15.50 -23.24 16.17
CA ALA A 4340 -16.39 -23.25 17.32
C ALA A 4340 -16.56 -21.86 17.84
N ARG A 4341 -15.47 -21.20 18.14
CA ARG A 4341 -15.55 -19.85 18.71
C ARG A 4341 -16.38 -18.91 17.85
N TRP A 4541 -56.52 -33.37 16.37
CA TRP A 4541 -57.27 -32.20 15.96
C TRP A 4541 -56.67 -30.93 16.55
N GLY A 4542 -57.40 -30.31 17.47
CA GLY A 4542 -56.88 -29.11 18.12
C GLY A 4542 -55.65 -29.37 18.95
N GLU A 4543 -55.64 -30.47 19.71
CA GLU A 4543 -54.48 -30.83 20.50
C GLU A 4543 -53.28 -31.12 19.61
N LEU A 4544 -53.51 -31.79 18.47
CA LEU A 4544 -52.43 -32.04 17.53
C LEU A 4544 -51.87 -30.73 16.97
N GLU A 4545 -52.75 -29.78 16.65
CA GLU A 4545 -52.28 -28.48 16.17
C GLU A 4545 -51.47 -27.74 17.23
N VAL A 4546 -51.93 -27.81 18.49
CA VAL A 4546 -51.18 -27.16 19.57
C VAL A 4546 -49.81 -27.80 19.74
N GLN A 4547 -49.75 -29.13 19.67
CA GLN A 4547 -48.46 -29.81 19.77
C GLN A 4547 -47.54 -29.43 18.60
N ARG A 4548 -48.10 -29.35 17.40
CA ARG A 4548 -47.31 -29.00 16.23
C ARG A 4548 -46.76 -27.58 16.34
N VAL A 4549 -47.59 -26.62 16.77
CA VAL A 4549 -47.11 -25.25 16.89
C VAL A 4549 -46.11 -25.12 18.04
N LYS A 4550 -46.29 -25.90 19.11
CA LYS A 4550 -45.29 -25.90 20.19
C LYS A 4550 -43.96 -26.44 19.70
N PHE A 4551 -43.98 -27.53 18.92
CA PHE A 4551 -42.75 -28.08 18.36
C PHE A 4551 -42.09 -27.08 17.42
N LEU A 4552 -42.89 -26.39 16.60
CA LEU A 4552 -42.35 -25.39 15.69
C LEU A 4552 -41.72 -24.23 16.45
N ASN A 4553 -42.37 -23.78 17.52
CA ASN A 4553 -41.80 -22.72 18.35
C ASN A 4553 -40.51 -23.17 19.02
N TYR A 4554 -40.46 -24.43 19.47
CA TYR A 4554 -39.24 -24.96 20.05
C TYR A 4554 -38.11 -24.97 19.03
N LEU A 4555 -38.42 -25.38 17.79
CA LEU A 4555 -37.40 -25.34 16.74
C LEU A 4555 -36.94 -23.92 16.47
N SER A 4556 -37.87 -22.96 16.46
CA SER A 4556 -37.51 -21.57 16.18
C SER A 4556 -36.68 -20.97 17.31
N ARG A 4557 -36.89 -21.43 18.56
CA ARG A 4557 -36.18 -20.83 19.69
C ARG A 4557 -34.68 -21.03 19.58
N ASN A 4558 -34.24 -22.23 19.20
CA ASN A 4558 -32.81 -22.52 19.03
C ASN A 4558 -32.59 -22.87 17.57
N PHE A 4559 -32.36 -21.83 16.75
CA PHE A 4559 -32.03 -22.00 15.34
C PHE A 4559 -30.55 -21.83 15.06
N TYR A 4560 -29.89 -20.86 15.70
CA TYR A 4560 -28.45 -20.73 15.58
C TYR A 4560 -27.75 -21.94 16.20
N THR A 4561 -28.28 -22.43 17.32
CA THR A 4561 -27.74 -23.66 17.91
C THR A 4561 -27.92 -24.85 16.97
N LEU A 4562 -29.06 -24.91 16.27
CA LEU A 4562 -29.28 -25.96 15.30
C LEU A 4562 -28.28 -25.87 14.15
N ARG A 4563 -27.99 -24.64 13.69
CA ARG A 4563 -27.00 -24.47 12.64
C ARG A 4563 -25.61 -24.88 13.12
N PHE A 4564 -25.28 -24.55 14.38
CA PHE A 4564 -24.00 -24.97 14.93
C PHE A 4564 -23.90 -26.49 15.01
N LEU A 4565 -24.99 -27.15 15.41
CA LEU A 4565 -25.00 -28.61 15.45
C LEU A 4565 -24.85 -29.20 14.06
N ALA A 4566 -25.50 -28.59 13.06
CA ALA A 4566 -25.35 -29.05 11.68
C ALA A 4566 -23.91 -28.89 11.21
N LEU A 4567 -23.27 -27.76 11.57
CA LEU A 4567 -21.88 -27.55 11.21
C LEU A 4567 -20.98 -28.58 11.87
N PHE A 4568 -21.24 -28.89 13.14
CA PHE A 4568 -20.45 -29.91 13.84
C PHE A 4568 -20.63 -31.28 13.18
N LEU A 4569 -21.87 -31.62 12.80
CA LEU A 4569 -22.11 -32.89 12.13
C LEU A 4569 -21.39 -32.95 10.79
N ALA A 4570 -21.42 -31.86 10.02
CA ALA A 4570 -20.72 -31.83 8.74
C ALA A 4570 -19.21 -31.96 8.93
N PHE A 4571 -18.66 -31.27 9.94
CA PHE A 4571 -17.24 -31.38 10.21
C PHE A 4571 -16.85 -32.80 10.62
N ALA A 4572 -17.67 -33.43 11.46
CA ALA A 4572 -17.39 -34.80 11.86
C ALA A 4572 -17.45 -35.75 10.65
N ILE A 4573 -18.45 -35.56 9.79
CA ILE A 4573 -18.57 -36.41 8.61
C ILE A 4573 -17.36 -36.24 7.70
N ASN A 4574 -16.93 -34.98 7.49
CA ASN A 4574 -15.77 -34.74 6.65
C ASN A 4574 -14.50 -35.33 7.26
N PHE A 4575 -14.37 -35.28 8.59
CA PHE A 4575 -13.24 -35.92 9.24
C PHE A 4575 -13.27 -37.43 9.04
N ILE A 4576 -14.46 -38.02 9.13
CA ILE A 4576 -14.59 -39.46 8.89
C ILE A 4576 -14.21 -39.80 7.46
N LEU A 4577 -14.63 -38.96 6.50
CA LEU A 4577 -14.36 -39.21 5.10
C LEU A 4577 -12.86 -39.22 4.77
N LEU A 4578 -12.03 -38.62 5.63
CA LEU A 4578 -10.60 -38.59 5.37
C LEU A 4578 -9.96 -39.97 5.46
N PHE A 4579 -10.66 -40.95 6.02
CA PHE A 4579 -10.15 -42.31 6.17
C PHE A 4579 -10.54 -43.22 5.01
N TYR A 4580 -11.20 -42.69 3.99
CA TYR A 4580 -11.63 -43.51 2.87
C TYR A 4580 -10.43 -43.99 2.07
N LYS A 4581 -10.55 -45.22 1.55
CA LYS A 4581 -9.52 -45.82 0.72
C LYS A 4581 -10.18 -46.51 -0.47
N VAL A 4582 -9.42 -46.65 -1.55
CA VAL A 4582 -9.90 -47.26 -2.78
C VAL A 4582 -8.99 -48.44 -3.14
N SER A 4583 -9.60 -49.50 -3.67
CA SER A 4583 -8.86 -50.68 -4.09
C SER A 4583 -9.74 -51.51 -5.00
N ASP A 4584 -9.11 -52.21 -5.94
CA ASP A 4584 -9.86 -53.06 -6.86
C ASP A 4584 -10.46 -54.27 -6.13
N SER A 4585 -9.74 -54.82 -5.17
CA SER A 4585 -10.21 -56.00 -4.46
C SER A 4585 -11.41 -55.64 -3.56
N PRO A 4586 -12.33 -56.57 -3.36
CA PRO A 4586 -13.45 -56.31 -2.46
C PRO A 4586 -12.94 -56.06 -1.05
N PRO A 4587 -13.64 -55.23 -0.27
CA PRO A 4587 -13.31 -54.89 1.12
C PRO A 4587 -13.02 -56.13 1.98
N ASN A 4626 -14.20 -53.44 -11.20
CA ASN A 4626 -14.19 -51.98 -11.21
C ASN A 4626 -13.65 -51.44 -9.89
N MET A 4627 -13.49 -50.12 -9.82
CA MET A 4627 -12.98 -49.49 -8.60
C MET A 4627 -14.01 -49.62 -7.49
N VAL A 4628 -13.54 -49.97 -6.30
CA VAL A 4628 -14.39 -50.15 -5.13
C VAL A 4628 -13.86 -49.26 -4.01
N TYR A 4629 -14.76 -48.44 -3.44
CA TYR A 4629 -14.41 -47.55 -2.34
C TYR A 4629 -14.85 -48.19 -1.03
N TYR A 4630 -13.90 -48.41 -0.12
CA TYR A 4630 -14.16 -49.02 1.17
C TYR A 4630 -13.48 -48.19 2.25
N PHE A 4631 -13.62 -48.64 3.50
CA PHE A 4631 -13.05 -47.95 4.65
C PHE A 4631 -11.86 -48.74 5.18
N LEU A 4632 -10.75 -48.05 5.40
CA LEU A 4632 -9.56 -48.69 5.94
C LEU A 4632 -9.81 -49.19 7.36
N GLU A 4633 -9.21 -50.32 7.70
CA GLU A 4633 -9.38 -50.92 9.01
C GLU A 4633 -8.81 -50.02 10.10
N GLU A 4634 -9.67 -49.47 10.94
CA GLU A 4634 -9.26 -48.61 12.03
C GLU A 4634 -9.22 -49.38 13.34
N SER A 4635 -8.55 -48.79 14.34
CA SER A 4635 -8.46 -49.43 15.64
C SER A 4635 -9.81 -49.57 16.31
N THR A 4636 -10.65 -48.53 16.22
CA THR A 4636 -11.95 -48.58 16.87
C THR A 4636 -12.88 -49.59 16.18
N GLY A 4637 -12.95 -49.52 14.84
CA GLY A 4637 -13.79 -50.43 14.10
C GLY A 4637 -15.25 -50.02 13.99
N TYR A 4638 -15.65 -48.92 14.61
CA TYR A 4638 -17.03 -48.43 14.53
C TYR A 4638 -17.19 -47.30 13.52
N MET A 4639 -16.29 -47.23 12.53
CA MET A 4639 -16.23 -46.06 11.66
C MET A 4639 -17.46 -45.99 10.74
N GLU A 4640 -17.79 -47.09 10.07
CA GLU A 4640 -18.90 -47.06 9.10
C GLU A 4640 -20.25 -46.80 9.75
N PRO A 4641 -20.66 -47.49 10.83
CA PRO A 4641 -21.93 -47.14 11.46
C PRO A 4641 -21.96 -45.72 11.99
N ALA A 4642 -20.82 -45.22 12.51
CA ALA A 4642 -20.76 -43.85 12.97
C ALA A 4642 -20.99 -42.87 11.83
N LEU A 4643 -20.37 -43.13 10.67
CA LEU A 4643 -20.58 -42.27 9.51
C LEU A 4643 -22.03 -42.31 9.05
N TRP A 4644 -22.63 -43.50 9.02
CA TRP A 4644 -24.03 -43.61 8.59
C TRP A 4644 -24.95 -42.84 9.53
N CYS A 4645 -24.77 -43.02 10.84
CA CYS A 4645 -25.59 -42.30 11.81
C CYS A 4645 -25.37 -40.80 11.70
N LEU A 4646 -24.13 -40.36 11.54
CA LEU A 4646 -23.83 -38.94 11.42
C LEU A 4646 -24.50 -38.34 10.20
N SER A 4647 -24.49 -39.06 9.08
CA SER A 4647 -25.21 -38.59 7.90
C SER A 4647 -26.71 -38.50 8.16
N LEU A 4648 -27.26 -39.49 8.89
CA LEU A 4648 -28.69 -39.46 9.20
C LEU A 4648 -29.06 -38.23 10.02
N LEU A 4649 -28.33 -37.98 11.12
CA LEU A 4649 -28.65 -36.79 11.91
C LEU A 4649 -28.30 -35.51 11.17
N HIS A 4650 -27.34 -35.54 10.23
CA HIS A 4650 -27.07 -34.36 9.44
C HIS A 4650 -28.27 -34.01 8.55
N THR A 4651 -28.84 -35.01 7.89
CA THR A 4651 -30.04 -34.76 7.09
C THR A 4651 -31.20 -34.29 7.96
N LEU A 4652 -31.39 -34.94 9.12
CA LEU A 4652 -32.47 -34.55 10.01
C LEU A 4652 -32.31 -33.12 10.50
N VAL A 4653 -31.09 -32.74 10.89
CA VAL A 4653 -30.84 -31.39 11.39
C VAL A 4653 -30.94 -30.37 10.27
N ALA A 4654 -30.59 -30.74 9.03
CA ALA A 4654 -30.80 -29.83 7.91
C ALA A 4654 -32.28 -29.56 7.70
N PHE A 4655 -33.10 -30.61 7.76
CA PHE A 4655 -34.55 -30.41 7.66
C PHE A 4655 -35.07 -29.55 8.80
N LEU A 4656 -34.61 -29.81 10.03
CA LEU A 4656 -35.04 -29.01 11.17
C LEU A 4656 -34.62 -27.55 11.01
N CYS A 4657 -33.41 -27.31 10.50
CA CYS A 4657 -32.93 -25.95 10.30
C CYS A 4657 -33.76 -25.21 9.25
N ILE A 4658 -34.10 -25.90 8.16
CA ILE A 4658 -34.90 -25.23 7.13
C ILE A 4658 -36.30 -24.94 7.65
N ILE A 4659 -36.86 -25.84 8.47
CA ILE A 4659 -38.17 -25.59 9.07
C ILE A 4659 -38.09 -24.39 10.02
N GLY A 4660 -37.04 -24.34 10.84
CA GLY A 4660 -36.88 -23.24 11.77
C GLY A 4660 -36.70 -21.91 11.06
N TYR A 4661 -35.95 -21.89 9.96
CA TYR A 4661 -35.80 -20.68 9.18
C TYR A 4661 -37.13 -20.26 8.56
N ASN A 4662 -37.90 -21.23 8.05
CA ASN A 4662 -39.21 -20.91 7.48
C ASN A 4662 -40.14 -20.34 8.54
N CYS A 4663 -40.05 -20.81 9.78
CA CYS A 4663 -40.95 -20.35 10.83
C CYS A 4663 -40.41 -19.16 11.63
N LEU A 4664 -39.16 -18.75 11.40
CA LEU A 4664 -38.56 -17.69 12.20
C LEU A 4664 -38.20 -16.46 11.38
N LYS A 4665 -37.41 -16.61 10.33
CA LYS A 4665 -36.92 -15.46 9.57
C LYS A 4665 -37.71 -15.19 8.30
N VAL A 4666 -38.43 -16.19 7.77
CA VAL A 4666 -39.26 -15.96 6.59
C VAL A 4666 -40.34 -14.92 6.84
N PRO A 4667 -41.07 -14.93 7.97
CA PRO A 4667 -42.04 -13.85 8.21
C PRO A 4667 -41.41 -12.47 8.25
N LEU A 4668 -40.15 -12.36 8.68
CA LEU A 4668 -39.50 -11.06 8.71
C LEU A 4668 -39.35 -10.48 7.30
N VAL A 4669 -38.84 -11.29 6.37
CA VAL A 4669 -38.68 -10.82 5.00
C VAL A 4669 -40.04 -10.64 4.34
N ILE A 4670 -41.04 -11.45 4.71
CA ILE A 4670 -42.39 -11.27 4.17
C ILE A 4670 -42.92 -9.91 4.59
N PHE A 4671 -42.76 -9.56 5.87
CA PHE A 4671 -43.21 -8.26 6.36
C PHE A 4671 -42.43 -7.12 5.72
N LYS A 4672 -41.12 -7.31 5.50
CA LYS A 4672 -40.32 -6.26 4.86
C LYS A 4672 -40.82 -6.00 3.45
N ARG A 4673 -41.06 -7.05 2.67
CA ARG A 4673 -41.57 -6.87 1.32
C ARG A 4673 -42.98 -6.27 1.34
N GLU A 4674 -43.84 -6.68 2.26
CA GLU A 4674 -45.21 -6.12 2.33
C GLU A 4674 -45.15 -4.64 2.72
N LYS A 4675 -44.26 -4.25 3.63
CA LYS A 4675 -44.13 -2.83 3.96
C LYS A 4675 -43.60 -2.04 2.78
N GLU A 4676 -42.61 -2.58 2.07
CA GLU A 4676 -42.08 -1.89 0.90
C GLU A 4676 -43.16 -1.68 -0.14
N LEU A 4677 -43.96 -2.72 -0.41
CA LEU A 4677 -45.04 -2.60 -1.37
C LEU A 4677 -46.08 -1.59 -0.91
N ALA A 4678 -46.44 -1.61 0.37
CA ALA A 4678 -47.45 -0.68 0.87
C ALA A 4678 -46.96 0.76 0.76
N ARG A 4679 -45.71 1.01 1.15
CA ARG A 4679 -45.16 2.36 1.05
C ARG A 4679 -45.10 2.82 -0.40
N LYS A 4680 -44.64 1.95 -1.30
CA LYS A 4680 -44.56 2.33 -2.70
C LYS A 4680 -45.94 2.66 -3.27
N LEU A 4681 -46.93 1.82 -2.98
CA LEU A 4681 -48.28 2.06 -3.50
C LEU A 4681 -48.88 3.33 -2.91
N GLU A 4682 -48.63 3.60 -1.63
CA GLU A 4682 -49.24 4.76 -0.97
C GLU A 4682 -48.59 6.07 -1.41
N PHE A 4683 -47.26 6.10 -1.52
CA PHE A 4683 -46.55 7.35 -1.69
C PHE A 4683 -45.93 7.54 -3.07
N ASP A 4684 -46.06 6.57 -3.99
CA ASP A 4684 -45.47 6.69 -5.30
C ASP A 4684 -46.41 6.33 -6.44
N GLY A 4685 -47.48 5.59 -6.18
CA GLY A 4685 -48.37 5.15 -7.24
C GLY A 4685 -47.66 4.24 -8.23
N LEU A 4686 -46.92 3.26 -7.71
CA LEU A 4686 -46.13 2.38 -8.57
C LEU A 4686 -47.02 1.61 -9.54
N TYR A 4687 -48.22 1.24 -9.11
CA TYR A 4687 -49.17 0.51 -9.96
C TYR A 4687 -50.37 1.37 -10.36
N ILE A 4688 -50.99 2.06 -9.40
CA ILE A 4688 -52.19 2.83 -9.70
C ILE A 4688 -51.85 4.03 -10.57
N THR A 4689 -50.81 4.78 -10.20
CA THR A 4689 -50.47 6.02 -10.88
C THR A 4689 -49.39 5.87 -11.93
N GLU A 4690 -48.80 4.68 -12.08
CA GLU A 4690 -47.72 4.48 -13.03
C GLU A 4690 -47.60 2.99 -13.34
N GLN A 4691 -46.73 2.68 -14.28
CA GLN A 4691 -46.45 1.30 -14.64
C GLN A 4691 -45.43 0.69 -13.68
N PRO A 4692 -45.46 -0.64 -13.51
CA PRO A 4692 -44.45 -1.28 -12.64
C PRO A 4692 -43.03 -1.05 -13.10
N GLY A 4693 -42.81 -0.94 -14.41
CA GLY A 4693 -41.48 -0.70 -14.97
C GLY A 4693 -40.92 -1.94 -15.63
N ASP A 4694 -39.65 -1.82 -16.04
CA ASP A 4694 -38.94 -2.88 -16.72
C ASP A 4694 -37.72 -3.29 -15.90
N ASP A 4695 -37.28 -4.53 -16.12
CA ASP A 4695 -36.13 -5.11 -15.43
C ASP A 4695 -36.30 -5.13 -13.91
N ASP A 4696 -37.55 -5.29 -13.44
CA ASP A 4696 -37.85 -5.34 -12.00
C ASP A 4696 -38.66 -6.61 -11.75
N VAL A 4697 -37.96 -7.70 -11.44
CA VAL A 4697 -38.64 -8.98 -11.19
C VAL A 4697 -39.53 -8.86 -9.96
N LYS A 4698 -39.03 -8.22 -8.90
CA LYS A 4698 -39.82 -8.08 -7.68
C LYS A 4698 -41.08 -7.26 -7.91
N GLY A 4699 -40.96 -6.17 -8.68
CA GLY A 4699 -42.13 -5.34 -8.95
C GLY A 4699 -43.17 -6.05 -9.79
N GLN A 4700 -42.74 -6.75 -10.83
CA GLN A 4700 -43.67 -7.47 -11.69
C GLN A 4700 -44.33 -8.61 -10.95
N TRP A 4701 -43.57 -9.36 -10.15
CA TRP A 4701 -44.12 -10.49 -9.42
C TRP A 4701 -45.11 -10.00 -8.35
N ASP A 4702 -44.83 -8.83 -7.79
CA ASP A 4702 -45.64 -8.29 -6.67
C ASP A 4702 -47.03 -7.91 -7.20
N ARG A 4703 -47.25 -8.07 -8.50
CA ARG A 4703 -48.54 -7.64 -9.10
C ARG A 4703 -49.68 -8.45 -8.47
N LEU A 4704 -49.43 -9.71 -8.17
CA LEU A 4704 -50.51 -10.59 -7.65
C LEU A 4704 -50.93 -10.20 -6.24
N VAL A 4705 -50.00 -9.75 -5.40
CA VAL A 4705 -50.40 -9.53 -3.98
C VAL A 4705 -51.54 -8.52 -3.89
N LEU A 4706 -51.58 -7.55 -4.81
CA LEU A 4706 -52.55 -6.44 -4.71
C LEU A 4706 -53.98 -6.96 -4.68
N ASN A 4707 -54.32 -7.91 -5.53
CA ASN A 4707 -55.72 -8.40 -5.61
C ASN A 4707 -56.03 -9.29 -4.41
N THR A 4708 -55.01 -9.62 -3.61
CA THR A 4708 -55.21 -10.59 -2.51
C THR A 4708 -56.28 -10.06 -1.55
N PRO A 4709 -57.12 -10.93 -0.96
CA PRO A 4709 -58.06 -10.49 0.07
C PRO A 4709 -57.26 -10.15 1.32
N SER A 4710 -55.97 -10.52 1.34
CA SER A 4710 -55.08 -10.24 2.50
C SER A 4710 -53.75 -9.68 2.00
N PHE A 4711 -53.76 -8.54 1.29
CA PHE A 4711 -52.47 -8.04 0.75
C PHE A 4711 -51.57 -7.75 1.93
N PRO A 4712 -52.04 -7.08 3.00
CA PRO A 4712 -51.24 -6.90 4.19
C PRO A 4712 -51.54 -8.06 5.13
N SER A 4713 -50.56 -8.93 5.38
CA SER A 4713 -50.75 -10.04 6.34
C SER A 4713 -49.71 -9.97 7.46
N ASN A 4714 -48.51 -9.49 7.14
CA ASN A 4714 -47.41 -9.43 8.14
C ASN A 4714 -47.03 -7.95 8.38
N TYR A 4715 -47.78 -7.04 7.77
CA TYR A 4715 -47.53 -5.59 7.99
C TYR A 4715 -48.66 -5.06 8.88
N TRP A 4716 -48.35 -4.10 9.75
CA TRP A 4716 -49.35 -3.61 10.74
C TRP A 4716 -50.56 -2.95 10.07
N ASP A 4717 -50.34 -2.16 9.02
CA ASP A 4717 -51.42 -1.41 8.42
C ASP A 4717 -52.29 -2.39 7.63
N LYS A 4718 -53.35 -2.87 8.28
CA LYS A 4718 -54.23 -3.85 7.67
C LYS A 4718 -55.25 -3.24 6.71
N PHE A 4719 -55.31 -1.91 6.62
CA PHE A 4719 -56.27 -1.22 5.75
C PHE A 4719 -55.53 -0.25 4.84
N VAL A 4720 -54.46 -0.74 4.22
CA VAL A 4720 -53.67 0.06 3.29
C VAL A 4720 -54.51 0.44 2.08
N THR A 4766 -62.59 -25.95 7.36
CA THR A 4766 -62.63 -24.59 6.83
C THR A 4766 -61.23 -24.10 6.50
N TRP A 4767 -60.24 -24.98 6.66
CA TRP A 4767 -58.86 -24.61 6.36
C TRP A 4767 -58.67 -24.31 4.88
N LEU A 4768 -59.28 -25.12 4.02
CA LEU A 4768 -59.15 -24.89 2.58
C LEU A 4768 -59.78 -23.57 2.16
N MET A 4769 -60.96 -23.26 2.70
CA MET A 4769 -61.64 -22.02 2.34
C MET A 4769 -60.89 -20.80 2.88
N SER A 4770 -60.33 -20.92 4.08
CA SER A 4770 -59.61 -19.79 4.68
C SER A 4770 -58.35 -19.44 3.89
N ILE A 4771 -57.62 -20.46 3.41
CA ILE A 4771 -56.39 -20.22 2.68
C ILE A 4771 -56.72 -19.64 1.30
N ASP A 4772 -56.01 -18.58 0.93
CA ASP A 4772 -56.18 -17.95 -0.37
C ASP A 4772 -55.05 -18.40 -1.29
N VAL A 4773 -55.42 -18.95 -2.45
CA VAL A 4773 -54.43 -19.55 -3.34
C VAL A 4773 -53.44 -18.49 -3.83
N LYS A 4774 -53.94 -17.35 -4.31
CA LYS A 4774 -53.05 -16.34 -4.86
C LYS A 4774 -52.04 -15.86 -3.83
N TYR A 4775 -52.50 -15.65 -2.59
CA TYR A 4775 -51.59 -15.27 -1.52
C TYR A 4775 -50.56 -16.36 -1.26
N GLN A 4776 -50.96 -17.63 -1.35
CA GLN A 4776 -50.03 -18.73 -1.09
C GLN A 4776 -48.91 -18.78 -2.12
N ILE A 4777 -49.27 -18.74 -3.42
CA ILE A 4777 -48.21 -18.71 -4.44
C ILE A 4777 -47.39 -17.43 -4.37
N TRP A 4778 -47.99 -16.29 -4.05
CA TRP A 4778 -47.21 -15.06 -3.88
C TRP A 4778 -46.19 -15.23 -2.76
N LYS A 4779 -46.63 -15.70 -1.59
CA LYS A 4779 -45.72 -15.86 -0.46
C LYS A 4779 -44.62 -16.85 -0.79
N PHE A 4780 -44.97 -17.96 -1.43
CA PHE A 4780 -43.95 -18.92 -1.86
C PHE A 4780 -42.95 -18.28 -2.81
N GLY A 4781 -43.43 -17.41 -3.70
CA GLY A 4781 -42.52 -16.67 -4.55
C GLY A 4781 -41.56 -15.80 -3.76
N VAL A 4782 -42.02 -15.25 -2.63
CA VAL A 4782 -41.12 -14.50 -1.76
C VAL A 4782 -40.06 -15.42 -1.16
N ILE A 4783 -40.46 -16.60 -0.67
CA ILE A 4783 -39.53 -17.47 0.05
C ILE A 4783 -38.44 -18.00 -0.88
N PHE A 4784 -38.81 -18.57 -2.02
CA PHE A 4784 -37.82 -19.18 -2.90
C PHE A 4784 -36.94 -18.15 -3.61
N THR A 4785 -37.27 -16.87 -3.52
CA THR A 4785 -36.40 -15.83 -4.06
C THR A 4785 -35.42 -15.28 -3.03
N ASP A 4786 -35.49 -15.74 -1.79
CA ASP A 4786 -34.60 -15.27 -0.74
C ASP A 4786 -33.24 -15.95 -0.83
N ASN A 4787 -32.19 -15.17 -0.59
CA ASN A 4787 -30.83 -15.71 -0.68
C ASN A 4787 -30.56 -16.73 0.41
N SER A 4788 -30.94 -16.41 1.66
CA SER A 4788 -30.70 -17.34 2.77
C SER A 4788 -31.54 -18.60 2.61
N PHE A 4789 -32.79 -18.47 2.18
CA PHE A 4789 -33.62 -19.66 1.96
C PHE A 4789 -33.05 -20.51 0.84
N LEU A 4790 -32.55 -19.87 -0.23
CA LEU A 4790 -31.93 -20.63 -1.31
C LEU A 4790 -30.67 -21.35 -0.82
N TYR A 4791 -29.86 -20.70 0.01
CA TYR A 4791 -28.67 -21.34 0.56
C TYR A 4791 -29.04 -22.53 1.42
N LEU A 4792 -30.08 -22.39 2.25
CA LEU A 4792 -30.50 -23.51 3.08
C LEU A 4792 -31.10 -24.64 2.26
N GLY A 4793 -31.81 -24.31 1.19
CA GLY A 4793 -32.28 -25.35 0.28
C GLY A 4793 -31.14 -26.08 -0.41
N TRP A 4794 -30.09 -25.35 -0.79
CA TRP A 4794 -28.90 -25.98 -1.34
C TRP A 4794 -28.25 -26.90 -0.31
N TYR A 4795 -28.19 -26.45 0.95
CA TYR A 4795 -27.68 -27.30 2.02
C TYR A 4795 -28.50 -28.58 2.15
N MET A 4796 -29.83 -28.45 2.10
CA MET A 4796 -30.70 -29.61 2.22
C MET A 4796 -30.52 -30.58 1.06
N VAL A 4797 -30.42 -30.05 -0.16
CA VAL A 4797 -30.26 -30.92 -1.32
C VAL A 4797 -28.89 -31.59 -1.32
N MET A 4798 -27.85 -30.89 -0.85
CA MET A 4798 -26.55 -31.51 -0.71
C MET A 4798 -26.57 -32.60 0.34
N SER A 4799 -27.28 -32.38 1.45
CA SER A 4799 -27.42 -33.42 2.47
C SER A 4799 -28.15 -34.64 1.91
N LEU A 4800 -29.19 -34.41 1.11
CA LEU A 4800 -29.91 -35.52 0.48
C LEU A 4800 -29.01 -36.27 -0.49
N LEU A 4801 -28.20 -35.55 -1.27
CA LEU A 4801 -27.31 -36.19 -2.23
C LEU A 4801 -26.18 -36.94 -1.54
N GLY A 4802 -25.81 -36.52 -0.33
CA GLY A 4802 -24.75 -37.19 0.41
C GLY A 4802 -25.03 -38.64 0.73
N HIS A 4803 -26.31 -39.03 0.76
CA HIS A 4803 -26.64 -40.43 0.98
C HIS A 4803 -26.32 -41.28 -0.24
N TYR A 4804 -26.50 -40.73 -1.44
CA TYR A 4804 -26.11 -41.45 -2.66
C TYR A 4804 -24.61 -41.66 -2.71
N ASN A 4805 -23.83 -40.64 -2.35
CA ASN A 4805 -22.38 -40.73 -2.29
C ASN A 4805 -21.91 -39.91 -1.10
N ASN A 4806 -21.19 -40.55 -0.18
CA ASN A 4806 -20.77 -39.88 1.04
C ASN A 4806 -19.81 -38.73 0.78
N PHE A 4807 -19.12 -38.71 -0.36
CA PHE A 4807 -18.21 -37.62 -0.69
C PHE A 4807 -18.93 -36.33 -1.02
N PHE A 4808 -20.24 -36.37 -1.24
CA PHE A 4808 -21.01 -35.15 -1.50
C PHE A 4808 -21.18 -34.29 -0.27
N PHE A 4809 -20.86 -34.80 0.92
CA PHE A 4809 -20.97 -34.03 2.15
C PHE A 4809 -19.89 -32.95 2.27
N ALA A 4810 -18.88 -32.97 1.39
CA ALA A 4810 -17.83 -31.96 1.45
C ALA A 4810 -18.33 -30.57 1.08
N ALA A 4811 -19.50 -30.47 0.43
CA ALA A 4811 -20.04 -29.17 0.09
C ALA A 4811 -20.46 -28.38 1.33
N HIS A 4812 -20.79 -29.09 2.42
CA HIS A 4812 -21.20 -28.42 3.65
C HIS A 4812 -20.04 -27.73 4.35
N LEU A 4813 -18.80 -28.00 3.94
CA LEU A 4813 -17.65 -27.33 4.55
C LEU A 4813 -17.60 -25.84 4.23
N LEU A 4814 -18.36 -25.38 3.23
CA LEU A 4814 -18.38 -23.97 2.89
C LEU A 4814 -19.07 -23.11 3.95
N ASP A 4815 -19.82 -23.73 4.87
CA ASP A 4815 -20.46 -22.98 5.94
C ASP A 4815 -19.44 -22.33 6.88
N ILE A 4816 -18.21 -22.86 6.93
CA ILE A 4816 -17.15 -22.21 7.67
C ILE A 4816 -16.85 -20.84 7.05
N ALA A 4817 -16.81 -20.77 5.72
CA ALA A 4817 -16.52 -19.51 5.04
C ALA A 4817 -17.62 -18.48 5.30
N MET A 4818 -18.88 -18.91 5.26
CA MET A 4818 -19.98 -17.97 5.47
C MET A 4818 -20.10 -17.57 6.94
N GLY A 4819 -19.89 -18.53 7.85
CA GLY A 4819 -20.04 -18.22 9.27
C GLY A 4819 -19.02 -17.23 9.79
N VAL A 4820 -17.75 -17.41 9.42
CA VAL A 4820 -16.69 -16.54 9.89
C VAL A 4820 -16.72 -15.23 9.12
N LYS A 4821 -16.65 -14.11 9.84
CA LYS A 4821 -16.67 -12.80 9.19
C LYS A 4821 -15.44 -12.60 8.31
N THR A 4822 -14.27 -13.03 8.79
CA THR A 4822 -13.05 -12.88 7.98
C THR A 4822 -13.13 -13.71 6.70
N LEU A 4823 -13.61 -14.94 6.80
CA LEU A 4823 -13.72 -15.79 5.61
C LEU A 4823 -14.80 -15.26 4.67
N ARG A 4824 -15.90 -14.73 5.21
CA ARG A 4824 -16.91 -14.11 4.38
C ARG A 4824 -16.36 -12.90 3.64
N THR A 4825 -15.54 -12.10 4.32
CA THR A 4825 -14.88 -10.97 3.66
C THR A 4825 -13.93 -11.46 2.58
N ILE A 4826 -13.20 -12.54 2.84
CA ILE A 4826 -12.30 -13.10 1.83
C ILE A 4826 -13.07 -13.53 0.59
N LEU A 4827 -14.21 -14.21 0.80
CA LEU A 4827 -15.03 -14.61 -0.34
C LEU A 4827 -15.59 -13.41 -1.09
N SER A 4828 -16.07 -12.39 -0.36
CA SER A 4828 -16.64 -11.21 -0.99
C SER A 4828 -15.59 -10.39 -1.73
N SER A 4829 -14.32 -10.50 -1.36
CA SER A 4829 -13.27 -9.77 -2.06
C SER A 4829 -13.15 -10.21 -3.50
N VAL A 4830 -13.45 -11.48 -3.79
CA VAL A 4830 -13.37 -11.98 -5.16
C VAL A 4830 -14.42 -11.29 -6.04
N THR A 4831 -15.63 -11.15 -5.54
CA THR A 4831 -16.72 -10.54 -6.30
C THR A 4831 -16.80 -9.02 -6.15
N HIS A 4832 -15.96 -8.43 -5.28
CA HIS A 4832 -15.97 -6.98 -5.11
C HIS A 4832 -15.53 -6.28 -6.40
N ASN A 4833 -14.52 -6.83 -7.08
CA ASN A 4833 -14.03 -6.27 -8.34
C ASN A 4833 -14.28 -7.25 -9.47
N GLY A 4834 -15.48 -7.83 -9.51
CA GLY A 4834 -15.76 -8.87 -10.50
C GLY A 4834 -15.64 -8.38 -11.93
N LYS A 4835 -16.14 -7.17 -12.21
CA LYS A 4835 -16.05 -6.63 -13.56
C LYS A 4835 -14.60 -6.40 -13.97
N GLN A 4836 -13.81 -5.79 -13.08
CA GLN A 4836 -12.40 -5.55 -13.38
C GLN A 4836 -11.64 -6.86 -13.52
N LEU A 4837 -11.94 -7.84 -12.65
CA LEU A 4837 -11.28 -9.13 -12.75
C LEU A 4837 -11.63 -9.83 -14.06
N VAL A 4838 -12.89 -9.75 -14.49
CA VAL A 4838 -13.29 -10.36 -15.76
C VAL A 4838 -12.59 -9.67 -16.93
N MET A 4839 -12.50 -8.34 -16.89
CA MET A 4839 -11.81 -7.61 -17.94
C MET A 4839 -10.34 -7.98 -18.00
N THR A 4840 -9.69 -8.12 -16.83
CA THR A 4840 -8.28 -8.50 -16.79
C THR A 4840 -8.09 -9.92 -17.31
N VAL A 4841 -9.00 -10.84 -16.97
CA VAL A 4841 -8.91 -12.20 -17.47
C VAL A 4841 -9.07 -12.22 -18.99
N GLY A 4842 -10.00 -11.42 -19.50
CA GLY A 4842 -10.15 -11.33 -20.95
C GLY A 4842 -8.92 -10.77 -21.64
N LEU A 4843 -8.32 -9.75 -21.05
CA LEU A 4843 -7.09 -9.20 -21.60
C LEU A 4843 -5.96 -10.22 -21.58
N LEU A 4844 -5.85 -10.98 -20.49
CA LEU A 4844 -4.86 -12.05 -20.42
C LEU A 4844 -5.11 -13.10 -21.50
N ALA A 4845 -6.38 -13.47 -21.71
CA ALA A 4845 -6.70 -14.45 -22.75
C ALA A 4845 -6.34 -13.92 -24.13
N VAL A 4846 -6.60 -12.65 -24.39
CA VAL A 4846 -6.25 -12.06 -25.68
C VAL A 4846 -4.74 -12.05 -25.88
N VAL A 4847 -4.00 -11.70 -24.83
CA VAL A 4847 -2.54 -11.68 -24.92
C VAL A 4847 -2.00 -13.08 -25.18
N VAL A 4848 -2.53 -14.07 -24.46
CA VAL A 4848 -2.08 -15.45 -24.65
C VAL A 4848 -2.44 -15.93 -26.06
N TYR A 4849 -3.60 -15.51 -26.57
CA TYR A 4849 -3.98 -15.89 -27.93
C TYR A 4849 -3.03 -15.28 -28.96
N LEU A 4850 -2.63 -14.02 -28.75
CA LEU A 4850 -1.67 -13.40 -29.66
C LEU A 4850 -0.33 -14.12 -29.62
N TYR A 4851 0.14 -14.46 -28.41
CA TYR A 4851 1.40 -15.18 -28.30
C TYR A 4851 1.31 -16.57 -28.93
N THR A 4852 0.16 -17.22 -28.80
CA THR A 4852 -0.06 -18.50 -29.46
C THR A 4852 -0.06 -18.36 -30.97
N VAL A 4853 -0.63 -17.27 -31.49
CA VAL A 4853 -0.59 -17.00 -32.92
C VAL A 4853 0.86 -16.88 -33.38
N VAL A 4854 1.65 -16.11 -32.64
CA VAL A 4854 3.06 -15.92 -33.02
C VAL A 4854 3.81 -17.25 -32.98
N ALA A 4855 3.60 -18.04 -31.92
CA ALA A 4855 4.29 -19.32 -31.79
C ALA A 4855 3.89 -20.28 -32.91
N PHE A 4856 2.59 -20.34 -33.23
CA PHE A 4856 2.12 -21.22 -34.29
C PHE A 4856 2.69 -20.79 -35.64
N ASN A 4857 2.81 -19.48 -35.87
CA ASN A 4857 3.31 -19.00 -37.15
C ASN A 4857 4.82 -19.16 -37.29
N PHE A 4858 5.58 -19.04 -36.21
CA PHE A 4858 7.02 -18.97 -36.34
C PHE A 4858 7.79 -19.99 -35.50
N PHE A 4859 7.24 -20.38 -34.35
CA PHE A 4859 7.97 -21.20 -33.38
C PHE A 4859 7.29 -22.54 -33.15
N ARG A 4860 6.85 -23.20 -34.23
CA ARG A 4860 6.18 -24.48 -34.08
C ARG A 4860 7.13 -25.59 -33.67
N LYS A 4861 8.39 -25.55 -34.14
CA LYS A 4861 9.32 -26.64 -33.91
C LYS A 4861 9.85 -26.69 -32.48
N PHE A 4862 9.61 -25.67 -31.67
CA PHE A 4862 10.11 -25.62 -30.30
C PHE A 4862 9.14 -26.20 -29.28
N TYR A 4863 8.00 -26.71 -29.71
CA TYR A 4863 6.96 -27.18 -28.80
C TYR A 4863 6.90 -28.71 -28.75
N ASN A 4864 8.04 -29.37 -28.79
CA ASN A 4864 8.10 -30.82 -28.65
C ASN A 4864 8.28 -31.17 -27.18
N LYS A 4865 7.31 -31.86 -26.59
CA LYS A 4865 7.30 -32.18 -25.17
C LYS A 4865 7.50 -33.68 -24.92
N SER A 4866 8.08 -34.41 -25.87
CA SER A 4866 8.33 -35.83 -25.74
C SER A 4866 9.83 -36.09 -25.68
N GLU A 4867 10.26 -36.78 -24.62
CA GLU A 4867 11.68 -37.13 -24.51
C GLU A 4867 12.11 -38.08 -25.62
N ASP A 4868 11.26 -39.07 -25.92
CA ASP A 4868 11.57 -40.02 -26.99
C ASP A 4868 11.31 -39.39 -28.34
N GLU A 4869 12.27 -39.52 -29.25
CA GLU A 4869 12.15 -38.96 -30.59
C GLU A 4869 11.33 -39.83 -31.53
N ASP A 4870 10.98 -41.06 -31.13
CA ASP A 4870 10.19 -41.92 -31.99
C ASP A 4870 8.80 -41.35 -32.24
N GLU A 4871 8.16 -40.83 -31.19
CA GLU A 4871 6.82 -40.26 -31.27
C GLU A 4871 6.85 -38.87 -30.64
N PRO A 4872 7.27 -37.86 -31.39
CA PRO A 4872 7.31 -36.50 -30.84
C PRO A 4872 5.90 -36.02 -30.45
N ASP A 4873 5.84 -35.31 -29.32
CA ASP A 4873 4.58 -34.77 -28.81
C ASP A 4873 4.51 -33.28 -29.20
N MET A 4874 4.14 -33.05 -30.46
CA MET A 4874 4.03 -31.69 -30.96
C MET A 4874 2.84 -31.00 -30.31
N LYS A 4875 3.12 -30.01 -29.46
CA LYS A 4875 2.09 -29.30 -28.72
C LYS A 4875 1.59 -28.05 -29.46
N CYS A 4876 2.18 -27.69 -30.59
CA CYS A 4876 1.76 -26.44 -31.28
C CYS A 4876 1.46 -26.75 -32.74
N ASP A 4877 1.28 -28.01 -33.11
CA ASP A 4877 0.83 -28.41 -34.46
C ASP A 4877 -0.59 -27.89 -34.72
N ASP A 4878 -1.48 -27.86 -33.73
CA ASP A 4878 -2.87 -27.34 -33.87
C ASP A 4878 -2.99 -26.08 -33.02
N MET A 4879 -3.72 -25.08 -33.48
CA MET A 4879 -3.86 -23.79 -32.76
C MET A 4879 -4.54 -23.92 -31.40
N MET A 4880 -5.58 -24.74 -31.27
CA MET A 4880 -6.26 -24.97 -29.98
C MET A 4880 -5.33 -25.65 -28.99
N THR A 4881 -4.54 -26.62 -29.42
CA THR A 4881 -3.54 -27.24 -28.54
C THR A 4881 -2.53 -26.18 -28.16
N CYS A 4882 -2.08 -25.37 -29.10
CA CYS A 4882 -1.05 -24.41 -28.74
C CYS A 4882 -1.76 -23.44 -27.82
N TYR A 4883 -3.05 -23.23 -28.01
CA TYR A 4883 -3.67 -22.26 -27.10
C TYR A 4883 -3.91 -22.86 -25.73
N LEU A 4884 -4.40 -24.11 -25.68
CA LEU A 4884 -4.62 -24.76 -24.40
C LEU A 4884 -3.30 -24.99 -23.67
N PHE A 4885 -2.27 -25.41 -24.39
CA PHE A 4885 -0.95 -25.60 -23.78
C PHE A 4885 -0.43 -24.30 -23.19
N HIS A 4886 -0.56 -23.19 -23.93
CA HIS A 4886 -0.12 -21.90 -23.42
C HIS A 4886 -0.89 -21.53 -22.16
N MET A 4887 -2.23 -21.56 -22.23
CA MET A 4887 -3.05 -21.15 -21.10
C MET A 4887 -2.86 -22.06 -19.89
N TYR A 4888 -2.32 -23.24 -20.06
CA TYR A 4888 -2.23 -24.13 -18.88
C TYR A 4888 -0.82 -24.04 -18.33
N VAL A 4889 0.17 -23.87 -19.17
CA VAL A 4889 1.56 -23.97 -18.72
C VAL A 4889 2.19 -22.60 -18.48
N GLY A 4890 2.04 -21.68 -19.43
CA GLY A 4890 2.74 -20.40 -19.31
C GLY A 4890 2.27 -19.57 -18.14
N VAL A 4891 0.97 -19.61 -17.84
CA VAL A 4891 0.43 -18.82 -16.74
C VAL A 4891 0.96 -19.32 -15.40
N ARG A 4892 0.97 -20.63 -15.20
CA ARG A 4892 1.35 -21.22 -13.93
C ARG A 4892 2.85 -21.49 -13.81
N ALA A 4893 3.61 -21.32 -14.89
CA ALA A 4893 5.05 -21.61 -14.82
C ALA A 4893 5.77 -20.66 -13.88
N GLY A 4894 5.45 -19.37 -13.95
CA GLY A 4894 6.11 -18.37 -13.15
C GLY A 4894 7.38 -17.81 -13.76
N GLY A 4895 7.88 -18.41 -14.84
CA GLY A 4895 9.06 -17.92 -15.51
C GLY A 4895 8.84 -17.71 -16.99
N GLY A 4896 7.59 -17.85 -17.43
CA GLY A 4896 7.24 -17.69 -18.83
C GLY A 4896 7.07 -19.02 -19.54
N ILE A 4897 6.68 -18.92 -20.81
CA ILE A 4897 6.48 -20.11 -21.63
C ILE A 4897 7.81 -20.72 -22.05
N GLY A 4898 8.92 -19.99 -21.92
CA GLY A 4898 10.21 -20.49 -22.35
C GLY A 4898 10.74 -21.65 -21.54
N ASP A 4899 10.31 -21.78 -20.29
CA ASP A 4899 10.78 -22.88 -19.46
C ASP A 4899 10.30 -24.23 -19.99
N GLU A 4900 9.03 -24.32 -20.41
CA GLU A 4900 8.49 -25.58 -20.85
C GLU A 4900 9.01 -25.98 -22.23
N ILE A 4901 9.10 -25.02 -23.15
CA ILE A 4901 9.51 -25.30 -24.51
C ILE A 4901 11.02 -25.49 -24.56
N GLU A 4902 11.52 -26.04 -25.67
CA GLU A 4902 12.94 -26.31 -25.80
C GLU A 4902 13.74 -25.01 -25.86
N ASP A 4903 14.93 -25.05 -25.27
CA ASP A 4903 15.79 -23.88 -25.26
C ASP A 4903 16.30 -23.57 -26.66
N PRO A 4904 16.30 -22.31 -27.07
CA PRO A 4904 16.80 -21.94 -28.42
C PRO A 4904 18.32 -21.89 -28.48
N ALA A 4905 18.92 -23.06 -28.69
CA ALA A 4905 20.38 -23.20 -28.75
C ALA A 4905 20.76 -23.45 -30.20
N GLY A 4906 21.38 -22.45 -30.83
CA GLY A 4906 21.86 -22.58 -32.20
C GLY A 4906 20.82 -22.38 -33.27
N ASP A 4907 19.56 -22.09 -32.91
CA ASP A 4907 18.53 -21.91 -33.90
C ASP A 4907 18.70 -20.59 -34.64
N GLU A 4908 18.18 -20.54 -35.86
CA GLU A 4908 18.24 -19.31 -36.65
C GLU A 4908 17.39 -18.20 -36.06
N TYR A 4909 16.40 -18.54 -35.23
CA TYR A 4909 15.54 -17.56 -34.57
C TYR A 4909 15.91 -17.40 -33.10
N GLU A 4910 17.21 -17.44 -32.78
CA GLU A 4910 17.65 -17.34 -31.39
C GLU A 4910 17.21 -16.02 -30.76
N LEU A 4911 17.52 -14.91 -31.41
CA LEU A 4911 17.14 -13.61 -30.88
C LEU A 4911 15.62 -13.45 -30.84
N TYR A 4912 14.93 -13.91 -31.89
CA TYR A 4912 13.48 -13.84 -31.92
C TYR A 4912 12.86 -14.67 -30.80
N ARG A 4913 13.25 -15.91 -30.57
CA ARG A 4913 12.66 -16.64 -29.43
C ARG A 4913 13.04 -15.92 -28.14
N VAL A 4914 14.31 -15.53 -27.95
CA VAL A 4914 14.64 -14.91 -26.67
C VAL A 4914 13.71 -13.73 -26.41
N VAL A 4915 13.50 -12.89 -27.42
CA VAL A 4915 12.59 -11.74 -27.26
C VAL A 4915 11.17 -12.22 -26.98
N PHE A 4916 10.72 -13.25 -27.69
CA PHE A 4916 9.38 -13.79 -27.47
C PHE A 4916 9.24 -14.27 -26.04
N ASP A 4917 10.17 -15.05 -25.54
CA ASP A 4917 10.07 -15.58 -24.17
C ASP A 4917 10.19 -14.50 -23.12
N ILE A 4918 11.04 -13.50 -23.33
CA ILE A 4918 11.15 -12.42 -22.35
C ILE A 4918 9.88 -11.58 -22.31
N THR A 4919 9.34 -11.24 -23.50
CA THR A 4919 8.12 -10.44 -23.55
C THR A 4919 6.94 -11.19 -22.95
N PHE A 4920 6.81 -12.49 -23.26
CA PHE A 4920 5.72 -13.27 -22.67
C PHE A 4920 5.84 -13.32 -21.16
N PHE A 4921 7.02 -13.66 -20.65
CA PHE A 4921 7.22 -13.75 -19.21
C PHE A 4921 6.88 -12.43 -18.53
N PHE A 4922 7.44 -11.33 -19.04
CA PHE A 4922 7.15 -10.02 -18.46
C PHE A 4922 5.65 -9.74 -18.50
N PHE A 4923 5.08 -9.64 -19.70
CA PHE A 4923 3.71 -9.17 -19.84
C PHE A 4923 2.72 -10.05 -19.10
N VAL A 4924 3.01 -11.34 -18.92
CA VAL A 4924 2.07 -12.18 -18.19
C VAL A 4924 2.36 -12.12 -16.70
N ILE A 4925 3.53 -12.60 -16.27
CA ILE A 4925 3.78 -12.77 -14.84
C ILE A 4925 3.84 -11.42 -14.13
N VAL A 4926 4.64 -10.48 -14.66
CA VAL A 4926 4.89 -9.24 -13.93
C VAL A 4926 3.70 -8.29 -14.01
N ILE A 4927 2.84 -8.43 -15.02
CA ILE A 4927 1.75 -7.48 -15.22
C ILE A 4927 0.39 -8.14 -15.00
N LEU A 4928 0.06 -9.12 -15.86
CA LEU A 4928 -1.32 -9.61 -15.91
C LEU A 4928 -1.69 -10.36 -14.63
N LEU A 4929 -0.86 -11.32 -14.21
CA LEU A 4929 -1.14 -12.05 -12.98
C LEU A 4929 -0.97 -11.14 -11.77
N ALA A 4930 0.05 -10.28 -11.79
CA ALA A 4930 0.26 -9.35 -10.69
C ALA A 4930 -0.92 -8.40 -10.53
N ILE A 4931 -1.49 -7.95 -11.65
CA ILE A 4931 -2.65 -7.05 -11.57
C ILE A 4931 -3.83 -7.76 -10.93
N ILE A 4932 -4.08 -9.02 -11.31
CA ILE A 4932 -5.21 -9.76 -10.74
C ILE A 4932 -5.00 -9.99 -9.24
N GLN A 4933 -3.80 -10.41 -8.86
CA GLN A 4933 -3.51 -10.64 -7.45
C GLN A 4933 -3.62 -9.35 -6.64
N GLY A 4934 -3.11 -8.24 -7.18
CA GLY A 4934 -3.22 -6.97 -6.51
C GLY A 4934 -4.66 -6.50 -6.41
N LEU A 4935 -5.47 -6.78 -7.44
CA LEU A 4935 -6.88 -6.41 -7.38
C LEU A 4935 -7.60 -7.18 -6.28
N ILE A 4936 -7.33 -8.49 -6.17
CA ILE A 4936 -7.97 -9.28 -5.12
C ILE A 4936 -7.53 -8.80 -3.74
N ILE A 4937 -6.22 -8.56 -3.58
CA ILE A 4937 -5.69 -8.12 -2.29
C ILE A 4937 -6.24 -6.75 -1.93
N ASP A 4938 -6.36 -5.86 -2.93
CA ASP A 4938 -6.88 -4.53 -2.68
C ASP A 4938 -8.36 -4.57 -2.34
N ALA A 4939 -9.13 -5.47 -2.96
CA ALA A 4939 -10.53 -5.62 -2.61
C ALA A 4939 -10.67 -6.10 -1.17
N PHE A 4940 -9.87 -7.09 -0.77
CA PHE A 4940 -9.92 -7.58 0.60
C PHE A 4940 -9.54 -6.49 1.58
N GLY A 4941 -8.46 -5.75 1.29
CA GLY A 4941 -8.04 -4.68 2.18
C GLY A 4941 -9.05 -3.55 2.23
N GLU A 4942 -9.70 -3.25 1.11
CA GLU A 4942 -10.73 -2.22 1.08
C GLU A 4942 -11.93 -2.63 1.92
N LEU A 4943 -12.34 -3.89 1.84
CA LEU A 4943 -13.44 -4.35 2.68
C LEU A 4943 -13.08 -4.28 4.16
N ARG A 4944 -11.86 -4.71 4.51
CA ARG A 4944 -11.43 -4.63 5.91
C ARG A 4944 -11.36 -3.19 6.38
N ASP A 4945 -10.85 -2.29 5.54
CA ASP A 4945 -10.78 -0.87 5.89
C ASP A 4945 -12.16 -0.26 6.00
N GLN A 4946 -13.11 -0.70 5.17
CA GLN A 4946 -14.48 -0.22 5.31
C GLN A 4946 -15.09 -0.65 6.63
N GLN A 4947 -14.87 -1.90 7.04
CA GLN A 4947 -15.36 -2.35 8.33
C GLN A 4947 -14.72 -1.56 9.47
N GLU A 4948 -13.40 -1.34 9.38
CA GLU A 4948 -12.70 -0.57 10.41
C GLU A 4948 -13.20 0.86 10.47
N GLN A 4949 -13.46 1.46 9.31
CA GLN A 4949 -13.98 2.84 9.27
C GLN A 4949 -15.40 2.90 9.83
N VAL A 4950 -16.22 1.88 9.57
CA VAL A 4950 -17.55 1.83 10.16
C VAL A 4950 -17.45 1.79 11.68
N LYS A 4951 -16.56 0.93 12.19
CA LYS A 4951 -16.37 0.84 13.64
C LYS A 4951 -15.88 2.16 14.22
N GLU A 4952 -14.92 2.79 13.55
CA GLU A 4952 -14.37 4.05 14.04
C GLU A 4952 -15.41 5.16 14.04
N ASP A 4953 -16.24 5.21 12.99
CA ASP A 4953 -17.32 6.19 12.95
C ASP A 4953 -18.33 5.95 14.05
N MET A 4954 -18.67 4.67 14.31
CA MET A 4954 -19.62 4.36 15.37
C MET A 4954 -19.08 4.76 16.73
N GLU A 4955 -17.80 4.49 17.00
CA GLU A 4955 -17.22 4.84 18.29
C GLU A 4955 -16.72 6.29 18.35
N THR A 4956 -16.83 7.05 17.27
CA THR A 4956 -16.38 8.44 17.25
C THR A 4956 -17.54 9.42 17.10
N LYS A 4957 -18.39 9.24 16.09
CA LYS A 4957 -19.54 10.11 15.87
C LYS A 4957 -20.81 9.34 16.15
N CYS A 4958 -21.68 9.91 16.99
CA CYS A 4958 -22.91 9.23 17.36
C CYS A 4958 -23.86 9.16 16.17
N PHE A 4959 -24.75 8.16 16.21
CA PHE A 4959 -25.61 7.89 15.06
C PHE A 4959 -26.74 8.90 14.93
N ILE A 4960 -27.17 9.51 16.04
CA ILE A 4960 -28.40 10.30 16.02
C ILE A 4960 -28.15 11.64 15.35
N CYS A 4961 -27.28 12.47 15.91
CA CYS A 4961 -27.02 13.79 15.35
C CYS A 4961 -25.66 13.93 14.70
N GLY A 4962 -24.73 13.01 14.99
CA GLY A 4962 -23.43 13.04 14.34
C GLY A 4962 -22.58 14.24 14.64
N ILE A 4963 -22.65 14.77 15.86
CA ILE A 4963 -21.83 15.92 16.25
C ILE A 4963 -20.38 15.49 16.37
N GLY A 4964 -19.48 16.47 16.46
CA GLY A 4964 -18.06 16.15 16.54
C GLY A 4964 -17.71 15.44 17.83
N SER A 4965 -16.67 14.59 17.74
CA SER A 4965 -16.25 13.82 18.91
C SER A 4965 -15.53 14.70 19.93
N ASP A 4966 -14.77 15.70 19.45
CA ASP A 4966 -14.01 16.55 20.36
C ASP A 4966 -14.92 17.41 21.23
N TYR A 4967 -16.07 17.83 20.70
CA TYR A 4967 -16.97 18.69 21.46
C TYR A 4967 -17.44 18.00 22.74
N PHE A 4968 -17.81 16.73 22.65
CA PHE A 4968 -18.10 15.95 23.85
C PHE A 4968 -16.85 15.48 24.56
N ASP A 4969 -15.72 15.42 23.86
CA ASP A 4969 -14.48 14.98 24.50
C ASP A 4969 -13.92 16.05 25.44
N THR A 4970 -14.34 17.30 25.27
CA THR A 4970 -13.93 18.33 26.22
C THR A 4970 -14.41 18.01 27.62
N THR A 4971 -15.65 17.58 27.76
CA THR A 4971 -16.21 17.08 29.01
C THR A 4971 -15.83 15.62 29.22
N PRO A 4972 -15.31 15.28 30.40
CA PRO A 4972 -14.93 13.88 30.65
C PRO A 4972 -16.12 12.95 30.52
N HIS A 4973 -15.93 11.88 29.76
CA HIS A 4973 -17.00 10.91 29.45
C HIS A 4973 -18.21 11.60 28.82
N GLY A 4974 -17.94 12.67 28.05
CA GLY A 4974 -19.03 13.38 27.40
C GLY A 4974 -19.72 12.55 26.33
N PHE A 4975 -18.93 11.87 25.49
CA PHE A 4975 -19.52 11.05 24.44
C PHE A 4975 -20.25 9.84 25.02
N GLU A 4976 -19.71 9.24 26.08
CA GLU A 4976 -20.37 8.11 26.70
C GLU A 4976 -21.74 8.50 27.25
N THR A 4977 -21.82 9.64 27.93
CA THR A 4977 -23.11 10.12 28.44
C THR A 4977 -24.03 10.51 27.30
N HIS A 4978 -23.48 11.10 26.23
CA HIS A 4978 -24.27 11.50 25.08
C HIS A 4978 -24.90 10.31 24.37
N THR A 4979 -24.22 9.16 24.33
CA THR A 4979 -24.73 7.99 23.64
C THR A 4979 -25.53 7.06 24.55
N LEU A 4980 -25.25 7.05 25.85
CA LEU A 4980 -25.94 6.11 26.74
C LEU A 4980 -27.38 6.52 26.96
N GLU A 4981 -27.63 7.80 27.22
CA GLU A 4981 -28.97 8.26 27.56
C GLU A 4981 -29.44 9.44 26.71
N GLU A 4982 -28.55 10.33 26.32
CA GLU A 4982 -28.97 11.53 25.59
C GLU A 4982 -29.48 11.18 24.20
N HIS A 4983 -28.73 10.38 23.45
CA HIS A 4983 -29.05 10.04 22.08
C HIS A 4983 -28.92 8.54 21.85
N ASN A 4984 -29.47 7.74 22.77
CA ASN A 4984 -29.42 6.30 22.63
C ASN A 4984 -30.43 5.83 21.58
N LEU A 4985 -29.97 4.99 20.65
CA LEU A 4985 -30.88 4.42 19.65
C LEU A 4985 -31.94 3.55 20.31
N ALA A 4986 -31.54 2.77 21.32
CA ALA A 4986 -32.50 1.96 22.05
C ALA A 4986 -33.55 2.83 22.74
N ASN A 4987 -33.16 4.03 23.17
CA ASN A 4987 -34.14 4.94 23.77
C ASN A 4987 -35.21 5.35 22.76
N TYR A 4988 -34.80 5.69 21.55
CA TYR A 4988 -35.78 6.05 20.51
C TYR A 4988 -36.63 4.84 20.13
N MET A 4989 -36.02 3.65 20.08
CA MET A 4989 -36.79 2.45 19.78
C MET A 4989 -37.85 2.19 20.84
N PHE A 4990 -37.48 2.30 22.11
CA PHE A 4990 -38.43 2.13 23.20
C PHE A 4990 -39.50 3.21 23.19
N PHE A 4991 -39.13 4.44 22.80
CA PHE A 4991 -40.13 5.48 22.63
C PHE A 4991 -41.13 5.11 21.54
N LEU A 4992 -40.64 4.51 20.45
CA LEU A 4992 -41.54 4.06 19.39
C LEU A 4992 -42.50 2.99 19.89
N MET A 4993 -41.98 2.01 20.66
CA MET A 4993 -42.88 1.01 21.26
C MET A 4993 -43.91 1.68 22.17
N TYR A 4994 -43.47 2.63 22.99
CA TYR A 4994 -44.38 3.29 23.92
C TYR A 4994 -45.46 4.08 23.19
N LEU A 4995 -45.09 4.77 22.10
CA LEU A 4995 -46.07 5.47 21.31
C LEU A 4995 -47.05 4.51 20.65
N ILE A 4996 -46.56 3.37 20.15
CA ILE A 4996 -47.45 2.40 19.52
C ILE A 4996 -48.44 1.84 20.54
N ASN A 4997 -47.96 1.51 21.73
CA ASN A 4997 -48.83 0.92 22.75
C ASN A 4997 -49.81 1.94 23.31
N LYS A 4998 -49.35 3.16 23.59
CA LYS A 4998 -50.21 4.16 24.21
C LYS A 4998 -51.27 4.64 23.23
N ASP A 4999 -52.47 4.89 23.76
CA ASP A 4999 -53.58 5.36 22.95
C ASP A 4999 -53.36 6.81 22.53
N GLU A 5000 -54.05 7.21 21.46
CA GLU A 5000 -53.92 8.56 20.93
C GLU A 5000 -54.42 9.60 21.93
N THR A 5001 -55.52 9.29 22.63
CA THR A 5001 -56.10 10.26 23.56
C THR A 5001 -55.15 10.55 24.72
N GLU A 5002 -54.48 9.53 25.23
CA GLU A 5002 -53.58 9.70 26.38
C GLU A 5002 -52.24 10.33 26.00
N HIS A 5003 -51.96 10.49 24.70
CA HIS A 5003 -50.70 11.07 24.27
C HIS A 5003 -50.60 12.52 24.72
N THR A 5004 -49.38 12.92 25.12
CA THR A 5004 -49.14 14.31 25.50
C THR A 5004 -48.96 15.16 24.25
N GLY A 5005 -48.78 16.47 24.44
CA GLY A 5005 -48.66 17.36 23.31
C GLY A 5005 -47.48 17.02 22.42
N GLN A 5006 -46.30 16.85 23.02
CA GLN A 5006 -45.14 16.45 22.25
C GLN A 5006 -45.32 15.06 21.66
N GLU A 5007 -45.88 14.13 22.44
CA GLU A 5007 -46.11 12.77 21.94
C GLU A 5007 -47.13 12.78 20.81
N SER A 5008 -48.22 13.54 20.95
CA SER A 5008 -49.21 13.63 19.88
C SER A 5008 -48.60 14.24 18.63
N TYR A 5009 -47.79 15.29 18.79
CA TYR A 5009 -47.15 15.92 17.65
C TYR A 5009 -46.22 14.95 16.93
N VAL A 5010 -45.40 14.22 17.70
CA VAL A 5010 -44.44 13.30 17.09
C VAL A 5010 -45.17 12.14 16.42
N TRP A 5011 -46.29 11.68 17.01
CA TRP A 5011 -47.05 10.59 16.39
C TRP A 5011 -47.71 11.04 15.10
N LYS A 5012 -48.35 12.21 15.11
CA LYS A 5012 -49.01 12.72 13.91
C LYS A 5012 -48.00 12.96 12.80
N MET A 5013 -46.84 13.51 13.13
CA MET A 5013 -45.82 13.75 12.12
C MET A 5013 -45.07 12.48 11.72
N TYR A 5014 -45.12 11.43 12.54
CA TYR A 5014 -44.59 10.14 12.12
C TYR A 5014 -45.54 9.47 11.13
N GLN A 5015 -46.85 9.62 11.34
CA GLN A 5015 -47.80 9.14 10.35
C GLN A 5015 -47.68 9.91 9.04
N GLU A 5016 -47.08 11.10 9.08
CA GLU A 5016 -46.78 11.86 7.88
C GLU A 5016 -45.53 11.36 7.16
N ARG A 5017 -44.77 10.45 7.79
CA ARG A 5017 -43.61 9.80 7.18
C ARG A 5017 -42.52 10.82 6.82
N CYS A 5018 -42.39 11.87 7.61
CA CYS A 5018 -41.37 12.91 7.39
C CYS A 5018 -40.53 13.03 8.64
N TRP A 5019 -39.24 12.69 8.54
CA TRP A 5019 -38.38 12.59 9.70
C TRP A 5019 -37.49 13.81 9.92
N ASP A 5020 -38.08 14.97 10.23
CA ASP A 5020 -37.29 16.10 10.69
C ASP A 5020 -37.43 16.33 12.20
N PHE A 5021 -38.03 15.41 12.94
CA PHE A 5021 -38.12 15.54 14.38
C PHE A 5021 -36.86 15.09 15.10
N PHE A 5022 -35.87 14.56 14.38
CA PHE A 5022 -34.61 14.17 14.99
C PHE A 5022 -33.82 15.41 15.42
N PRO A 5023 -32.89 15.27 16.36
CA PRO A 5023 -32.06 16.42 16.76
C PRO A 5023 -31.31 17.05 15.60
N ALA A 5024 -30.89 16.24 14.62
CA ALA A 5024 -30.30 16.72 13.37
C ALA A 5024 -29.00 17.46 13.69
N GLY A 5025 -28.93 18.79 13.48
CA GLY A 5025 -27.66 19.48 13.61
C GLY A 5025 -27.12 19.51 15.03
N ASP A 5026 -27.97 19.81 16.01
CA ASP A 5026 -27.52 20.07 17.37
C ASP A 5026 -28.35 19.27 18.37
N CYS A 5027 -27.92 19.31 19.63
CA CYS A 5027 -28.57 18.63 20.74
C CYS A 5027 -28.83 19.65 21.86
N PHE A 5028 -29.23 19.12 23.02
CA PHE A 5028 -29.53 19.99 24.16
C PHE A 5028 -28.29 20.72 24.66
N ARG A 5029 -27.14 20.04 24.67
CA ARG A 5029 -25.92 20.64 25.19
C ARG A 5029 -25.50 21.85 24.36
N LYS A 5030 -25.58 21.74 23.04
CA LYS A 5030 -25.20 22.85 22.17
C LYS A 5030 -26.18 24.02 22.30
N GLN A 5031 -27.47 23.72 22.44
CA GLN A 5031 -28.49 24.77 22.47
C GLN A 5031 -28.34 25.65 23.71
N TYR A 5032 -28.06 25.04 24.86
CA TYR A 5032 -28.01 25.75 26.14
C TYR A 5032 -26.70 25.46 26.86
N GLU A 5033 -25.59 25.61 26.12
CA GLU A 5033 -24.27 25.38 26.71
C GLU A 5033 -23.99 26.35 27.85
N ASP A 5034 -24.36 27.62 27.68
CA ASP A 5034 -24.14 28.60 28.73
C ASP A 5034 -24.95 28.25 29.98
N GLN A 5035 -26.21 27.85 29.79
CA GLN A 5035 -27.05 27.48 30.93
C GLN A 5035 -26.54 26.21 31.59
N LEU A 5036 -26.09 25.24 30.80
CA LEU A 5036 -25.58 23.98 31.35
C LEU A 5036 -24.17 24.14 31.90
N PHE B 4174 -43.81 25.47 -17.20
CA PHE B 4174 -42.68 25.39 -18.12
C PHE B 4174 -41.42 24.96 -17.38
N ARG B 4175 -41.53 23.87 -16.63
CA ARG B 4175 -40.39 23.37 -15.88
C ARG B 4175 -39.21 22.97 -16.76
N PRO B 4176 -39.36 22.19 -17.83
CA PRO B 4176 -38.19 21.82 -18.64
C PRO B 4176 -37.82 22.84 -19.70
N TYR B 4177 -38.64 23.87 -19.91
CA TYR B 4177 -38.36 24.91 -20.89
C TYR B 4177 -37.82 26.18 -20.26
N LEU B 4178 -37.49 26.14 -18.97
CA LEU B 4178 -36.96 27.29 -18.25
C LEU B 4178 -35.62 26.92 -17.63
N GLY B 4179 -34.63 27.77 -17.84
CA GLY B 4179 -33.29 27.54 -17.30
C GLY B 4179 -32.88 28.67 -16.37
N ARG B 4180 -32.24 28.31 -15.26
CA ARG B 4180 -31.78 29.27 -14.27
C ARG B 4180 -30.27 29.20 -14.19
N ILE B 4181 -29.61 30.34 -14.33
CA ILE B 4181 -28.16 30.44 -14.22
C ILE B 4181 -27.82 31.63 -13.32
N GLU B 4182 -26.64 31.57 -12.71
CA GLU B 4182 -26.18 32.62 -11.81
C GLU B 4182 -24.89 33.20 -12.37
N ILE B 4183 -24.84 34.53 -12.48
CA ILE B 4183 -23.67 35.24 -12.97
C ILE B 4183 -23.40 36.45 -12.07
N MET B 4184 -22.13 36.82 -11.96
CA MET B 4184 -21.77 38.05 -11.28
C MET B 4184 -21.72 39.20 -12.28
N GLY B 4185 -22.43 40.29 -11.97
CA GLY B 4185 -22.51 41.40 -12.89
C GLY B 4185 -21.74 42.63 -12.45
N ALA B 4186 -22.12 43.80 -12.97
CA ALA B 4186 -21.44 45.04 -12.61
C ALA B 4186 -21.64 45.39 -11.14
N SER B 4187 -22.72 44.89 -10.54
CA SER B 4187 -23.00 45.16 -9.13
C SER B 4187 -22.07 44.43 -8.18
N ARG B 4188 -21.14 43.63 -8.70
CA ARG B 4188 -20.18 42.84 -7.94
C ARG B 4188 -20.84 41.81 -7.04
N ARG B 4189 -22.09 41.43 -7.33
CA ARG B 4189 -22.81 40.44 -6.55
C ARG B 4189 -23.45 39.43 -7.49
N ILE B 4190 -23.68 38.23 -6.97
CA ILE B 4190 -24.32 37.18 -7.76
C ILE B 4190 -25.75 37.59 -8.08
N GLU B 4191 -26.24 37.16 -9.23
CA GLU B 4191 -27.59 37.52 -9.69
C GLU B 4191 -28.09 36.42 -10.62
N ARG B 4192 -29.19 35.78 -10.24
CA ARG B 4192 -29.78 34.74 -11.07
C ARG B 4192 -30.75 35.34 -12.07
N ILE B 4193 -30.66 34.89 -13.31
CA ILE B 4193 -31.53 35.37 -14.39
C ILE B 4193 -32.18 34.17 -15.06
N TYR B 4194 -33.31 34.42 -15.70
CA TYR B 4194 -34.12 33.38 -16.33
C TYR B 4194 -34.13 33.58 -17.84
N PHE B 4195 -33.89 32.51 -18.58
CA PHE B 4195 -33.89 32.54 -20.03
C PHE B 4195 -34.69 31.36 -20.56
N GLU B 4196 -35.36 31.57 -21.69
CA GLU B 4196 -36.20 30.55 -22.29
C GLU B 4196 -35.32 29.47 -22.94
N ILE B 4197 -35.65 28.21 -22.65
CA ILE B 4197 -34.92 27.07 -23.22
C ILE B 4197 -35.84 26.40 -24.24
N SER B 4198 -35.42 26.40 -25.50
CA SER B 4198 -36.18 25.71 -26.53
C SER B 4198 -35.99 24.20 -26.40
N GLU B 4199 -37.00 23.45 -26.86
CA GLU B 4199 -36.95 22.00 -26.76
C GLU B 4199 -35.86 21.41 -27.64
N THR B 4200 -35.52 22.07 -28.74
CA THR B 4200 -34.50 21.54 -29.65
C THR B 4200 -33.14 21.47 -28.98
N ASN B 4201 -32.78 22.52 -28.23
CA ASN B 4201 -31.47 22.53 -27.59
C ASN B 4201 -31.36 21.43 -26.53
N ARG B 4202 -32.40 21.24 -25.73
CA ARG B 4202 -32.37 20.20 -24.71
C ARG B 4202 -32.46 18.81 -25.33
N ALA B 4203 -33.09 18.68 -26.50
CA ALA B 4203 -33.19 17.39 -27.15
C ALA B 4203 -31.82 16.87 -27.57
N GLN B 4204 -31.00 17.73 -28.15
CA GLN B 4204 -29.68 17.31 -28.63
C GLN B 4204 -28.73 16.97 -27.49
N TRP B 4205 -29.03 17.39 -26.27
CA TRP B 4205 -28.17 17.12 -25.13
C TRP B 4205 -28.21 15.66 -24.69
N GLU B 4206 -29.19 14.90 -25.14
CA GLU B 4206 -29.39 13.52 -24.70
C GLU B 4206 -28.66 12.49 -25.57
N MET B 4207 -27.96 12.92 -26.61
CA MET B 4207 -27.19 11.99 -27.42
C MET B 4207 -26.07 11.37 -26.61
N PRO B 4208 -25.82 10.06 -26.74
CA PRO B 4208 -24.72 9.43 -25.99
C PRO B 4208 -23.36 10.02 -26.32
N GLN B 4209 -23.14 10.48 -27.56
CA GLN B 4209 -21.84 11.01 -27.94
C GLN B 4209 -21.50 12.26 -27.15
N VAL B 4210 -22.44 13.22 -27.09
CA VAL B 4210 -22.18 14.45 -26.35
C VAL B 4210 -22.07 14.18 -24.86
N LYS B 4211 -22.83 13.21 -24.34
CA LYS B 4211 -22.70 12.87 -22.93
C LYS B 4211 -21.32 12.27 -22.62
N GLU B 4212 -20.83 11.38 -23.49
CA GLU B 4212 -19.51 10.81 -23.29
C GLU B 4212 -18.43 11.89 -23.40
N SER B 4213 -18.58 12.81 -24.35
CA SER B 4213 -17.65 13.93 -24.46
C SER B 4213 -17.65 14.78 -23.19
N LYS B 4214 -18.84 15.00 -22.63
CA LYS B 4214 -18.96 15.76 -21.39
C LYS B 4214 -18.24 15.06 -20.24
N ARG B 4215 -18.49 13.75 -20.07
CA ARG B 4215 -17.82 13.02 -19.00
C ARG B 4215 -16.31 13.05 -19.18
N GLN B 4216 -15.84 12.90 -20.42
CA GLN B 4216 -14.40 13.00 -20.68
C GLN B 4216 -13.88 14.38 -20.32
N PHE B 4217 -14.66 15.43 -20.61
CA PHE B 4217 -14.22 16.79 -20.31
C PHE B 4217 -14.05 17.01 -18.81
N ILE B 4218 -15.07 16.66 -18.01
CA ILE B 4218 -14.92 16.81 -16.57
C ILE B 4218 -13.80 15.92 -16.03
N PHE B 4219 -13.68 14.69 -16.52
CA PHE B 4219 -12.61 13.82 -16.06
C PHE B 4219 -11.25 14.47 -16.31
N ASP B 4220 -11.03 14.99 -17.52
CA ASP B 4220 -9.75 15.59 -17.87
C ASP B 4220 -9.48 16.83 -17.05
N VAL B 4221 -10.48 17.70 -16.88
CA VAL B 4221 -10.23 18.95 -16.16
C VAL B 4221 -10.00 18.70 -14.68
N VAL B 4222 -10.70 17.74 -14.08
CA VAL B 4222 -10.47 17.45 -12.67
C VAL B 4222 -9.12 16.77 -12.48
N ASN B 4223 -8.73 15.88 -13.40
CA ASN B 4223 -7.41 15.26 -13.31
C ASN B 4223 -6.30 16.28 -13.46
N GLU B 4224 -6.45 17.22 -14.39
CA GLU B 4224 -5.44 18.25 -14.59
C GLU B 4224 -5.34 19.17 -13.37
N GLY B 4225 -6.47 19.54 -12.79
CA GLY B 4225 -6.46 20.44 -11.65
C GLY B 4225 -6.21 21.89 -12.00
N GLY B 4226 -6.44 22.29 -13.24
CA GLY B 4226 -6.23 23.66 -13.66
C GLY B 4226 -7.37 24.59 -13.29
N GLU B 4227 -7.46 24.96 -12.02
CA GLU B 4227 -8.53 25.83 -11.57
C GLU B 4227 -8.45 27.21 -12.22
N ALA B 4228 -7.22 27.71 -12.42
CA ALA B 4228 -7.06 29.03 -13.02
C ALA B 4228 -7.59 29.05 -14.45
N GLU B 4229 -7.33 27.99 -15.22
CA GLU B 4229 -7.78 27.88 -16.60
C GLU B 4229 -9.05 27.04 -16.73
N LYS B 4230 -9.74 26.78 -15.61
CA LYS B 4230 -10.94 25.93 -15.65
C LYS B 4230 -12.03 26.57 -16.49
N MET B 4231 -12.23 27.88 -16.36
CA MET B 4231 -13.28 28.56 -17.11
C MET B 4231 -12.99 28.55 -18.60
N GLU B 4232 -11.72 28.73 -18.99
CA GLU B 4232 -11.37 28.66 -20.41
C GLU B 4232 -11.65 27.26 -20.97
N LEU B 4233 -11.31 26.22 -20.21
CA LEU B 4233 -11.60 24.86 -20.64
C LEU B 4233 -13.10 24.64 -20.75
N PHE B 4234 -13.88 25.19 -19.82
CA PHE B 4234 -15.33 25.05 -19.89
C PHE B 4234 -15.90 25.74 -21.13
N VAL B 4235 -15.37 26.93 -21.45
CA VAL B 4235 -15.83 27.63 -22.65
C VAL B 4235 -15.46 26.84 -23.92
N SER B 4236 -14.25 26.28 -23.94
CA SER B 4236 -13.87 25.44 -25.08
C SER B 4236 -14.77 24.22 -25.20
N PHE B 4237 -15.10 23.60 -24.08
CA PHE B 4237 -16.03 22.46 -24.09
C PHE B 4237 -17.40 22.88 -24.59
N CYS B 4238 -17.87 24.06 -24.18
CA CYS B 4238 -19.16 24.54 -24.66
C CYS B 4238 -19.15 24.73 -26.17
N GLU B 4239 -18.08 25.34 -26.70
CA GLU B 4239 -17.99 25.52 -28.15
C GLU B 4239 -17.93 24.18 -28.86
N ASP B 4240 -17.19 23.22 -28.31
CA ASP B 4240 -17.14 21.89 -28.89
C ASP B 4240 -18.51 21.24 -28.89
N THR B 4241 -19.30 21.45 -27.84
CA THR B 4241 -20.66 20.91 -27.80
C THR B 4241 -21.53 21.58 -28.87
N ILE B 4242 -21.40 22.89 -29.06
CA ILE B 4242 -22.16 23.55 -30.12
C ILE B 4242 -21.83 22.92 -31.46
N PHE B 4243 -20.54 22.69 -31.72
CA PHE B 4243 -20.15 22.10 -33.00
C PHE B 4243 -20.65 20.66 -33.12
N GLU B 4244 -20.61 19.90 -32.03
CA GLU B 4244 -21.09 18.52 -32.06
C GLU B 4244 -22.57 18.45 -32.38
N MET B 4245 -23.37 19.30 -31.74
CA MET B 4245 -24.81 19.27 -32.00
C MET B 4245 -25.16 19.84 -33.37
N GLN B 4246 -24.41 20.82 -33.87
CA GLN B 4246 -24.69 21.26 -35.24
C GLN B 4246 -24.33 20.18 -36.25
N ILE B 4247 -23.25 19.44 -36.00
CA ILE B 4247 -22.90 18.30 -36.85
C ILE B 4247 -24.01 17.26 -36.81
N ALA B 4248 -24.51 16.95 -35.60
CA ALA B 4248 -25.62 16.03 -35.48
C ALA B 4248 -26.86 16.53 -36.22
N ALA B 4249 -27.06 17.84 -36.24
CA ALA B 4249 -28.15 18.41 -37.01
C ALA B 4249 -27.97 18.16 -38.50
N GLN B 4250 -26.76 18.34 -39.02
CA GLN B 4250 -26.52 18.04 -40.43
C GLN B 4250 -26.73 16.56 -40.73
N ILE B 4251 -26.24 15.67 -39.86
CA ILE B 4251 -26.37 14.23 -40.10
C ILE B 4251 -27.73 13.68 -39.71
N SER B 4252 -28.59 14.49 -39.09
CA SER B 4252 -29.91 14.03 -38.71
C SER B 4252 -30.75 13.75 -39.94
N GLU B 4253 -31.51 12.66 -39.90
CA GLU B 4253 -32.37 12.26 -41.01
C GLU B 4253 -33.59 13.17 -41.11
N THR B 4323 -16.53 -31.63 -25.78
CA THR B 4323 -15.09 -31.82 -25.91
C THR B 4323 -14.35 -30.49 -25.72
N ALA B 4324 -13.16 -30.40 -26.30
CA ALA B 4324 -12.37 -29.18 -26.20
C ALA B 4324 -13.06 -28.02 -26.91
N ARG B 4325 -13.69 -28.29 -28.06
CA ARG B 4325 -14.36 -27.23 -28.80
C ARG B 4325 -15.56 -26.69 -28.04
N GLU B 4326 -16.25 -27.54 -27.27
CA GLU B 4326 -17.35 -27.05 -26.44
C GLU B 4326 -16.85 -26.07 -25.38
N ALA B 4327 -15.73 -26.40 -24.74
CA ALA B 4327 -15.15 -25.48 -23.76
C ALA B 4327 -14.69 -24.19 -24.43
N ALA B 4328 -14.12 -24.30 -25.62
CA ALA B 4328 -13.72 -23.09 -26.36
C ALA B 4328 -14.91 -22.21 -26.67
N THR B 4329 -16.02 -22.81 -27.11
CA THR B 4329 -17.23 -22.04 -27.40
C THR B 4329 -17.76 -21.38 -26.14
N ALA B 4330 -17.77 -22.11 -25.02
CA ALA B 4330 -18.25 -21.54 -23.77
C ALA B 4330 -17.39 -20.36 -23.32
N LEU B 4331 -16.07 -20.51 -23.41
CA LEU B 4331 -15.17 -19.43 -23.02
C LEU B 4331 -15.33 -18.22 -23.94
N ALA B 4332 -15.46 -18.46 -25.25
CA ALA B 4332 -15.66 -17.35 -26.18
C ALA B 4332 -16.96 -16.63 -25.91
N ALA B 4333 -18.04 -17.37 -25.63
CA ALA B 4333 -19.32 -16.75 -25.33
C ALA B 4333 -19.23 -15.93 -24.05
N LEU B 4334 -18.57 -16.47 -23.01
CA LEU B 4334 -18.43 -15.73 -21.76
C LEU B 4334 -17.62 -14.44 -21.98
N LEU B 4335 -16.53 -14.53 -22.74
CA LEU B 4335 -15.72 -13.35 -22.99
C LEU B 4335 -16.49 -12.31 -23.79
N TRP B 4336 -17.14 -12.76 -24.86
CA TRP B 4336 -17.85 -11.79 -25.72
C TRP B 4336 -18.87 -11.04 -24.87
N ALA B 4337 -19.59 -11.76 -24.03
CA ALA B 4337 -20.62 -11.18 -23.20
C ALA B 4337 -20.15 -9.96 -22.45
N VAL B 4338 -19.05 -10.06 -21.75
CA VAL B 4338 -18.60 -8.93 -20.97
C VAL B 4338 -18.17 -7.82 -21.92
N VAL B 4339 -17.37 -8.15 -22.94
CA VAL B 4339 -16.99 -7.17 -23.94
C VAL B 4339 -18.22 -6.50 -24.47
N ALA B 4340 -19.27 -7.27 -24.72
CA ALA B 4340 -20.52 -6.71 -25.18
C ALA B 4340 -21.00 -5.68 -24.20
N ARG B 4341 -21.41 -6.13 -23.02
CA ARG B 4341 -21.90 -5.21 -22.00
C ARG B 4341 -21.16 -3.89 -22.07
N TRP B 4541 -25.58 13.23 -61.21
CA TRP B 4541 -25.22 14.62 -61.00
C TRP B 4541 -25.66 15.10 -59.63
N GLY B 4542 -26.65 15.99 -59.60
CA GLY B 4542 -27.16 16.48 -58.33
C GLY B 4542 -27.82 15.39 -57.51
N GLU B 4543 -28.62 14.54 -58.16
CA GLU B 4543 -29.26 13.43 -57.46
C GLU B 4543 -28.22 12.45 -56.92
N LEU B 4544 -27.16 12.20 -57.69
CA LEU B 4544 -26.09 11.34 -57.21
C LEU B 4544 -25.40 11.94 -55.99
N GLU B 4545 -25.17 13.25 -56.01
CA GLU B 4545 -24.57 13.91 -54.85
C GLU B 4545 -25.47 13.83 -53.63
N VAL B 4546 -26.78 14.01 -53.83
CA VAL B 4546 -27.72 13.91 -52.72
C VAL B 4546 -27.72 12.50 -52.15
N GLN B 4547 -27.71 11.49 -53.02
CA GLN B 4547 -27.65 10.10 -52.54
C GLN B 4547 -26.36 9.83 -51.78
N ARG B 4548 -25.24 10.35 -52.29
CA ARG B 4548 -23.95 10.14 -51.63
C ARG B 4548 -23.93 10.79 -50.25
N VAL B 4549 -24.43 12.03 -50.14
CA VAL B 4549 -24.41 12.68 -48.84
C VAL B 4549 -25.40 12.03 -47.88
N LYS B 4550 -26.52 11.52 -48.40
CA LYS B 4550 -27.45 10.77 -47.54
C LYS B 4550 -26.81 9.49 -47.02
N PHE B 4551 -26.08 8.77 -47.88
CA PHE B 4551 -25.39 7.57 -47.45
C PHE B 4551 -24.32 7.90 -46.42
N LEU B 4552 -23.59 9.00 -46.63
CA LEU B 4552 -22.57 9.42 -45.68
C LEU B 4552 -23.18 9.78 -44.33
N ASN B 4553 -24.31 10.49 -44.35
CA ASN B 4553 -25.01 10.82 -43.11
C ASN B 4553 -25.51 9.57 -42.40
N TYR B 4554 -26.00 8.59 -43.17
CA TYR B 4554 -26.43 7.33 -42.58
C TYR B 4554 -25.26 6.62 -41.91
N LEU B 4555 -24.10 6.61 -42.57
CA LEU B 4555 -22.91 6.02 -41.96
C LEU B 4555 -22.52 6.75 -40.68
N SER B 4556 -22.59 8.08 -40.70
CA SER B 4556 -22.21 8.86 -39.53
C SER B 4556 -23.19 8.67 -38.37
N ARG B 4557 -24.47 8.40 -38.67
CA ARG B 4557 -25.46 8.27 -37.61
C ARG B 4557 -25.15 7.11 -36.68
N ASN B 4558 -24.76 5.97 -37.23
CA ASN B 4558 -24.41 4.79 -36.43
C ASN B 4558 -22.95 4.47 -36.70
N PHE B 4559 -22.07 5.12 -35.93
CA PHE B 4559 -20.63 4.86 -36.00
C PHE B 4559 -20.14 4.00 -34.86
N TYR B 4560 -20.64 4.22 -33.64
CA TYR B 4560 -20.31 3.33 -32.53
C TYR B 4560 -20.88 1.93 -32.77
N THR B 4561 -22.09 1.86 -33.34
CA THR B 4561 -22.65 0.57 -33.71
C THR B 4561 -21.80 -0.12 -34.78
N LEU B 4562 -21.27 0.66 -35.74
CA LEU B 4562 -20.38 0.11 -36.74
C LEU B 4562 -19.11 -0.43 -36.11
N ARG B 4563 -18.55 0.29 -35.13
CA ARG B 4563 -17.37 -0.20 -34.44
C ARG B 4563 -17.67 -1.47 -33.66
N PHE B 4564 -18.85 -1.54 -33.03
CA PHE B 4564 -19.24 -2.75 -32.32
C PHE B 4564 -19.38 -3.93 -33.28
N LEU B 4565 -19.95 -3.69 -34.46
CA LEU B 4565 -20.06 -4.75 -35.45
C LEU B 4565 -18.69 -5.20 -35.94
N ALA B 4566 -17.76 -4.25 -36.12
CA ALA B 4566 -16.40 -4.60 -36.51
C ALA B 4566 -15.73 -5.43 -35.43
N LEU B 4567 -15.93 -5.07 -34.15
CA LEU B 4567 -15.38 -5.85 -33.06
C LEU B 4567 -15.96 -7.25 -33.03
N PHE B 4568 -17.26 -7.38 -33.26
CA PHE B 4568 -17.88 -8.70 -33.30
C PHE B 4568 -17.32 -9.54 -34.45
N LEU B 4569 -17.14 -8.91 -35.62
CA LEU B 4569 -16.56 -9.63 -36.75
C LEU B 4569 -15.14 -10.08 -36.45
N ALA B 4570 -14.33 -9.22 -35.83
CA ALA B 4570 -12.97 -9.59 -35.48
C ALA B 4570 -12.95 -10.73 -34.46
N PHE B 4571 -13.84 -10.67 -33.46
CA PHE B 4571 -13.92 -11.74 -32.48
C PHE B 4571 -14.32 -13.06 -33.11
N ALA B 4572 -15.30 -13.02 -34.03
CA ALA B 4572 -15.72 -14.23 -34.71
C ALA B 4572 -14.58 -14.80 -35.56
N ILE B 4573 -13.86 -13.93 -36.26
CA ILE B 4573 -12.74 -14.39 -37.09
C ILE B 4573 -11.66 -15.02 -36.22
N ASN B 4574 -11.34 -14.40 -35.08
CA ASN B 4574 -10.34 -14.96 -34.19
C ASN B 4574 -10.79 -16.29 -33.61
N PHE B 4575 -12.08 -16.43 -33.30
CA PHE B 4575 -12.60 -17.71 -32.84
C PHE B 4575 -12.48 -18.77 -33.92
N ILE B 4576 -12.76 -18.40 -35.17
CA ILE B 4576 -12.60 -19.35 -36.28
C ILE B 4576 -11.15 -19.76 -36.43
N LEU B 4577 -10.22 -18.80 -36.27
CA LEU B 4577 -8.81 -19.08 -36.44
C LEU B 4577 -8.28 -20.08 -35.42
N LEU B 4578 -8.98 -20.27 -34.30
CA LEU B 4578 -8.52 -21.22 -33.28
C LEU B 4578 -8.59 -22.66 -33.76
N PHE B 4579 -9.29 -22.94 -34.85
CA PHE B 4579 -9.42 -24.28 -35.40
C PHE B 4579 -8.37 -24.60 -36.46
N TYR B 4580 -7.43 -23.70 -36.70
CA TYR B 4580 -6.41 -23.94 -37.72
C TYR B 4580 -5.47 -25.05 -37.29
N LYS B 4581 -5.03 -25.83 -38.29
CA LYS B 4581 -4.10 -26.92 -38.07
C LYS B 4581 -3.05 -26.89 -39.17
N VAL B 4582 -1.88 -27.45 -38.86
CA VAL B 4582 -0.76 -27.49 -39.79
C VAL B 4582 -0.33 -28.94 -39.99
N SER B 4583 0.07 -29.27 -41.22
CA SER B 4583 0.54 -30.60 -41.55
C SER B 4583 1.28 -30.55 -42.87
N ASP B 4584 2.26 -31.44 -43.02
CA ASP B 4584 3.03 -31.49 -44.27
C ASP B 4584 2.17 -32.00 -45.43
N SER B 4585 1.29 -32.95 -45.16
CA SER B 4585 0.47 -33.53 -46.21
C SER B 4585 -0.57 -32.52 -46.70
N PRO B 4586 -0.94 -32.58 -47.98
CA PRO B 4586 -1.97 -31.68 -48.48
C PRO B 4586 -3.28 -31.94 -47.76
N PRO B 4587 -4.12 -30.90 -47.59
CA PRO B 4587 -5.43 -30.97 -46.94
C PRO B 4587 -6.29 -32.12 -47.47
N ASN B 4626 6.70 -28.52 -48.22
CA ASN B 4626 6.77 -27.47 -47.21
C ASN B 4626 5.57 -27.52 -46.27
N MET B 4627 5.58 -26.68 -45.25
CA MET B 4627 4.48 -26.64 -44.30
C MET B 4627 3.22 -26.11 -44.98
N VAL B 4628 2.10 -26.76 -44.72
CA VAL B 4628 0.81 -26.38 -45.30
C VAL B 4628 -0.18 -26.16 -44.16
N TYR B 4629 -0.83 -24.99 -44.17
CA TYR B 4629 -1.83 -24.65 -43.17
C TYR B 4629 -3.22 -24.90 -43.75
N TYR B 4630 -3.99 -25.76 -43.10
CA TYR B 4630 -5.34 -26.11 -43.52
C TYR B 4630 -6.27 -26.05 -42.33
N PHE B 4631 -7.55 -26.35 -42.57
CA PHE B 4631 -8.57 -26.31 -41.54
C PHE B 4631 -8.97 -27.73 -41.16
N LEU B 4632 -9.00 -28.00 -39.86
CA LEU B 4632 -9.39 -29.32 -39.37
C LEU B 4632 -10.86 -29.59 -39.70
N GLU B 4633 -11.16 -30.85 -40.00
CA GLU B 4633 -12.51 -31.25 -40.36
C GLU B 4633 -13.47 -31.06 -39.19
N GLU B 4634 -14.39 -30.12 -39.32
CA GLU B 4634 -15.37 -29.84 -38.29
C GLU B 4634 -16.70 -30.52 -38.62
N SER B 4635 -17.56 -30.60 -37.61
CA SER B 4635 -18.88 -31.22 -37.80
C SER B 4635 -19.73 -30.44 -38.78
N THR B 4636 -19.71 -29.10 -38.68
CA THR B 4636 -20.53 -28.29 -39.56
C THR B 4636 -20.03 -28.35 -41.01
N GLY B 4637 -18.71 -28.17 -41.20
CA GLY B 4637 -18.13 -28.20 -42.52
C GLY B 4637 -18.21 -26.91 -43.30
N TYR B 4638 -18.82 -25.86 -42.76
CA TYR B 4638 -18.93 -24.57 -43.41
C TYR B 4638 -17.90 -23.57 -42.89
N MET B 4639 -16.79 -24.07 -42.33
CA MET B 4639 -15.86 -23.20 -41.61
C MET B 4639 -15.13 -22.25 -42.56
N GLU B 4640 -14.56 -22.78 -43.64
CA GLU B 4640 -13.75 -21.96 -44.54
C GLU B 4640 -14.57 -20.88 -45.24
N PRO B 4641 -15.73 -21.18 -45.87
CA PRO B 4641 -16.51 -20.09 -46.45
C PRO B 4641 -16.98 -19.07 -45.44
N ALA B 4642 -17.31 -19.52 -44.21
CA ALA B 4642 -17.70 -18.58 -43.17
C ALA B 4642 -16.55 -17.65 -42.82
N LEU B 4643 -15.34 -18.18 -42.70
CA LEU B 4643 -14.18 -17.34 -42.41
C LEU B 4643 -13.93 -16.35 -43.54
N TRP B 4644 -14.03 -16.80 -44.79
CA TRP B 4644 -13.81 -15.91 -45.92
C TRP B 4644 -14.83 -14.77 -45.94
N CYS B 4645 -16.11 -15.11 -45.76
CA CYS B 4645 -17.15 -14.09 -45.73
C CYS B 4645 -16.94 -13.14 -44.56
N LEU B 4646 -16.60 -13.66 -43.38
CA LEU B 4646 -16.37 -12.82 -42.21
C LEU B 4646 -15.23 -11.84 -42.45
N SER B 4647 -14.15 -12.31 -43.08
CA SER B 4647 -13.06 -11.40 -43.44
C SER B 4647 -13.53 -10.33 -44.42
N LEU B 4648 -14.37 -10.72 -45.39
CA LEU B 4648 -14.87 -9.74 -46.35
C LEU B 4648 -15.68 -8.64 -45.67
N LEU B 4649 -16.66 -9.03 -44.83
CA LEU B 4649 -17.43 -8.00 -44.14
C LEU B 4649 -16.59 -7.26 -43.12
N HIS B 4650 -15.53 -7.87 -42.57
CA HIS B 4650 -14.65 -7.14 -41.67
C HIS B 4650 -13.93 -6.02 -42.41
N THR B 4651 -13.40 -6.31 -43.60
CA THR B 4651 -12.76 -5.27 -44.39
C THR B 4651 -13.77 -4.19 -44.78
N LEU B 4652 -14.97 -4.60 -45.21
CA LEU B 4652 -15.98 -3.64 -45.60
C LEU B 4652 -16.38 -2.74 -44.44
N VAL B 4653 -16.58 -3.31 -43.26
CA VAL B 4653 -16.98 -2.53 -42.09
C VAL B 4653 -15.84 -1.65 -41.61
N ALA B 4654 -14.58 -2.08 -41.78
CA ALA B 4654 -13.46 -1.21 -41.45
C ALA B 4654 -13.45 0.01 -42.36
N PHE B 4655 -13.67 -0.20 -43.66
CA PHE B 4655 -13.76 0.94 -44.58
C PHE B 4655 -14.92 1.86 -44.21
N LEU B 4656 -16.08 1.27 -43.89
CA LEU B 4656 -17.24 2.08 -43.50
C LEU B 4656 -16.96 2.86 -42.22
N CYS B 4657 -16.28 2.25 -41.26
CA CYS B 4657 -15.95 2.92 -40.01
C CYS B 4657 -14.99 4.09 -40.24
N ILE B 4658 -13.99 3.89 -41.10
CA ILE B 4658 -13.05 4.99 -41.35
C ILE B 4658 -13.75 6.12 -42.09
N ILE B 4659 -14.68 5.80 -43.00
CA ILE B 4659 -15.45 6.83 -43.69
C ILE B 4659 -16.32 7.59 -42.69
N GLY B 4660 -16.98 6.86 -41.79
CA GLY B 4660 -17.83 7.50 -40.80
C GLY B 4660 -17.04 8.39 -39.85
N TYR B 4661 -15.85 7.96 -39.45
CA TYR B 4661 -15.00 8.79 -38.62
C TYR B 4661 -14.56 10.04 -39.37
N ASN B 4662 -14.20 9.89 -40.65
CA ASN B 4662 -13.81 11.05 -41.44
C ASN B 4662 -14.96 12.04 -41.58
N CYS B 4663 -16.19 11.56 -41.68
CA CYS B 4663 -17.35 12.43 -41.87
C CYS B 4663 -18.00 12.88 -40.56
N LEU B 4664 -17.58 12.35 -39.41
CA LEU B 4664 -18.24 12.66 -38.16
C LEU B 4664 -17.33 13.36 -37.16
N LYS B 4665 -16.18 12.78 -36.84
CA LYS B 4665 -15.31 13.33 -35.80
C LYS B 4665 -14.16 14.15 -36.35
N VAL B 4666 -13.78 13.94 -37.62
CA VAL B 4666 -12.71 14.75 -38.21
C VAL B 4666 -13.07 16.23 -38.25
N PRO B 4667 -14.28 16.65 -38.63
CA PRO B 4667 -14.61 18.08 -38.56
C PRO B 4667 -14.50 18.65 -37.15
N LEU B 4668 -14.74 17.84 -36.12
CA LEU B 4668 -14.62 18.35 -34.75
C LEU B 4668 -13.18 18.75 -34.44
N VAL B 4669 -12.22 17.88 -34.75
CA VAL B 4669 -10.82 18.20 -34.49
C VAL B 4669 -10.34 19.31 -35.44
N ILE B 4670 -10.89 19.36 -36.66
CA ILE B 4670 -10.55 20.45 -37.57
C ILE B 4670 -10.97 21.78 -36.97
N PHE B 4671 -12.20 21.84 -36.44
CA PHE B 4671 -12.69 23.07 -35.82
C PHE B 4671 -11.90 23.41 -34.55
N LYS B 4672 -11.50 22.39 -33.78
CA LYS B 4672 -10.71 22.65 -32.57
C LYS B 4672 -9.37 23.27 -32.94
N ARG B 4673 -8.68 22.71 -33.93
CA ARG B 4673 -7.41 23.28 -34.36
C ARG B 4673 -7.60 24.67 -34.95
N GLU B 4674 -8.65 24.90 -35.73
CA GLU B 4674 -8.89 26.25 -36.32
C GLU B 4674 -9.19 27.26 -35.21
N LYS B 4675 -9.96 26.88 -34.19
CA LYS B 4675 -10.20 27.80 -33.08
C LYS B 4675 -8.92 28.09 -32.31
N GLU B 4676 -8.10 27.07 -32.07
CA GLU B 4676 -6.84 27.28 -31.37
C GLU B 4676 -5.95 28.24 -32.14
N LEU B 4677 -5.85 28.04 -33.46
CA LEU B 4677 -5.04 28.93 -34.28
C LEU B 4677 -5.59 30.34 -34.27
N ALA B 4678 -6.92 30.49 -34.38
CA ALA B 4678 -7.51 31.82 -34.40
C ALA B 4678 -7.27 32.55 -33.08
N ARG B 4679 -7.46 31.86 -31.96
CA ARG B 4679 -7.24 32.47 -30.66
C ARG B 4679 -5.77 32.85 -30.49
N LYS B 4680 -4.85 31.96 -30.88
CA LYS B 4680 -3.44 32.27 -30.74
C LYS B 4680 -3.05 33.49 -31.58
N LEU B 4681 -3.51 33.53 -32.83
CA LEU B 4681 -3.18 34.66 -33.70
C LEU B 4681 -3.79 35.96 -33.18
N GLU B 4682 -5.01 35.91 -32.65
CA GLU B 4682 -5.69 37.12 -32.21
C GLU B 4682 -5.11 37.66 -30.91
N PHE B 4683 -4.82 36.79 -29.95
CA PHE B 4683 -4.49 37.23 -28.60
C PHE B 4683 -3.03 37.03 -28.21
N ASP B 4684 -2.19 36.47 -29.09
CA ASP B 4684 -0.80 36.24 -28.76
C ASP B 4684 0.18 36.69 -29.83
N GLY B 4685 -0.26 36.86 -31.07
CA GLY B 4685 0.65 37.21 -32.15
C GLY B 4685 1.68 36.13 -32.39
N LEU B 4686 1.23 34.88 -32.46
CA LEU B 4686 2.15 33.75 -32.61
C LEU B 4686 2.95 33.86 -33.90
N TYR B 4687 2.34 34.38 -34.96
CA TYR B 4687 3.01 34.56 -36.25
C TYR B 4687 3.28 36.02 -36.58
N ILE B 4688 2.28 36.88 -36.42
CA ILE B 4688 2.44 38.29 -36.80
C ILE B 4688 3.40 38.98 -35.85
N THR B 4689 3.22 38.79 -34.55
CA THR B 4689 4.00 39.51 -33.54
C THR B 4689 5.18 38.73 -33.00
N GLU B 4690 5.35 37.48 -33.42
CA GLU B 4690 6.44 36.65 -32.91
C GLU B 4690 6.69 35.50 -33.88
N GLN B 4691 7.73 34.74 -33.59
CA GLN B 4691 8.06 33.56 -34.38
C GLN B 4691 7.22 32.37 -33.94
N PRO B 4692 7.00 31.41 -34.85
CA PRO B 4692 6.25 30.20 -34.44
C PRO B 4692 6.91 29.42 -33.32
N GLY B 4693 8.24 29.43 -33.27
CA GLY B 4693 8.99 28.74 -32.23
C GLY B 4693 9.67 27.50 -32.76
N ASP B 4694 10.26 26.75 -31.82
CA ASP B 4694 10.98 25.53 -32.13
C ASP B 4694 10.32 24.35 -31.42
N ASP B 4695 10.55 23.15 -31.98
CA ASP B 4695 9.99 21.91 -31.46
C ASP B 4695 8.47 21.92 -31.40
N ASP B 4696 7.82 22.62 -32.34
CA ASP B 4696 6.35 22.70 -32.40
C ASP B 4696 5.94 22.31 -33.82
N VAL B 4697 5.67 21.01 -34.02
CA VAL B 4697 5.27 20.54 -35.35
C VAL B 4697 3.94 21.15 -35.74
N LYS B 4698 2.99 21.20 -34.81
CA LYS B 4698 1.68 21.77 -35.12
C LYS B 4698 1.77 23.25 -35.49
N GLY B 4699 2.60 24.00 -34.76
CA GLY B 4699 2.74 25.42 -35.07
C GLY B 4699 3.39 25.67 -36.41
N GLN B 4700 4.45 24.93 -36.72
CA GLN B 4700 5.14 25.10 -37.99
C GLN B 4700 4.26 24.67 -39.15
N TRP B 4701 3.55 23.55 -39.00
CA TRP B 4701 2.69 23.06 -40.08
C TRP B 4701 1.52 24.02 -40.32
N ASP B 4702 1.06 24.65 -39.24
CA ASP B 4702 -0.14 25.53 -39.31
C ASP B 4702 0.20 26.78 -40.11
N ARG B 4703 1.46 26.90 -40.55
CA ARG B 4703 1.89 28.13 -41.26
C ARG B 4703 1.07 28.28 -42.55
N LEU B 4704 0.75 27.17 -43.19
CA LEU B 4704 0.05 27.24 -44.50
C LEU B 4704 -1.39 27.71 -44.35
N VAL B 4705 -2.07 27.36 -43.26
CA VAL B 4705 -3.52 27.70 -43.21
C VAL B 4705 -3.72 29.21 -43.33
N LEU B 4706 -2.78 30.00 -42.81
CA LEU B 4706 -2.96 31.46 -42.74
C LEU B 4706 -3.22 32.06 -44.12
N ASN B 4707 -2.46 31.65 -45.12
CA ASN B 4707 -2.60 32.26 -46.47
C ASN B 4707 -3.87 31.74 -47.14
N THR B 4708 -4.53 30.76 -46.53
CA THR B 4708 -5.70 30.12 -47.19
C THR B 4708 -6.76 31.17 -47.47
N PRO B 4709 -7.51 31.07 -48.59
CA PRO B 4709 -8.64 31.97 -48.83
C PRO B 4709 -9.75 31.59 -47.86
N SER B 4710 -9.60 30.45 -47.18
CA SER B 4710 -10.61 29.97 -46.19
C SER B 4710 -9.91 29.50 -44.92
N PHE B 4711 -9.16 30.38 -44.25
CA PHE B 4711 -8.42 29.90 -43.05
C PHE B 4711 -9.45 29.42 -42.05
N PRO B 4712 -10.55 30.16 -41.79
CA PRO B 4712 -11.60 29.67 -40.93
C PRO B 4712 -12.62 28.97 -41.82
N SER B 4713 -12.78 27.66 -41.68
CA SER B 4713 -13.80 26.92 -42.45
C SER B 4713 -14.76 26.19 -41.50
N ASN B 4714 -14.26 25.74 -40.36
CA ASN B 4714 -15.09 24.97 -39.39
C ASN B 4714 -15.20 25.77 -38.08
N TYR B 4715 -14.67 26.98 -38.07
CA TYR B 4715 -14.78 27.86 -36.88
C TYR B 4715 -15.79 28.96 -37.20
N TRP B 4716 -16.58 29.39 -36.21
CA TRP B 4716 -17.67 30.36 -36.46
C TRP B 4716 -17.15 31.71 -36.97
N ASP B 4717 -16.04 32.20 -36.41
CA ASP B 4717 -15.56 33.53 -36.75
C ASP B 4717 -14.94 33.46 -38.15
N LYS B 4718 -15.76 33.79 -39.16
CA LYS B 4718 -15.32 33.72 -40.54
C LYS B 4718 -14.48 34.91 -40.98
N PHE B 4719 -14.35 35.93 -40.12
CA PHE B 4719 -13.60 37.14 -40.46
C PHE B 4719 -12.54 37.40 -39.38
N VAL B 4720 -11.80 36.36 -39.03
CA VAL B 4720 -10.74 36.46 -38.04
C VAL B 4720 -9.64 37.39 -38.54
N THR B 4766 -17.17 23.34 -61.68
CA THR B 4766 -16.59 24.39 -60.86
C THR B 4766 -16.05 23.82 -59.56
N TRP B 4767 -16.11 22.49 -59.43
CA TRP B 4767 -15.61 21.84 -58.22
C TRP B 4767 -14.10 22.02 -58.08
N LEU B 4768 -13.36 21.91 -59.19
CA LEU B 4768 -11.92 22.07 -59.13
C LEU B 4768 -11.52 23.49 -58.74
N MET B 4769 -12.22 24.49 -59.29
CA MET B 4769 -11.90 25.88 -58.98
C MET B 4769 -12.27 26.21 -57.54
N SER B 4770 -13.39 25.67 -57.06
CA SER B 4770 -13.83 25.96 -55.69
C SER B 4770 -12.86 25.41 -54.66
N ILE B 4771 -12.33 24.21 -54.89
CA ILE B 4771 -11.43 23.59 -53.94
C ILE B 4771 -10.08 24.31 -53.96
N ASP B 4772 -9.57 24.63 -52.78
CA ASP B 4772 -8.28 25.29 -52.64
C ASP B 4772 -7.23 24.25 -52.26
N VAL B 4773 -6.16 24.17 -53.05
CA VAL B 4773 -5.17 23.12 -52.87
C VAL B 4773 -4.49 23.24 -51.50
N LYS B 4774 -4.04 24.44 -51.14
CA LYS B 4774 -3.32 24.61 -49.89
C LYS B 4774 -4.19 24.21 -48.70
N TYR B 4775 -5.46 24.59 -48.72
CA TYR B 4775 -6.38 24.18 -47.66
C TYR B 4775 -6.54 22.66 -47.63
N GLN B 4776 -6.56 22.01 -48.80
CA GLN B 4776 -6.74 20.56 -48.85
C GLN B 4776 -5.57 19.84 -48.22
N ILE B 4777 -4.33 20.19 -48.62
CA ILE B 4777 -3.18 19.55 -47.97
C ILE B 4777 -3.07 19.92 -46.50
N TRP B 4778 -3.42 21.14 -46.11
CA TRP B 4778 -3.43 21.48 -44.69
C TRP B 4778 -4.40 20.60 -43.92
N LYS B 4779 -5.64 20.49 -44.41
CA LYS B 4779 -6.63 19.67 -43.71
C LYS B 4779 -6.20 18.22 -43.65
N PHE B 4780 -5.66 17.69 -44.74
CA PHE B 4780 -5.14 16.33 -44.72
C PHE B 4780 -4.04 16.18 -43.69
N GLY B 4781 -3.18 17.19 -43.56
CA GLY B 4781 -2.18 17.16 -42.51
C GLY B 4781 -2.78 17.09 -41.13
N VAL B 4782 -3.94 17.73 -40.93
CA VAL B 4782 -4.64 17.61 -39.65
C VAL B 4782 -5.14 16.18 -39.44
N ILE B 4783 -5.73 15.56 -40.47
CA ILE B 4783 -6.34 14.25 -40.30
C ILE B 4783 -5.30 13.17 -40.01
N PHE B 4784 -4.25 13.09 -40.82
CA PHE B 4784 -3.27 12.02 -40.64
C PHE B 4784 -2.40 12.21 -39.40
N THR B 4785 -2.47 13.37 -38.75
CA THR B 4785 -1.77 13.57 -37.48
C THR B 4785 -2.63 13.23 -36.27
N ASP B 4786 -3.89 12.87 -36.47
CA ASP B 4786 -4.78 12.54 -35.37
C ASP B 4786 -4.53 11.12 -34.87
N ASN B 4787 -4.59 10.95 -33.55
CA ASN B 4787 -4.33 9.64 -32.96
C ASN B 4787 -5.42 8.64 -33.32
N SER B 4788 -6.70 9.06 -33.21
CA SER B 4788 -7.80 8.15 -33.53
C SER B 4788 -7.82 7.81 -35.01
N PHE B 4789 -7.56 8.78 -35.87
CA PHE B 4789 -7.51 8.50 -37.31
C PHE B 4789 -6.35 7.57 -37.64
N LEU B 4790 -5.21 7.75 -36.98
CA LEU B 4790 -4.09 6.84 -37.19
C LEU B 4790 -4.42 5.43 -36.72
N TYR B 4791 -5.10 5.30 -35.58
CA TYR B 4791 -5.51 3.99 -35.09
C TYR B 4791 -6.47 3.32 -36.06
N LEU B 4792 -7.43 4.07 -36.60
CA LEU B 4792 -8.37 3.49 -37.55
C LEU B 4792 -7.68 3.14 -38.87
N GLY B 4793 -6.70 3.92 -39.29
CA GLY B 4793 -5.92 3.55 -40.46
C GLY B 4793 -5.11 2.28 -40.23
N TRP B 4794 -4.56 2.12 -39.03
CA TRP B 4794 -3.87 0.88 -38.69
C TRP B 4794 -4.85 -0.30 -38.70
N TYR B 4795 -6.06 -0.09 -38.19
CA TYR B 4795 -7.08 -1.12 -38.26
C TYR B 4795 -7.38 -1.51 -39.71
N MET B 4796 -7.52 -0.50 -40.58
CA MET B 4796 -7.82 -0.76 -41.98
C MET B 4796 -6.67 -1.52 -42.67
N VAL B 4797 -5.43 -1.11 -42.40
CA VAL B 4797 -4.30 -1.79 -43.04
C VAL B 4797 -4.15 -3.21 -42.51
N MET B 4798 -4.43 -3.43 -41.22
CA MET B 4798 -4.42 -4.79 -40.69
C MET B 4798 -5.51 -5.64 -41.32
N SER B 4799 -6.70 -5.06 -41.53
CA SER B 4799 -7.77 -5.79 -42.20
C SER B 4799 -7.37 -6.14 -43.64
N LEU B 4800 -6.72 -5.21 -44.33
CA LEU B 4800 -6.24 -5.49 -45.69
C LEU B 4800 -5.19 -6.59 -45.69
N LEU B 4801 -4.27 -6.57 -44.71
CA LEU B 4801 -3.23 -7.58 -44.65
C LEU B 4801 -3.79 -8.94 -44.25
N GLY B 4802 -4.92 -8.97 -43.54
CA GLY B 4802 -5.52 -10.22 -43.14
C GLY B 4802 -5.95 -11.10 -44.29
N HIS B 4803 -6.17 -10.52 -45.47
CA HIS B 4803 -6.50 -11.33 -46.63
C HIS B 4803 -5.28 -12.09 -47.15
N TYR B 4804 -4.10 -11.49 -47.06
CA TYR B 4804 -2.88 -12.20 -47.44
C TYR B 4804 -2.63 -13.38 -46.50
N ASN B 4805 -2.82 -13.19 -45.20
CA ASN B 4805 -2.68 -14.25 -44.22
C ASN B 4805 -3.75 -14.04 -43.16
N ASN B 4806 -4.59 -15.06 -42.96
CA ASN B 4806 -5.72 -14.93 -42.04
C ASN B 4806 -5.27 -14.74 -40.59
N PHE B 4807 -4.04 -15.12 -40.25
CA PHE B 4807 -3.55 -14.93 -38.88
C PHE B 4807 -3.26 -13.48 -38.56
N PHE B 4808 -3.23 -12.60 -39.56
CA PHE B 4808 -3.03 -11.17 -39.31
C PHE B 4808 -4.23 -10.50 -38.68
N PHE B 4809 -5.38 -11.17 -38.64
CA PHE B 4809 -6.58 -10.61 -38.03
C PHE B 4809 -6.50 -10.57 -36.51
N ALA B 4810 -5.49 -11.22 -35.90
CA ALA B 4810 -5.36 -11.20 -34.46
C ALA B 4810 -5.00 -9.82 -33.91
N ALA B 4811 -4.52 -8.92 -34.77
CA ALA B 4811 -4.20 -7.58 -34.32
C ALA B 4811 -5.45 -6.79 -33.92
N HIS B 4812 -6.60 -7.15 -34.49
CA HIS B 4812 -7.84 -6.46 -34.17
C HIS B 4812 -8.35 -6.79 -32.77
N LEU B 4813 -7.79 -7.81 -32.11
CA LEU B 4813 -8.19 -8.15 -30.75
C LEU B 4813 -7.80 -7.08 -29.74
N LEU B 4814 -6.90 -6.16 -30.10
CA LEU B 4814 -6.50 -5.09 -29.20
C LEU B 4814 -7.60 -4.07 -28.97
N ASP B 4815 -8.65 -4.07 -29.80
CA ASP B 4815 -9.76 -3.15 -29.61
C ASP B 4815 -10.52 -3.43 -28.31
N ILE B 4816 -10.42 -4.66 -27.79
CA ILE B 4816 -10.97 -4.95 -26.48
C ILE B 4816 -10.26 -4.12 -25.41
N ALA B 4817 -8.94 -4.02 -25.51
CA ALA B 4817 -8.17 -3.25 -24.53
C ALA B 4817 -8.53 -1.77 -24.58
N MET B 4818 -8.69 -1.23 -25.79
CA MET B 4818 -9.00 0.20 -25.91
C MET B 4818 -10.46 0.48 -25.52
N GLY B 4819 -11.37 -0.42 -25.90
CA GLY B 4819 -12.79 -0.17 -25.61
C GLY B 4819 -13.11 -0.18 -24.14
N VAL B 4820 -12.57 -1.16 -23.40
CA VAL B 4820 -12.85 -1.28 -21.98
C VAL B 4820 -12.03 -0.26 -21.21
N LYS B 4821 -12.69 0.46 -20.29
CA LYS B 4821 -11.99 1.47 -19.50
C LYS B 4821 -10.94 0.83 -18.60
N THR B 4822 -11.27 -0.31 -17.99
CA THR B 4822 -10.29 -0.98 -17.12
C THR B 4822 -9.07 -1.45 -17.91
N LEU B 4823 -9.30 -2.03 -19.09
CA LEU B 4823 -8.18 -2.49 -19.90
C LEU B 4823 -7.37 -1.31 -20.44
N ARG B 4824 -8.04 -0.21 -20.79
CA ARG B 4824 -7.32 0.98 -21.20
C ARG B 4824 -6.46 1.54 -20.08
N THR B 4825 -6.99 1.52 -18.85
CA THR B 4825 -6.19 1.93 -17.70
C THR B 4825 -5.00 1.00 -17.49
N ILE B 4826 -5.21 -0.30 -17.68
CA ILE B 4826 -4.12 -1.26 -17.54
C ILE B 4826 -3.02 -0.97 -18.55
N LEU B 4827 -3.41 -0.70 -19.81
CA LEU B 4827 -2.42 -0.36 -20.82
C LEU B 4827 -1.70 0.94 -20.51
N SER B 4828 -2.44 1.96 -20.05
CA SER B 4828 -1.84 3.25 -19.74
C SER B 4828 -0.93 3.19 -18.52
N SER B 4829 -1.13 2.21 -17.64
CA SER B 4829 -0.25 2.07 -16.48
C SER B 4829 1.17 1.76 -16.89
N VAL B 4830 1.36 1.05 -18.01
CA VAL B 4830 2.70 0.73 -18.47
C VAL B 4830 3.46 2.00 -18.87
N THR B 4831 2.80 2.90 -19.57
CA THR B 4831 3.42 4.13 -20.04
C THR B 4831 3.33 5.28 -19.03
N HIS B 4832 2.62 5.08 -17.92
CA HIS B 4832 2.52 6.13 -16.91
C HIS B 4832 3.88 6.42 -16.28
N ASN B 4833 4.67 5.38 -16.03
CA ASN B 4833 6.01 5.54 -15.46
C ASN B 4833 7.05 5.06 -16.46
N GLY B 4834 6.89 5.46 -17.72
CA GLY B 4834 7.79 4.96 -18.76
C GLY B 4834 9.24 5.33 -18.54
N LYS B 4835 9.50 6.56 -18.10
CA LYS B 4835 10.88 6.98 -17.85
C LYS B 4835 11.49 6.18 -16.70
N GLN B 4836 10.75 6.04 -15.60
CA GLN B 4836 11.26 5.27 -14.46
C GLN B 4836 11.44 3.81 -14.83
N LEU B 4837 10.49 3.24 -15.60
CA LEU B 4837 10.63 1.85 -16.03
C LEU B 4837 11.85 1.67 -16.92
N VAL B 4838 12.10 2.61 -17.83
CA VAL B 4838 13.27 2.52 -18.71
C VAL B 4838 14.55 2.61 -17.88
N MET B 4839 14.59 3.52 -16.90
CA MET B 4839 15.76 3.65 -16.05
C MET B 4839 16.00 2.37 -15.25
N THR B 4840 14.93 1.76 -14.73
CA THR B 4840 15.08 0.52 -13.98
C THR B 4840 15.55 -0.61 -14.87
N VAL B 4841 15.04 -0.68 -16.11
CA VAL B 4841 15.49 -1.70 -17.05
C VAL B 4841 16.97 -1.51 -17.38
N GLY B 4842 17.39 -0.27 -17.57
CA GLY B 4842 18.80 0.00 -17.81
C GLY B 4842 19.68 -0.39 -16.63
N LEU B 4843 19.22 -0.10 -15.42
CA LEU B 4843 19.97 -0.50 -14.23
C LEU B 4843 20.06 -2.01 -14.12
N LEU B 4844 18.96 -2.71 -14.42
CA LEU B 4844 18.98 -4.17 -14.43
C LEU B 4844 19.96 -4.70 -15.47
N ALA B 4845 19.98 -4.09 -16.66
CA ALA B 4845 20.92 -4.51 -17.70
C ALA B 4845 22.36 -4.29 -17.26
N VAL B 4846 22.64 -3.17 -16.61
CA VAL B 4846 23.99 -2.90 -16.13
C VAL B 4846 24.40 -3.91 -15.07
N VAL B 4847 23.48 -4.22 -14.15
CA VAL B 4847 23.77 -5.20 -13.10
C VAL B 4847 24.04 -6.57 -13.71
N VAL B 4848 23.21 -6.98 -14.67
CA VAL B 4848 23.40 -8.27 -15.32
C VAL B 4848 24.72 -8.29 -16.09
N TYR B 4849 25.09 -7.16 -16.71
CA TYR B 4849 26.36 -7.09 -17.41
C TYR B 4849 27.53 -7.23 -16.45
N LEU B 4850 27.44 -6.60 -15.28
CA LEU B 4850 28.51 -6.75 -14.29
C LEU B 4850 28.62 -8.19 -13.81
N TYR B 4851 27.48 -8.84 -13.54
CA TYR B 4851 27.50 -10.23 -13.12
C TYR B 4851 28.05 -11.13 -14.22
N THR B 4852 27.74 -10.83 -15.47
CA THR B 4852 28.30 -11.57 -16.59
C THR B 4852 29.80 -11.38 -16.69
N VAL B 4853 30.28 -10.16 -16.42
CA VAL B 4853 31.72 -9.90 -16.40
C VAL B 4853 32.38 -10.77 -15.34
N VAL B 4854 31.80 -10.80 -14.15
CA VAL B 4854 32.37 -11.60 -13.06
C VAL B 4854 32.38 -13.08 -13.43
N ALA B 4855 31.27 -13.58 -13.97
CA ALA B 4855 31.18 -14.99 -14.33
C ALA B 4855 32.18 -15.35 -15.43
N PHE B 4856 32.32 -14.48 -16.45
CA PHE B 4856 33.27 -14.73 -17.52
C PHE B 4856 34.70 -14.73 -17.00
N ASN B 4857 35.00 -13.84 -16.04
CA ASN B 4857 36.36 -13.75 -15.53
C ASN B 4857 36.70 -14.88 -14.57
N PHE B 4858 35.74 -15.39 -13.81
CA PHE B 4858 36.08 -16.31 -12.74
C PHE B 4858 35.30 -17.63 -12.78
N PHE B 4859 34.08 -17.61 -13.28
CA PHE B 4859 33.18 -18.77 -13.19
C PHE B 4859 32.79 -19.29 -14.57
N ARG B 4860 33.77 -19.42 -15.47
CA ARG B 4860 33.48 -19.90 -16.82
C ARG B 4860 33.15 -21.38 -16.84
N LYS B 4861 33.79 -22.17 -15.97
CA LYS B 4861 33.65 -23.62 -16.01
C LYS B 4861 32.30 -24.11 -15.48
N PHE B 4862 31.51 -23.25 -14.84
CA PHE B 4862 30.23 -23.65 -14.27
C PHE B 4862 29.06 -23.47 -15.22
N TYR B 4863 29.31 -23.04 -16.45
CA TYR B 4863 28.25 -22.72 -17.41
C TYR B 4863 28.11 -23.80 -18.48
N ASN B 4864 28.28 -25.06 -18.12
CA ASN B 4864 28.08 -26.17 -19.05
C ASN B 4864 26.63 -26.64 -18.96
N LYS B 4865 25.89 -26.51 -20.06
CA LYS B 4865 24.47 -26.83 -20.10
C LYS B 4865 24.19 -28.07 -20.95
N SER B 4866 25.17 -28.94 -21.15
CA SER B 4866 25.01 -30.15 -21.93
C SER B 4866 25.15 -31.37 -21.02
N GLU B 4867 24.14 -32.24 -21.05
CA GLU B 4867 24.21 -33.46 -20.25
C GLU B 4867 25.32 -34.38 -20.74
N ASP B 4868 25.46 -34.51 -22.06
CA ASP B 4868 26.51 -35.34 -22.64
C ASP B 4868 27.85 -34.61 -22.57
N GLU B 4869 28.88 -35.31 -22.09
CA GLU B 4869 30.21 -34.73 -21.96
C GLU B 4869 30.98 -34.75 -23.27
N ASP B 4870 30.48 -35.43 -24.31
CA ASP B 4870 31.19 -35.47 -25.59
C ASP B 4870 31.26 -34.09 -26.22
N GLU B 4871 30.16 -33.34 -26.19
CA GLU B 4871 30.08 -32.00 -26.77
C GLU B 4871 29.52 -31.04 -25.72
N PRO B 4872 30.36 -30.55 -24.82
CA PRO B 4872 29.88 -29.62 -23.79
C PRO B 4872 29.32 -28.34 -24.42
N ASP B 4873 28.23 -27.85 -23.83
CA ASP B 4873 27.58 -26.62 -24.30
C ASP B 4873 28.02 -25.47 -23.39
N MET B 4874 29.22 -24.97 -23.66
CA MET B 4874 29.77 -23.87 -22.87
C MET B 4874 28.98 -22.60 -23.17
N LYS B 4875 28.22 -22.13 -22.18
CA LYS B 4875 27.40 -20.94 -22.34
C LYS B 4875 28.11 -19.66 -21.93
N CYS B 4876 29.32 -19.72 -21.42
CA CYS B 4876 30.00 -18.48 -20.96
C CYS B 4876 31.39 -18.41 -21.57
N ASP B 4877 31.67 -19.18 -22.61
CA ASP B 4877 32.92 -19.09 -23.38
C ASP B 4877 33.01 -17.72 -24.08
N ASP B 4878 31.91 -17.15 -24.58
CA ASP B 4878 31.88 -15.82 -25.23
C ASP B 4878 31.07 -14.87 -24.35
N MET B 4879 31.47 -13.61 -24.24
CA MET B 4879 30.80 -12.63 -23.37
C MET B 4879 29.35 -12.34 -23.77
N MET B 4880 29.04 -12.23 -25.06
CA MET B 4880 27.67 -12.02 -25.53
C MET B 4880 26.78 -13.21 -25.19
N THR B 4881 27.28 -14.43 -25.35
CA THR B 4881 26.51 -15.62 -24.94
C THR B 4881 26.32 -15.56 -23.44
N CYS B 4882 27.35 -15.22 -22.70
CA CYS B 4882 27.19 -15.24 -21.25
C CYS B 4882 26.21 -14.13 -20.97
N TYR B 4883 26.23 -13.07 -21.78
CA TYR B 4883 25.30 -11.99 -21.44
C TYR B 4883 23.88 -12.36 -21.84
N LEU B 4884 23.71 -12.93 -23.04
CA LEU B 4884 22.38 -13.34 -23.47
C LEU B 4884 21.83 -14.45 -22.59
N PHE B 4885 22.67 -15.42 -22.23
CA PHE B 4885 22.24 -16.49 -21.33
C PHE B 4885 21.79 -15.94 -19.99
N HIS B 4886 22.55 -15.00 -19.43
CA HIS B 4886 22.17 -14.39 -18.16
C HIS B 4886 20.83 -13.67 -18.29
N MET B 4887 20.71 -12.77 -19.28
CA MET B 4887 19.50 -11.99 -19.45
C MET B 4887 18.28 -12.86 -19.76
N TYR B 4888 18.47 -14.07 -20.21
CA TYR B 4888 17.28 -14.86 -20.60
C TYR B 4888 16.93 -15.80 -19.45
N VAL B 4889 17.92 -16.29 -18.73
CA VAL B 4889 17.66 -17.34 -17.75
C VAL B 4889 17.57 -16.79 -16.33
N GLY B 4890 18.53 -15.95 -15.93
CA GLY B 4890 18.57 -15.51 -14.54
C GLY B 4890 17.38 -14.66 -14.15
N VAL B 4891 16.90 -13.82 -15.07
CA VAL B 4891 15.77 -12.94 -14.77
C VAL B 4891 14.50 -13.76 -14.56
N ARG B 4892 14.25 -14.73 -15.43
CA ARG B 4892 13.01 -15.50 -15.38
C ARG B 4892 13.09 -16.73 -14.48
N ALA B 4893 14.27 -17.05 -13.96
CA ALA B 4893 14.39 -18.25 -13.12
C ALA B 4893 13.61 -18.11 -11.83
N GLY B 4894 13.69 -16.94 -11.18
CA GLY B 4894 13.03 -16.72 -9.91
C GLY B 4894 13.83 -17.14 -8.70
N GLY B 4895 14.95 -17.85 -8.90
CA GLY B 4895 15.80 -18.26 -7.80
C GLY B 4895 17.24 -17.86 -8.01
N GLY B 4896 17.50 -17.08 -9.07
CA GLY B 4896 18.84 -16.63 -9.40
C GLY B 4896 19.46 -17.44 -10.52
N ILE B 4897 20.66 -17.03 -10.89
CA ILE B 4897 21.39 -17.71 -11.96
C ILE B 4897 21.97 -19.03 -11.48
N GLY B 4898 22.03 -19.26 -10.17
CA GLY B 4898 22.62 -20.48 -9.64
C GLY B 4898 21.84 -21.73 -9.94
N ASP B 4899 20.53 -21.62 -10.18
CA ASP B 4899 19.72 -22.79 -10.48
C ASP B 4899 20.12 -23.41 -11.82
N GLU B 4900 20.35 -22.59 -12.84
CA GLU B 4900 20.66 -23.11 -14.16
C GLU B 4900 22.08 -23.66 -14.24
N ILE B 4901 23.05 -22.97 -13.64
CA ILE B 4901 24.44 -23.37 -13.72
C ILE B 4901 24.69 -24.53 -12.77
N GLU B 4902 25.83 -25.20 -12.93
CA GLU B 4902 26.15 -26.36 -12.12
C GLU B 4902 26.37 -25.96 -10.66
N ASP B 4903 25.95 -26.83 -9.76
CA ASP B 4903 26.11 -26.57 -8.34
C ASP B 4903 27.58 -26.61 -7.95
N PRO B 4904 28.05 -25.66 -7.14
CA PRO B 4904 29.47 -25.64 -6.71
C PRO B 4904 29.74 -26.64 -5.59
N ALA B 4905 29.97 -27.90 -5.98
CA ALA B 4905 30.24 -28.99 -5.05
C ALA B 4905 31.72 -29.34 -5.13
N GLY B 4906 32.47 -29.00 -4.08
CA GLY B 4906 33.88 -29.33 -4.01
C GLY B 4906 34.81 -28.41 -4.76
N ASP B 4907 34.29 -27.36 -5.42
CA ASP B 4907 35.14 -26.46 -6.17
C ASP B 4907 35.95 -25.57 -5.24
N GLU B 4908 37.09 -25.10 -5.74
CA GLU B 4908 37.93 -24.20 -4.96
C GLU B 4908 37.28 -22.84 -4.73
N TYR B 4909 36.31 -22.47 -5.56
CA TYR B 4909 35.57 -21.21 -5.43
C TYR B 4909 34.18 -21.44 -4.85
N GLU B 4910 34.04 -22.37 -3.91
CA GLU B 4910 32.74 -22.69 -3.35
C GLU B 4910 32.11 -21.47 -2.67
N LEU B 4911 32.85 -20.83 -1.77
CA LEU B 4911 32.32 -19.65 -1.09
C LEU B 4911 32.08 -18.51 -2.07
N TYR B 4912 33.00 -18.31 -3.02
CA TYR B 4912 32.83 -17.26 -4.01
C TYR B 4912 31.60 -17.51 -4.87
N ARG B 4913 31.37 -18.69 -5.41
CA ARG B 4913 30.13 -18.90 -6.19
C ARG B 4913 28.94 -18.72 -5.25
N VAL B 4914 28.95 -19.31 -4.05
CA VAL B 4914 27.76 -19.16 -3.22
C VAL B 4914 27.42 -17.69 -3.04
N VAL B 4915 28.42 -16.86 -2.75
CA VAL B 4915 28.19 -15.42 -2.60
C VAL B 4915 27.70 -14.82 -3.90
N PHE B 4916 28.30 -15.21 -5.03
CA PHE B 4916 27.86 -14.71 -6.33
C PHE B 4916 26.40 -15.05 -6.57
N ASP B 4917 26.00 -16.29 -6.37
CA ASP B 4917 24.61 -16.70 -6.63
C ASP B 4917 23.64 -16.06 -5.66
N ILE B 4918 24.01 -15.89 -4.39
CA ILE B 4918 23.11 -15.24 -3.45
C ILE B 4918 22.94 -13.76 -3.79
N THR B 4919 24.04 -13.08 -4.09
CA THR B 4919 23.96 -11.66 -4.43
C THR B 4919 23.16 -11.44 -5.71
N PHE B 4920 23.40 -12.27 -6.73
CA PHE B 4920 22.63 -12.14 -7.97
C PHE B 4920 21.14 -12.35 -7.72
N PHE B 4921 20.79 -13.44 -7.03
CA PHE B 4921 19.39 -13.73 -6.76
C PHE B 4921 18.74 -12.58 -6.01
N PHE B 4922 19.36 -12.12 -4.93
CA PHE B 4922 18.81 -11.01 -4.16
C PHE B 4922 18.65 -9.78 -5.05
N PHE B 4923 19.76 -9.25 -5.55
CA PHE B 4923 19.73 -7.96 -6.24
C PHE B 4923 18.82 -7.97 -7.45
N VAL B 4924 18.62 -9.12 -8.09
CA VAL B 4924 17.74 -9.14 -9.25
C VAL B 4924 16.30 -9.38 -8.81
N ILE B 4925 16.02 -10.56 -8.23
CA ILE B 4925 14.63 -10.95 -7.98
C ILE B 4925 14.00 -10.04 -6.92
N VAL B 4926 14.68 -9.87 -5.78
CA VAL B 4926 14.05 -9.19 -4.66
C VAL B 4926 14.00 -7.67 -4.86
N ILE B 4927 14.87 -7.13 -5.72
CA ILE B 4927 14.96 -5.68 -5.87
C ILE B 4927 14.54 -5.24 -7.27
N LEU B 4928 15.29 -5.68 -8.29
CA LEU B 4928 15.12 -5.09 -9.62
C LEU B 4928 13.77 -5.47 -10.23
N LEU B 4929 13.44 -6.76 -10.24
CA LEU B 4929 12.14 -7.18 -10.77
C LEU B 4929 11.01 -6.71 -9.87
N ALA B 4930 11.21 -6.77 -8.55
CA ALA B 4930 10.19 -6.32 -7.62
C ALA B 4930 9.91 -4.83 -7.80
N ILE B 4931 10.95 -4.03 -8.05
CA ILE B 4931 10.76 -2.60 -8.25
C ILE B 4931 9.93 -2.35 -9.50
N ILE B 4932 10.22 -3.07 -10.59
CA ILE B 4932 9.46 -2.87 -11.83
C ILE B 4932 8.00 -3.28 -11.64
N GLN B 4933 7.77 -4.43 -11.01
CA GLN B 4933 6.40 -4.88 -10.78
C GLN B 4933 5.65 -3.91 -9.87
N GLY B 4934 6.30 -3.43 -8.82
CA GLY B 4934 5.68 -2.46 -7.94
C GLY B 4934 5.40 -1.15 -8.64
N LEU B 4935 6.29 -0.73 -9.55
CA LEU B 4935 6.05 0.49 -10.30
C LEU B 4935 4.83 0.35 -11.20
N ILE B 4936 4.70 -0.79 -11.88
CA ILE B 4936 3.54 -1.00 -12.75
C ILE B 4936 2.26 -1.03 -11.91
N ILE B 4937 2.29 -1.77 -10.79
CA ILE B 4937 1.11 -1.89 -9.94
C ILE B 4937 0.74 -0.53 -9.35
N ASP B 4938 1.74 0.26 -8.95
CA ASP B 4938 1.49 1.57 -8.39
C ASP B 4938 0.95 2.53 -9.44
N ALA B 4939 1.41 2.43 -10.68
CA ALA B 4939 0.86 3.26 -11.74
C ALA B 4939 -0.61 2.91 -11.98
N PHE B 4940 -0.93 1.62 -12.04
CA PHE B 4940 -2.32 1.21 -12.23
C PHE B 4940 -3.19 1.68 -11.07
N GLY B 4941 -2.72 1.50 -9.83
CA GLY B 4941 -3.48 1.94 -8.68
C GLY B 4941 -3.63 3.45 -8.63
N GLU B 4942 -2.59 4.18 -9.04
CA GLU B 4942 -2.66 5.63 -9.07
C GLU B 4942 -3.68 6.11 -10.11
N LEU B 4943 -3.72 5.47 -11.27
CA LEU B 4943 -4.72 5.84 -12.27
C LEU B 4943 -6.13 5.54 -11.76
N ARG B 4944 -6.33 4.38 -11.14
CA ARG B 4944 -7.65 4.05 -10.59
C ARG B 4944 -8.04 5.03 -9.49
N ASP B 4945 -7.09 5.39 -8.61
CA ASP B 4945 -7.37 6.35 -7.55
C ASP B 4945 -7.65 7.73 -8.11
N GLN B 4946 -6.98 8.11 -9.20
CA GLN B 4946 -7.28 9.39 -9.84
C GLN B 4946 -8.69 9.41 -10.40
N GLN B 4947 -9.12 8.32 -11.04
CA GLN B 4947 -10.49 8.24 -11.53
C GLN B 4947 -11.49 8.31 -10.37
N GLU B 4948 -11.21 7.58 -9.29
CA GLU B 4948 -12.10 7.59 -8.13
C GLU B 4948 -12.16 8.97 -7.50
N GLN B 4949 -11.02 9.66 -7.43
CA GLN B 4949 -10.99 11.02 -6.87
C GLN B 4949 -11.75 11.99 -7.76
N VAL B 4950 -11.65 11.83 -9.08
CA VAL B 4950 -12.42 12.67 -10.00
C VAL B 4950 -13.91 12.47 -9.75
N LYS B 4951 -14.33 11.21 -9.63
CA LYS B 4951 -15.74 10.92 -9.37
C LYS B 4951 -16.19 11.51 -8.04
N GLU B 4952 -15.36 11.36 -7.00
CA GLU B 4952 -15.71 11.87 -5.68
C GLU B 4952 -15.80 13.39 -5.68
N ASP B 4953 -14.88 14.05 -6.37
CA ASP B 4953 -14.95 15.51 -6.48
C ASP B 4953 -16.19 15.95 -7.23
N MET B 4954 -16.55 15.24 -8.31
CA MET B 4954 -17.75 15.60 -9.06
C MET B 4954 -19.01 15.42 -8.22
N GLU B 4955 -19.09 14.34 -7.45
CA GLU B 4955 -20.27 14.12 -6.62
C GLU B 4955 -20.21 14.83 -5.27
N THR B 4956 -19.12 15.53 -4.97
CA THR B 4956 -18.96 16.24 -3.71
C THR B 4956 -18.94 17.74 -3.89
N LYS B 4957 -18.07 18.26 -4.75
CA LYS B 4957 -17.97 19.69 -5.01
C LYS B 4957 -18.46 19.98 -6.42
N CYS B 4958 -19.39 20.94 -6.53
CA CYS B 4958 -19.95 21.26 -7.83
C CYS B 4958 -18.91 21.93 -8.72
N PHE B 4959 -19.12 21.81 -10.03
CA PHE B 4959 -18.12 22.27 -10.99
C PHE B 4959 -18.10 23.78 -11.13
N ILE B 4960 -19.23 24.45 -10.87
CA ILE B 4960 -19.35 25.87 -11.22
C ILE B 4960 -18.58 26.73 -10.22
N CYS B 4961 -18.98 26.69 -8.95
CA CYS B 4961 -18.33 27.51 -7.93
C CYS B 4961 -17.49 26.72 -6.95
N GLY B 4962 -17.69 25.40 -6.86
CA GLY B 4962 -16.87 24.58 -6.01
C GLY B 4962 -16.99 24.85 -4.53
N ILE B 4963 -18.19 25.20 -4.05
CA ILE B 4963 -18.41 25.47 -2.63
C ILE B 4963 -18.34 24.15 -1.87
N GLY B 4964 -18.26 24.25 -0.54
CA GLY B 4964 -18.15 23.04 0.27
C GLY B 4964 -19.41 22.20 0.21
N SER B 4965 -19.22 20.88 0.36
CA SER B 4965 -20.35 19.96 0.29
C SER B 4965 -21.22 20.04 1.55
N ASP B 4966 -20.59 20.28 2.71
CA ASP B 4966 -21.35 20.33 3.96
C ASP B 4966 -22.30 21.52 4.01
N TYR B 4967 -21.92 22.64 3.39
CA TYR B 4967 -22.76 23.84 3.44
C TYR B 4967 -24.12 23.57 2.80
N PHE B 4968 -24.14 22.90 1.65
CA PHE B 4968 -25.40 22.46 1.07
C PHE B 4968 -25.95 21.22 1.74
N ASP B 4969 -25.10 20.45 2.42
CA ASP B 4969 -25.59 19.24 3.09
C ASP B 4969 -26.38 19.58 4.34
N THR B 4970 -26.22 20.79 4.89
CA THR B 4970 -27.06 21.20 6.01
C THR B 4970 -28.53 21.20 5.63
N THR B 4971 -28.86 21.73 4.46
CA THR B 4971 -30.19 21.67 3.88
C THR B 4971 -30.41 20.34 3.19
N PRO B 4972 -31.52 19.66 3.48
CA PRO B 4972 -31.79 18.36 2.83
C PRO B 4972 -31.86 18.51 1.32
N HIS B 4973 -31.13 17.65 0.63
CA HIS B 4973 -31.01 17.69 -0.84
C HIS B 4973 -30.53 19.05 -1.32
N GLY B 4974 -29.68 19.70 -0.51
CA GLY B 4974 -29.16 21.00 -0.88
C GLY B 4974 -28.24 20.94 -2.09
N PHE B 4975 -27.33 19.96 -2.10
CA PHE B 4975 -26.40 19.82 -3.22
C PHE B 4975 -27.13 19.41 -4.49
N GLU B 4976 -28.13 18.53 -4.37
CA GLU B 4976 -28.90 18.12 -5.54
C GLU B 4976 -29.61 19.30 -6.18
N THR B 4977 -30.24 20.15 -5.37
CA THR B 4977 -30.90 21.34 -5.91
C THR B 4977 -29.88 22.33 -6.45
N HIS B 4978 -28.73 22.45 -5.79
CA HIS B 4978 -27.68 23.36 -6.23
C HIS B 4978 -27.12 22.96 -7.59
N THR B 4979 -27.04 21.66 -7.90
CA THR B 4979 -26.48 21.20 -9.15
C THR B 4979 -27.52 21.01 -10.25
N LEU B 4980 -28.78 20.73 -9.88
CA LEU B 4980 -29.80 20.46 -10.90
C LEU B 4980 -30.20 21.73 -11.63
N GLU B 4981 -30.43 22.81 -10.90
CA GLU B 4981 -30.94 24.04 -11.50
C GLU B 4981 -30.11 25.28 -11.14
N GLU B 4982 -29.56 25.34 -9.94
CA GLU B 4982 -28.84 26.54 -9.52
C GLU B 4982 -27.55 26.73 -10.31
N HIS B 4983 -26.74 25.68 -10.42
CA HIS B 4983 -25.44 25.74 -11.07
C HIS B 4983 -25.26 24.57 -12.03
N ASN B 4984 -26.29 24.31 -12.85
CA ASN B 4984 -26.21 23.24 -13.82
C ASN B 4984 -25.33 23.65 -15.00
N LEU B 4985 -24.39 22.78 -15.37
CA LEU B 4985 -23.55 23.05 -16.54
C LEU B 4985 -24.39 23.10 -17.81
N ALA B 4986 -25.36 22.19 -17.92
CA ALA B 4986 -26.26 22.22 -19.07
C ALA B 4986 -27.04 23.52 -19.13
N ASN B 4987 -27.36 24.10 -17.98
CA ASN B 4987 -28.05 25.40 -17.98
C ASN B 4987 -27.19 26.48 -18.60
N TYR B 4988 -25.92 26.53 -18.23
CA TYR B 4988 -25.01 27.52 -18.83
C TYR B 4988 -24.80 27.25 -20.31
N MET B 4989 -24.72 25.97 -20.70
CA MET B 4989 -24.58 25.64 -22.11
C MET B 4989 -25.79 26.11 -22.91
N PHE B 4990 -27.00 25.85 -22.39
CA PHE B 4990 -28.21 26.31 -23.06
C PHE B 4990 -28.31 27.82 -23.09
N PHE B 4991 -27.81 28.49 -22.03
CA PHE B 4991 -27.74 29.94 -22.06
C PHE B 4991 -26.81 30.43 -23.17
N LEU B 4992 -25.70 29.72 -23.38
CA LEU B 4992 -24.79 30.08 -24.46
C LEU B 4992 -25.47 29.92 -25.83
N MET B 4993 -26.20 28.81 -26.02
CA MET B 4993 -26.97 28.66 -27.27
C MET B 4993 -27.98 29.78 -27.43
N TYR B 4994 -28.69 30.13 -26.35
CA TYR B 4994 -29.71 31.17 -26.43
C TYR B 4994 -29.10 32.53 -26.76
N LEU B 4995 -27.95 32.84 -26.17
CA LEU B 4995 -27.26 34.08 -26.51
C LEU B 4995 -26.79 34.09 -27.95
N ILE B 4996 -26.27 32.95 -28.44
CA ILE B 4996 -25.82 32.89 -29.83
C ILE B 4996 -26.99 33.10 -30.78
N ASN B 4997 -28.12 32.45 -30.51
CA ASN B 4997 -29.27 32.55 -31.40
C ASN B 4997 -29.91 33.94 -31.34
N LYS B 4998 -30.07 34.49 -30.14
CA LYS B 4998 -30.76 35.76 -29.98
C LYS B 4998 -29.92 36.90 -30.56
N ASP B 4999 -30.60 37.87 -31.17
CA ASP B 4999 -29.94 39.02 -31.75
C ASP B 4999 -29.42 39.95 -30.65
N GLU B 5000 -28.44 40.78 -31.02
CA GLU B 5000 -27.84 41.70 -30.07
C GLU B 5000 -28.85 42.74 -29.59
N THR B 5001 -29.71 43.22 -30.49
CA THR B 5001 -30.67 44.26 -30.13
C THR B 5001 -31.67 43.76 -29.09
N GLU B 5002 -32.13 42.52 -29.24
CA GLU B 5002 -33.13 41.96 -28.33
C GLU B 5002 -32.54 41.53 -26.99
N HIS B 5003 -31.21 41.54 -26.85
CA HIS B 5003 -30.59 41.13 -25.60
C HIS B 5003 -30.96 42.08 -24.47
N THR B 5004 -31.16 41.52 -23.28
CA THR B 5004 -31.43 42.34 -22.11
C THR B 5004 -30.13 42.92 -21.56
N GLY B 5005 -30.24 43.74 -20.51
CA GLY B 5005 -29.05 44.38 -19.97
C GLY B 5005 -28.03 43.38 -19.47
N GLN B 5006 -28.47 42.41 -18.66
CA GLN B 5006 -27.57 41.37 -18.20
C GLN B 5006 -27.07 40.52 -19.36
N GLU B 5007 -27.96 40.18 -20.29
CA GLU B 5007 -27.56 39.38 -21.45
C GLU B 5007 -26.59 40.15 -22.34
N SER B 5008 -26.85 41.44 -22.57
CA SER B 5008 -25.92 42.25 -23.36
C SER B 5008 -24.57 42.35 -22.68
N TYR B 5009 -24.57 42.56 -21.36
CA TYR B 5009 -23.32 42.65 -20.61
C TYR B 5009 -22.52 41.35 -20.71
N VAL B 5010 -23.20 40.21 -20.52
CA VAL B 5010 -22.50 38.94 -20.54
C VAL B 5010 -22.00 38.63 -21.94
N TRP B 5011 -22.76 39.02 -22.98
CA TRP B 5011 -22.30 38.78 -24.35
C TRP B 5011 -21.10 39.64 -24.70
N LYS B 5012 -21.14 40.93 -24.35
CA LYS B 5012 -20.03 41.83 -24.63
C LYS B 5012 -18.77 41.39 -23.89
N MET B 5013 -18.91 40.97 -22.64
CA MET B 5013 -17.76 40.51 -21.87
C MET B 5013 -17.32 39.10 -22.26
N TYR B 5014 -18.18 38.32 -22.90
CA TYR B 5014 -17.75 37.05 -23.47
C TYR B 5014 -16.93 37.27 -24.73
N GLN B 5015 -17.32 38.26 -25.54
CA GLN B 5015 -16.49 38.62 -26.68
C GLN B 5015 -15.15 39.18 -26.25
N GLU B 5016 -15.05 39.64 -24.99
CA GLU B 5016 -13.78 40.06 -24.42
C GLU B 5016 -12.92 38.89 -23.96
N ARG B 5017 -13.48 37.67 -23.95
CA ARG B 5017 -12.75 36.44 -23.64
C ARG B 5017 -12.19 36.46 -22.21
N CYS B 5018 -12.91 37.09 -21.30
CA CYS B 5018 -12.50 37.16 -19.89
C CYS B 5018 -13.62 36.60 -19.03
N TRP B 5019 -13.35 35.48 -18.35
CA TRP B 5019 -14.38 34.74 -17.65
C TRP B 5019 -14.42 35.01 -16.15
N ASP B 5020 -14.75 36.24 -15.74
CA ASP B 5020 -15.05 36.50 -14.34
C ASP B 5020 -16.55 36.67 -14.08
N PHE B 5021 -17.41 36.35 -15.04
CA PHE B 5021 -18.84 36.42 -14.83
C PHE B 5021 -19.40 35.18 -14.14
N PHE B 5022 -18.57 34.18 -13.88
CA PHE B 5022 -19.02 32.99 -13.17
C PHE B 5022 -19.28 33.33 -11.70
N PRO B 5023 -20.08 32.53 -11.00
CA PRO B 5023 -20.31 32.78 -9.56
C PRO B 5023 -19.03 32.80 -8.75
N ALA B 5024 -18.04 31.98 -9.13
CA ALA B 5024 -16.70 32.00 -8.54
C ALA B 5024 -16.80 31.65 -7.06
N GLY B 5025 -16.53 32.58 -6.13
CA GLY B 5025 -16.45 32.20 -4.73
C GLY B 5025 -17.77 31.76 -4.13
N ASP B 5026 -18.84 32.50 -4.41
CA ASP B 5026 -20.12 32.30 -3.73
C ASP B 5026 -21.26 32.22 -4.74
N CYS B 5027 -22.43 31.88 -4.24
CA CYS B 5027 -23.66 31.75 -5.01
C CYS B 5027 -24.76 32.60 -4.37
N PHE B 5028 -25.99 32.41 -4.86
CA PHE B 5028 -27.12 33.18 -4.33
C PHE B 5028 -27.40 32.84 -2.87
N ARG B 5029 -27.29 31.55 -2.51
CA ARG B 5029 -27.60 31.13 -1.16
C ARG B 5029 -26.67 31.78 -0.14
N LYS B 5030 -25.38 31.83 -0.45
CA LYS B 5030 -24.42 32.44 0.47
C LYS B 5030 -24.63 33.95 0.59
N GLN B 5031 -24.96 34.61 -0.53
CA GLN B 5031 -25.08 36.06 -0.54
C GLN B 5031 -26.25 36.52 0.34
N TYR B 5032 -27.38 35.81 0.27
CA TYR B 5032 -28.61 36.22 0.96
C TYR B 5032 -29.15 35.06 1.80
N GLU B 5033 -28.26 34.47 2.60
CA GLU B 5033 -28.66 33.36 3.47
C GLU B 5033 -29.70 33.81 4.48
N ASP B 5034 -29.54 34.99 5.06
CA ASP B 5034 -30.50 35.49 6.03
C ASP B 5034 -31.86 35.71 5.38
N GLN B 5035 -31.87 36.29 4.18
CA GLN B 5035 -33.13 36.52 3.47
C GLN B 5035 -33.78 35.19 3.06
N LEU B 5036 -32.98 34.24 2.61
CA LEU B 5036 -33.50 32.95 2.18
C LEU B 5036 -33.85 32.06 3.38
N PHE C 4174 12.05 49.53 -16.30
CA PHE C 4174 13.11 48.76 -15.66
C PHE C 4174 12.53 47.54 -14.96
N ARG C 4175 11.73 46.77 -15.68
CA ARG C 4175 11.11 45.58 -15.10
C ARG C 4175 12.14 44.54 -14.64
N PRO C 4176 13.15 44.14 -15.43
CA PRO C 4176 14.09 43.12 -14.95
C PRO C 4176 15.24 43.68 -14.13
N TYR C 4177 15.38 45.01 -14.04
CA TYR C 4177 16.44 45.63 -13.26
C TYR C 4177 15.94 46.15 -11.92
N LEU C 4178 14.71 45.82 -11.53
CA LEU C 4178 14.13 46.24 -10.27
C LEU C 4178 13.69 45.02 -9.49
N GLY C 4179 14.07 44.98 -8.22
CA GLY C 4179 13.71 43.86 -7.35
C GLY C 4179 12.89 44.35 -6.16
N ARG C 4180 11.87 43.58 -5.80
CA ARG C 4180 11.00 43.91 -4.68
C ARG C 4180 11.12 42.81 -3.64
N ILE C 4181 11.41 43.21 -2.39
CA ILE C 4181 11.50 42.28 -1.28
C ILE C 4181 10.72 42.87 -0.10
N GLU C 4182 10.27 41.98 0.79
CA GLU C 4182 9.49 42.36 1.96
C GLU C 4182 10.25 41.94 3.21
N ILE C 4183 10.43 42.88 4.13
CA ILE C 4183 11.11 42.63 5.39
C ILE C 4183 10.32 43.27 6.53
N MET C 4184 10.40 42.68 7.72
CA MET C 4184 9.83 43.28 8.90
C MET C 4184 10.88 44.15 9.60
N GLY C 4185 10.52 45.40 9.87
CA GLY C 4185 11.47 46.33 10.46
C GLY C 4185 11.19 46.66 11.91
N ALA C 4186 11.71 47.81 12.36
CA ALA C 4186 11.50 48.22 13.75
C ALA C 4186 10.04 48.52 14.04
N SER C 4187 9.27 48.86 13.00
CA SER C 4187 7.86 49.17 13.17
C SER C 4187 7.01 47.93 13.46
N ARG C 4188 7.62 46.75 13.51
CA ARG C 4188 6.96 45.47 13.77
C ARG C 4188 5.94 45.11 12.71
N ARG C 4189 6.03 45.71 11.51
CA ARG C 4189 5.11 45.43 10.43
C ARG C 4189 5.91 45.18 9.15
N ILE C 4190 5.31 44.44 8.23
CA ILE C 4190 5.95 44.16 6.95
C ILE C 4190 6.09 45.46 6.16
N GLU C 4191 7.14 45.55 5.35
CA GLU C 4191 7.41 46.76 4.58
C GLU C 4191 8.21 46.36 3.35
N ARG C 4192 7.66 46.62 2.17
CA ARG C 4192 8.35 46.31 0.93
C ARG C 4192 9.24 47.48 0.50
N ILE C 4193 10.46 47.17 0.10
CA ILE C 4193 11.43 48.18 -0.34
C ILE C 4193 11.94 47.79 -1.72
N TYR C 4194 12.43 48.79 -2.45
CA TYR C 4194 12.89 48.62 -3.82
C TYR C 4194 14.39 48.88 -3.89
N PHE C 4195 15.11 47.97 -4.54
CA PHE C 4195 16.55 48.09 -4.72
C PHE C 4195 16.90 47.81 -6.17
N GLU C 4196 17.94 48.49 -6.65
CA GLU C 4196 18.37 48.35 -8.04
C GLU C 4196 19.09 47.02 -8.23
N ILE C 4197 18.70 46.30 -9.28
CA ILE C 4197 19.32 45.01 -9.62
C ILE C 4197 20.16 45.21 -10.87
N SER C 4198 21.46 45.00 -10.74
CA SER C 4198 22.35 45.08 -11.89
C SER C 4198 22.18 43.85 -12.78
N GLU C 4199 22.47 44.02 -14.07
CA GLU C 4199 22.30 42.92 -15.01
C GLU C 4199 23.30 41.81 -14.75
N THR C 4200 24.47 42.13 -14.20
CA THR C 4200 25.49 41.10 -13.96
C THR C 4200 25.01 40.08 -12.93
N ASN C 4201 24.37 40.55 -11.86
CA ASN C 4201 23.91 39.63 -10.82
C ASN C 4201 22.84 38.68 -11.35
N ARG C 4202 21.89 39.21 -12.13
CA ARG C 4202 20.84 38.36 -12.69
C ARG C 4202 21.38 37.45 -13.78
N ALA C 4203 22.44 37.86 -14.48
CA ALA C 4203 23.01 37.03 -15.52
C ALA C 4203 23.59 35.74 -14.95
N GLN C 4204 24.33 35.84 -13.83
CA GLN C 4204 24.96 34.66 -13.25
C GLN C 4204 23.95 33.69 -12.65
N TRP C 4205 22.72 34.14 -12.41
CA TRP C 4205 21.70 33.28 -11.83
C TRP C 4205 21.19 32.21 -12.80
N GLU C 4206 21.47 32.36 -14.09
CA GLU C 4206 20.94 31.46 -15.11
C GLU C 4206 21.86 30.26 -15.41
N MET C 4207 23.00 30.17 -14.74
CA MET C 4207 23.87 29.01 -14.94
C MET C 4207 23.19 27.75 -14.45
N PRO C 4208 23.31 26.63 -15.19
CA PRO C 4208 22.69 25.38 -14.73
C PRO C 4208 23.23 24.90 -13.39
N GLN C 4209 24.51 25.16 -13.09
CA GLN C 4209 25.08 24.68 -11.84
C GLN C 4209 24.41 25.32 -10.63
N VAL C 4210 24.26 26.65 -10.65
CA VAL C 4210 23.62 27.32 -9.52
C VAL C 4210 22.15 26.95 -9.43
N LYS C 4211 21.48 26.73 -10.56
CA LYS C 4211 20.09 26.30 -10.52
C LYS C 4211 19.95 24.92 -9.90
N GLU C 4212 20.84 23.99 -10.27
CA GLU C 4212 20.81 22.66 -9.68
C GLU C 4212 21.11 22.71 -8.19
N SER C 4213 22.07 23.55 -7.79
CA SER C 4213 22.36 23.73 -6.37
C SER C 4213 21.14 24.27 -5.63
N LYS C 4214 20.43 25.21 -6.26
CA LYS C 4214 19.22 25.76 -5.65
C LYS C 4214 18.15 24.69 -5.47
N ARG C 4215 17.90 23.90 -6.51
CA ARG C 4215 16.90 22.84 -6.40
C ARG C 4215 17.28 21.84 -5.32
N GLN C 4216 18.57 21.50 -5.24
CA GLN C 4216 19.03 20.60 -4.18
C GLN C 4216 18.81 21.23 -2.81
N PHE C 4217 19.03 22.54 -2.69
CA PHE C 4217 18.86 23.21 -1.41
C PHE C 4217 17.41 23.16 -0.94
N ILE C 4218 16.47 23.55 -1.80
CA ILE C 4218 15.07 23.47 -1.41
C ILE C 4218 14.65 22.02 -1.14
N PHE C 4219 15.10 21.08 -1.96
CA PHE C 4219 14.75 19.68 -1.71
C PHE C 4219 15.22 19.25 -0.33
N ASP C 4220 16.46 19.55 0.01
CA ASP C 4220 17.02 19.13 1.30
C ASP C 4220 16.30 19.80 2.45
N VAL C 4221 16.03 21.11 2.35
CA VAL C 4221 15.42 21.80 3.48
C VAL C 4221 13.97 21.37 3.67
N VAL C 4222 13.24 21.11 2.58
CA VAL C 4222 11.85 20.65 2.74
C VAL C 4222 11.83 19.22 3.28
N ASN C 4223 12.75 18.37 2.83
CA ASN C 4223 12.82 17.01 3.35
C ASN C 4223 13.17 17.01 4.83
N GLU C 4224 14.11 17.85 5.24
CA GLU C 4224 14.50 17.93 6.65
C GLU C 4224 13.35 18.45 7.51
N GLY C 4225 12.63 19.46 7.02
CA GLY C 4225 11.54 20.03 7.80
C GLY C 4225 11.98 20.94 8.93
N GLY C 4226 13.20 21.47 8.87
CA GLY C 4226 13.71 22.35 9.90
C GLY C 4226 13.23 23.78 9.77
N GLU C 4227 11.97 24.02 10.12
CA GLU C 4227 11.41 25.36 10.01
C GLU C 4227 12.13 26.35 10.93
N ALA C 4228 12.52 25.89 12.13
CA ALA C 4228 13.20 26.78 13.06
C ALA C 4228 14.55 27.25 12.51
N GLU C 4229 15.29 26.35 11.87
CA GLU C 4229 16.59 26.66 11.28
C GLU C 4229 16.50 26.92 9.78
N LYS C 4230 15.29 27.13 9.26
CA LYS C 4230 15.13 27.34 7.81
C LYS C 4230 15.83 28.60 7.36
N MET C 4231 15.73 29.68 8.13
CA MET C 4231 16.36 30.94 7.74
C MET C 4231 17.87 30.83 7.74
N GLU C 4232 18.45 30.13 8.72
CA GLU C 4232 19.90 29.92 8.74
C GLU C 4232 20.35 29.13 7.52
N LEU C 4233 19.59 28.09 7.15
CA LEU C 4233 19.91 27.32 5.95
C LEU C 4233 19.81 28.19 4.70
N PHE C 4234 18.81 29.07 4.65
CA PHE C 4234 18.66 29.96 3.50
C PHE C 4234 19.85 30.93 3.41
N VAL C 4235 20.29 31.46 4.55
CA VAL C 4235 21.44 32.35 4.54
C VAL C 4235 22.71 31.61 4.09
N SER C 4236 22.88 30.38 4.57
CA SER C 4236 24.02 29.58 4.13
C SER C 4236 23.96 29.31 2.63
N PHE C 4237 22.77 29.01 2.11
CA PHE C 4237 22.61 28.81 0.68
C PHE C 4237 22.92 30.09 -0.10
N CYS C 4238 22.51 31.24 0.43
CA CYS C 4238 22.82 32.50 -0.23
C CYS C 4238 24.32 32.73 -0.29
N GLU C 4239 25.03 32.48 0.82
CA GLU C 4239 26.49 32.64 0.82
C GLU C 4239 27.14 31.66 -0.15
N ASP C 4240 26.65 30.43 -0.20
CA ASP C 4240 27.17 29.46 -1.15
C ASP C 4240 26.95 29.92 -2.58
N THR C 4241 25.81 30.55 -2.86
CA THR C 4241 25.57 31.08 -4.19
C THR C 4241 26.53 32.23 -4.51
N ILE C 4242 26.79 33.11 -3.55
CA ILE C 4242 27.76 34.18 -3.78
C ILE C 4242 29.11 33.58 -4.15
N PHE C 4243 29.54 32.55 -3.42
CA PHE C 4243 30.83 31.92 -3.71
C PHE C 4243 30.81 31.23 -5.07
N GLU C 4244 29.70 30.58 -5.42
CA GLU C 4244 29.61 29.90 -6.71
C GLU C 4244 29.71 30.89 -7.86
N MET C 4245 29.00 32.01 -7.77
CA MET C 4245 29.06 32.98 -8.86
C MET C 4245 30.39 33.73 -8.91
N GLN C 4246 31.04 33.95 -7.76
CA GLN C 4246 32.37 34.56 -7.84
C GLN C 4246 33.37 33.58 -8.46
N ILE C 4247 33.24 32.29 -8.14
CA ILE C 4247 34.08 31.28 -8.79
C ILE C 4247 33.84 31.28 -10.30
N ALA C 4248 32.56 31.31 -10.70
CA ALA C 4248 32.24 31.39 -12.12
C ALA C 4248 32.82 32.64 -12.76
N ALA C 4249 32.88 33.75 -12.01
CA ALA C 4249 33.51 34.95 -12.51
C ALA C 4249 35.00 34.74 -12.75
N GLN C 4250 35.69 34.08 -11.82
CA GLN C 4250 37.11 33.78 -12.04
C GLN C 4250 37.31 32.87 -13.25
N ILE C 4251 36.47 31.84 -13.39
CA ILE C 4251 36.63 30.89 -14.50
C ILE C 4251 36.04 31.40 -15.79
N SER C 4252 35.33 32.53 -15.77
CA SER C 4252 34.75 33.07 -16.99
C SER C 4252 35.84 33.52 -17.95
N GLU C 4253 35.64 33.24 -19.23
CA GLU C 4253 36.60 33.61 -20.26
C GLU C 4253 36.57 35.10 -20.54
N THR C 4323 21.78 -10.13 -36.91
CA THR C 4323 22.10 -11.24 -36.01
C THR C 4323 22.07 -10.79 -34.55
N ALA C 4324 22.82 -11.50 -33.71
CA ALA C 4324 22.88 -11.16 -32.29
C ALA C 4324 23.54 -9.79 -32.09
N ARG C 4325 24.58 -9.50 -32.87
CA ARG C 4325 25.26 -8.21 -32.73
C ARG C 4325 24.37 -7.05 -33.12
N GLU C 4326 23.47 -7.24 -34.10
CA GLU C 4326 22.52 -6.19 -34.45
C GLU C 4326 21.59 -5.89 -33.28
N ALA C 4327 21.09 -6.93 -32.61
CA ALA C 4327 20.24 -6.72 -31.44
C ALA C 4327 21.03 -6.05 -30.32
N ALA C 4328 22.29 -6.44 -30.13
CA ALA C 4328 23.11 -5.80 -29.11
C ALA C 4328 23.32 -4.32 -29.41
N THR C 4329 23.56 -3.97 -30.68
CA THR C 4329 23.71 -2.57 -31.06
C THR C 4329 22.41 -1.81 -30.81
N ALA C 4330 21.27 -2.40 -31.17
CA ALA C 4330 19.99 -1.74 -30.96
C ALA C 4330 19.73 -1.49 -29.49
N LEU C 4331 19.99 -2.50 -28.66
CA LEU C 4331 19.78 -2.35 -27.22
C LEU C 4331 20.72 -1.30 -26.62
N ALA C 4332 21.99 -1.30 -27.06
CA ALA C 4332 22.93 -0.30 -26.55
C ALA C 4332 22.52 1.10 -26.97
N ALA C 4333 22.06 1.28 -28.21
CA ALA C 4333 21.61 2.58 -28.66
C ALA C 4333 20.39 3.04 -27.88
N LEU C 4334 19.43 2.13 -27.63
CA LEU C 4334 18.25 2.49 -26.86
C LEU C 4334 18.63 2.89 -25.43
N LEU C 4335 19.53 2.13 -24.80
CA LEU C 4335 19.95 2.45 -23.45
C LEU C 4335 20.68 3.79 -23.40
N TRP C 4336 21.63 3.98 -24.30
CA TRP C 4336 22.40 5.19 -24.29
C TRP C 4336 21.44 6.34 -24.43
N ALA C 4337 20.49 6.23 -25.33
CA ALA C 4337 19.55 7.29 -25.58
C ALA C 4337 18.97 7.88 -24.30
N VAL C 4338 18.40 7.04 -23.46
CA VAL C 4338 17.77 7.54 -22.26
C VAL C 4338 18.81 8.13 -21.31
N VAL C 4339 19.88 7.40 -21.04
CA VAL C 4339 20.97 7.93 -20.21
C VAL C 4339 21.31 9.33 -20.64
N ALA C 4340 21.32 9.58 -21.94
CA ALA C 4340 21.60 10.89 -22.46
C ALA C 4340 20.50 11.86 -22.12
N ARG C 4341 19.34 11.66 -22.74
CA ARG C 4341 18.21 12.54 -22.49
C ARG C 4341 18.26 13.07 -21.07
N TRP C 4541 57.58 30.95 -17.40
CA TRP C 4541 57.48 31.71 -16.17
C TRP C 4541 56.09 32.27 -15.98
N GLY C 4542 55.96 33.59 -16.07
CA GLY C 4542 54.66 34.21 -15.93
C GLY C 4542 53.70 33.83 -17.05
N GLU C 4543 54.20 33.79 -18.29
CA GLU C 4543 53.36 33.37 -19.41
C GLU C 4543 52.92 31.92 -19.26
N LEU C 4544 53.83 31.06 -18.78
CA LEU C 4544 53.46 29.67 -18.54
C LEU C 4544 52.38 29.56 -17.47
N GLU C 4545 52.49 30.36 -16.40
CA GLU C 4545 51.45 30.36 -15.37
C GLU C 4545 50.12 30.84 -15.92
N VAL C 4546 50.15 31.88 -16.76
CA VAL C 4546 48.91 32.37 -17.36
C VAL C 4546 48.28 31.31 -18.24
N GLN C 4547 49.10 30.62 -19.04
CA GLN C 4547 48.57 29.54 -19.88
C GLN C 4547 47.99 28.41 -19.04
N ARG C 4548 48.67 28.06 -17.95
CA ARG C 4548 48.19 26.99 -17.08
C ARG C 4548 46.86 27.36 -16.44
N VAL C 4549 46.73 28.59 -15.94
CA VAL C 4549 45.48 28.98 -15.30
C VAL C 4549 44.37 29.12 -16.33
N LYS C 4550 44.70 29.54 -17.56
CA LYS C 4550 43.69 29.57 -18.61
C LYS C 4550 43.20 28.17 -18.97
N PHE C 4551 44.13 27.21 -19.05
CA PHE C 4551 43.73 25.82 -19.32
C PHE C 4551 42.88 25.27 -18.19
N LEU C 4552 43.24 25.59 -16.94
CA LEU C 4552 42.46 25.14 -15.80
C LEU C 4552 41.06 25.74 -15.81
N ASN C 4553 40.95 27.03 -16.14
CA ASN C 4553 39.64 27.66 -16.24
C ASN C 4553 38.82 27.05 -17.37
N TYR C 4554 39.46 26.72 -18.50
CA TYR C 4554 38.76 26.06 -19.59
C TYR C 4554 38.23 24.70 -19.14
N LEU C 4555 39.04 23.94 -18.40
CA LEU C 4555 38.58 22.66 -17.87
C LEU C 4555 37.41 22.85 -16.93
N SER C 4556 37.48 23.87 -16.07
CA SER C 4556 36.40 24.10 -15.10
C SER C 4556 35.11 24.56 -15.79
N ARG C 4557 35.22 25.25 -16.92
CA ARG C 4557 34.02 25.77 -17.58
C ARG C 4557 33.10 24.65 -18.04
N ASN C 4558 33.65 23.59 -18.61
CA ASN C 4558 32.85 22.44 -19.06
C ASN C 4558 33.31 21.23 -18.26
N PHE C 4559 32.70 21.05 -17.09
CA PHE C 4559 32.95 19.89 -16.24
C PHE C 4559 31.85 18.85 -16.32
N TYR C 4560 30.59 19.28 -16.37
CA TYR C 4560 29.49 18.34 -16.60
C TYR C 4560 29.59 17.73 -18.00
N THR C 4561 29.99 18.53 -18.98
CA THR C 4561 30.22 18.00 -20.33
C THR C 4561 31.36 16.98 -20.32
N LEU C 4562 32.42 17.25 -19.54
CA LEU C 4562 33.51 16.31 -19.41
C LEU C 4562 33.04 15.00 -18.78
N ARG C 4563 32.18 15.09 -17.75
CA ARG C 4563 31.64 13.88 -17.16
C ARG C 4563 30.76 13.11 -18.14
N PHE C 4564 29.97 13.82 -18.95
CA PHE C 4564 29.16 13.16 -19.96
C PHE C 4564 30.04 12.46 -20.99
N LEU C 4565 31.14 13.10 -21.39
CA LEU C 4565 32.07 12.46 -22.33
C LEU C 4565 32.71 11.23 -21.72
N ALA C 4566 33.06 11.31 -20.43
CA ALA C 4566 33.62 10.14 -19.74
C ALA C 4566 32.61 9.01 -19.69
N LEU C 4567 31.34 9.33 -19.42
CA LEU C 4567 30.29 8.32 -19.41
C LEU C 4567 30.12 7.69 -20.77
N PHE C 4568 30.16 8.50 -21.83
CA PHE C 4568 30.06 7.96 -23.18
C PHE C 4568 31.23 7.05 -23.51
N LEU C 4569 32.44 7.45 -23.10
CA LEU C 4569 33.61 6.61 -23.33
C LEU C 4569 33.49 5.29 -22.58
N ALA C 4570 33.03 5.33 -21.33
CA ALA C 4570 32.86 4.10 -20.56
C ALA C 4570 31.80 3.20 -21.19
N PHE C 4571 30.69 3.78 -21.65
CA PHE C 4571 29.66 3.00 -22.31
C PHE C 4571 30.17 2.35 -23.59
N ALA C 4572 30.93 3.10 -24.38
CA ALA C 4572 31.51 2.55 -25.59
C ALA C 4572 32.48 1.41 -25.28
N ILE C 4573 33.31 1.60 -24.26
CA ILE C 4573 34.26 0.56 -23.89
C ILE C 4573 33.52 -0.70 -23.43
N ASN C 4574 32.48 -0.53 -22.63
CA ASN C 4574 31.71 -1.68 -22.17
C ASN C 4574 31.01 -2.38 -23.33
N PHE C 4575 30.51 -1.62 -24.31
CA PHE C 4575 29.93 -2.23 -25.49
C PHE C 4575 30.97 -3.02 -26.28
N ILE C 4576 32.19 -2.47 -26.39
CA ILE C 4576 33.26 -3.20 -27.07
C ILE C 4576 33.59 -4.49 -26.33
N LEU C 4577 33.61 -4.43 -24.99
CA LEU C 4577 33.96 -5.59 -24.18
C LEU C 4577 32.98 -6.74 -24.36
N LEU C 4578 31.76 -6.47 -24.84
CA LEU C 4578 30.78 -7.54 -25.03
C LEU C 4578 31.18 -8.51 -26.12
N PHE C 4579 32.16 -8.16 -26.95
CA PHE C 4579 32.61 -9.03 -28.04
C PHE C 4579 33.79 -9.91 -27.65
N TYR C 4580 34.21 -9.87 -26.39
CA TYR C 4580 35.34 -10.68 -25.95
C TYR C 4580 35.00 -12.16 -25.99
N LYS C 4581 36.01 -12.96 -26.34
CA LYS C 4581 35.87 -14.41 -26.38
C LYS C 4581 37.11 -15.04 -25.75
N VAL C 4582 36.95 -16.26 -25.26
CA VAL C 4582 38.02 -16.99 -24.60
C VAL C 4582 38.21 -18.33 -25.31
N SER C 4583 39.47 -18.76 -25.42
CA SER C 4583 39.80 -20.03 -26.04
C SER C 4583 41.21 -20.41 -25.64
N ASP C 4584 41.46 -21.72 -25.56
CA ASP C 4584 42.80 -22.20 -25.21
C ASP C 4584 43.80 -21.92 -26.33
N SER C 4585 43.37 -22.03 -27.58
CA SER C 4585 44.27 -21.82 -28.71
C SER C 4585 44.66 -20.34 -28.81
N PRO C 4586 45.86 -20.06 -29.29
CA PRO C 4586 46.26 -18.67 -29.49
C PRO C 4586 45.35 -18.01 -30.51
N PRO C 4587 45.11 -16.69 -30.38
CA PRO C 4587 44.28 -15.88 -31.28
C PRO C 4587 44.63 -16.10 -32.75
N ASN C 4626 47.35 -22.30 -21.07
CA ASN C 4626 46.41 -21.64 -20.17
C ASN C 4626 45.32 -20.93 -20.94
N MET C 4627 44.33 -20.39 -20.22
CA MET C 4627 43.25 -19.66 -20.86
C MET C 4627 43.77 -18.37 -21.49
N VAL C 4628 43.33 -18.09 -22.71
CA VAL C 4628 43.74 -16.91 -23.45
C VAL C 4628 42.48 -16.14 -23.86
N TYR C 4629 42.45 -14.85 -23.53
CA TYR C 4629 41.34 -13.98 -23.88
C TYR C 4629 41.71 -13.18 -25.12
N TYR C 4630 40.92 -13.32 -26.18
CA TYR C 4630 41.14 -12.63 -27.43
C TYR C 4630 39.83 -12.02 -27.91
N PHE C 4631 39.88 -11.35 -29.06
CA PHE C 4631 38.72 -10.69 -29.63
C PHE C 4631 38.21 -11.47 -30.84
N LEU C 4632 36.91 -11.74 -30.87
CA LEU C 4632 36.32 -12.46 -31.99
C LEU C 4632 36.43 -11.64 -33.28
N GLU C 4633 36.62 -12.33 -34.39
CA GLU C 4633 36.78 -11.68 -35.69
C GLU C 4633 35.49 -10.96 -36.08
N GLU C 4634 35.54 -9.63 -36.12
CA GLU C 4634 34.39 -8.82 -36.50
C GLU C 4634 34.50 -8.39 -37.96
N SER C 4635 33.38 -7.93 -38.50
CA SER C 4635 33.35 -7.48 -39.88
C SER C 4635 34.24 -6.26 -40.10
N THR C 4636 34.20 -5.30 -39.16
CA THR C 4636 35.00 -4.09 -39.31
C THR C 4636 36.49 -4.40 -39.17
N GLY C 4637 36.88 -5.14 -38.14
CA GLY C 4637 38.26 -5.48 -37.92
C GLY C 4637 39.09 -4.44 -37.19
N TYR C 4638 38.51 -3.29 -36.85
CA TYR C 4638 39.20 -2.24 -36.12
C TYR C 4638 38.87 -2.25 -34.63
N MET C 4639 38.45 -3.41 -34.10
CA MET C 4639 37.91 -3.45 -32.75
C MET C 4639 38.99 -3.20 -31.70
N GLU C 4640 40.12 -3.91 -31.80
CA GLU C 4640 41.15 -3.79 -30.77
C GLU C 4640 41.78 -2.41 -30.72
N PRO C 4641 42.23 -1.80 -31.83
CA PRO C 4641 42.75 -0.43 -31.73
C PRO C 4641 41.72 0.56 -31.24
N ALA C 4642 40.44 0.39 -31.62
CA ALA C 4642 39.40 1.27 -31.12
C ALA C 4642 39.25 1.15 -29.61
N LEU C 4643 39.28 -0.08 -29.09
CA LEU C 4643 39.21 -0.28 -27.64
C LEU C 4643 40.40 0.34 -26.93
N TRP C 4644 41.60 0.16 -27.48
CA TRP C 4644 42.79 0.74 -26.86
C TRP C 4644 42.72 2.26 -26.82
N CYS C 4645 42.34 2.88 -27.95
CA CYS C 4645 42.21 4.33 -27.99
C CYS C 4645 41.12 4.80 -27.03
N LEU C 4646 39.99 4.11 -26.98
CA LEU C 4646 38.90 4.50 -26.10
C LEU C 4646 39.34 4.44 -24.64
N SER C 4647 40.10 3.41 -24.26
CA SER C 4647 40.64 3.35 -22.92
C SER C 4647 41.59 4.51 -22.65
N LEU C 4648 42.42 4.86 -23.64
CA LEU C 4648 43.34 5.98 -23.46
C LEU C 4648 42.60 7.29 -23.21
N LEU C 4649 41.62 7.62 -24.06
CA LEU C 4649 40.87 8.85 -23.81
C LEU C 4649 40.00 8.75 -22.57
N HIS C 4650 39.59 7.55 -22.16
CA HIS C 4650 38.86 7.43 -20.91
C HIS C 4650 39.73 7.79 -19.72
N THR C 4651 40.97 7.30 -19.70
CA THR C 4651 41.89 7.68 -18.63
C THR C 4651 42.19 9.17 -18.66
N LEU C 4652 42.42 9.71 -19.87
CA LEU C 4652 42.72 11.14 -19.99
C LEU C 4652 41.55 11.99 -19.50
N VAL C 4653 40.32 11.62 -19.88
CA VAL C 4653 39.15 12.40 -19.48
C VAL C 4653 38.87 12.22 -17.99
N ALA C 4654 39.20 11.07 -17.41
CA ALA C 4654 39.08 10.92 -15.97
C ALA C 4654 40.03 11.86 -15.24
N PHE C 4655 41.27 11.94 -15.72
CA PHE C 4655 42.22 12.89 -15.13
C PHE C 4655 41.73 14.33 -15.28
N LEU C 4656 41.22 14.67 -16.47
CA LEU C 4656 40.72 16.02 -16.70
C LEU C 4656 39.53 16.32 -15.79
N CYS C 4657 38.64 15.35 -15.60
CA CYS C 4657 37.48 15.54 -14.74
C CYS C 4657 37.90 15.75 -13.28
N ILE C 4658 38.89 14.98 -12.81
CA ILE C 4658 39.31 15.15 -11.42
C ILE C 4658 39.99 16.50 -11.25
N ILE C 4659 40.75 16.95 -12.25
CA ILE C 4659 41.36 18.27 -12.19
C ILE C 4659 40.30 19.36 -12.17
N GLY C 4660 39.28 19.22 -13.02
CA GLY C 4660 38.21 20.20 -13.06
C GLY C 4660 37.42 20.26 -11.77
N TYR C 4661 37.17 19.10 -11.15
CA TYR C 4661 36.50 19.08 -9.86
C TYR C 4661 37.37 19.73 -8.78
N ASN C 4662 38.68 19.46 -8.80
CA ASN C 4662 39.56 20.09 -7.83
C ASN C 4662 39.59 21.60 -8.00
N CYS C 4663 39.48 22.09 -9.23
CA CYS C 4663 39.55 23.53 -9.47
C CYS C 4663 38.19 24.22 -9.47
N LEU C 4664 37.09 23.48 -9.39
CA LEU C 4664 35.77 24.08 -9.47
C LEU C 4664 34.94 23.90 -8.21
N LYS C 4665 34.75 22.67 -7.74
CA LYS C 4665 33.88 22.41 -6.61
C LYS C 4665 34.62 22.26 -5.29
N VAL C 4666 35.92 21.93 -5.33
CA VAL C 4666 36.69 21.83 -4.09
C VAL C 4666 36.74 23.15 -3.34
N PRO C 4667 36.97 24.31 -3.97
CA PRO C 4667 36.91 25.57 -3.22
C PRO C 4667 35.57 25.82 -2.56
N LEU C 4668 34.48 25.34 -3.15
CA LEU C 4668 33.16 25.53 -2.54
C LEU C 4668 33.07 24.83 -1.19
N VAL C 4669 33.48 23.55 -1.14
CA VAL C 4669 33.43 22.82 0.12
C VAL C 4669 34.48 23.36 1.09
N ILE C 4670 35.61 23.85 0.57
CA ILE C 4670 36.61 24.47 1.45
C ILE C 4670 36.02 25.68 2.13
N PHE C 4671 35.32 26.53 1.37
CA PHE C 4671 34.69 27.72 1.93
C PHE C 4671 33.57 27.35 2.90
N LYS C 4672 32.82 26.29 2.59
CA LYS C 4672 31.75 25.86 3.49
C LYS C 4672 32.32 25.43 4.83
N ARG C 4673 33.38 24.60 4.81
CA ARG C 4673 34.00 24.18 6.07
C ARG C 4673 34.62 25.36 6.80
N GLU C 4674 35.25 26.30 6.09
CA GLU C 4674 35.87 27.47 6.76
C GLU C 4674 34.78 28.35 7.39
N LYS C 4675 33.64 28.53 6.71
CA LYS C 4675 32.55 29.29 7.31
C LYS C 4675 31.98 28.58 8.53
N GLU C 4676 31.81 27.27 8.45
CA GLU C 4676 31.30 26.52 9.60
C GLU C 4676 32.23 26.66 10.78
N LEU C 4677 33.55 26.52 10.55
CA LEU C 4677 34.51 26.67 11.63
C LEU C 4677 34.48 28.08 12.20
N ALA C 4678 34.42 29.10 11.34
CA ALA C 4678 34.41 30.47 11.82
C ALA C 4678 33.17 30.75 12.66
N ARG C 4679 32.01 30.31 12.20
CA ARG C 4679 30.78 30.52 12.96
C ARG C 4679 30.83 29.79 14.29
N LYS C 4680 31.30 28.54 14.29
CA LYS C 4680 31.39 27.79 15.54
C LYS C 4680 32.32 28.46 16.53
N LEU C 4681 33.49 28.89 16.07
CA LEU C 4681 34.45 29.54 16.96
C LEU C 4681 33.91 30.87 17.48
N GLU C 4682 33.21 31.63 16.64
CA GLU C 4682 32.74 32.95 17.04
C GLU C 4682 31.55 32.87 18.00
N PHE C 4683 30.60 31.97 17.73
CA PHE C 4683 29.34 31.98 18.45
C PHE C 4683 29.14 30.82 19.41
N ASP C 4684 30.11 29.89 19.52
CA ASP C 4684 29.97 28.75 20.40
C ASP C 4684 31.18 28.48 21.27
N GLY C 4685 32.36 28.98 20.91
CA GLY C 4685 33.56 28.69 21.65
C GLY C 4685 33.90 27.21 21.63
N LEU C 4686 33.85 26.61 20.44
CA LEU C 4686 34.07 25.17 20.31
C LEU C 4686 35.47 24.78 20.79
N TYR C 4687 36.46 25.65 20.56
CA TYR C 4687 37.83 25.40 21.00
C TYR C 4687 38.26 26.31 22.15
N ILE C 4688 38.00 27.61 22.04
CA ILE C 4688 38.46 28.54 23.06
C ILE C 4688 37.69 28.33 24.36
N THR C 4689 36.36 28.24 24.27
CA THR C 4689 35.51 28.17 25.45
C THR C 4689 35.11 26.75 25.83
N GLU C 4690 35.48 25.75 25.04
CA GLU C 4690 35.10 24.37 25.33
C GLU C 4690 36.04 23.43 24.59
N GLN C 4691 35.86 22.14 24.86
CA GLN C 4691 36.64 21.11 24.20
C GLN C 4691 36.04 20.79 22.83
N PRO C 4692 36.86 20.30 21.89
CA PRO C 4692 36.30 19.90 20.58
C PRO C 4692 35.24 18.81 20.68
N GLY C 4693 35.38 17.91 21.64
CA GLY C 4693 34.43 16.84 21.84
C GLY C 4693 34.99 15.50 21.41
N ASP C 4694 34.12 14.49 21.45
CA ASP C 4694 34.46 13.13 21.08
C ASP C 4694 33.62 12.68 19.91
N ASP C 4695 34.14 11.69 19.17
CA ASP C 4695 33.50 11.12 17.99
C ASP C 4695 33.23 12.16 16.92
N ASP C 4696 34.09 13.18 16.80
CA ASP C 4696 33.96 14.24 15.79
C ASP C 4696 35.29 14.33 15.05
N VAL C 4697 35.39 13.58 13.94
CA VAL C 4697 36.62 13.59 13.15
C VAL C 4697 36.86 14.97 12.56
N LYS C 4698 35.80 15.60 12.04
CA LYS C 4698 35.95 16.93 11.44
C LYS C 4698 36.40 17.96 12.48
N GLY C 4699 35.82 17.90 13.68
CA GLY C 4699 36.21 18.86 14.71
C GLY C 4699 37.64 18.68 15.17
N GLN C 4700 38.05 17.43 15.39
CA GLN C 4700 39.42 17.16 15.83
C GLN C 4700 40.44 17.53 14.75
N TRP C 4701 40.14 17.20 13.49
CA TRP C 4701 41.06 17.49 12.40
C TRP C 4701 41.17 19.00 12.18
N ASP C 4702 40.07 19.71 12.42
CA ASP C 4702 40.01 21.17 12.16
C ASP C 4702 40.91 21.90 13.15
N ARG C 4703 41.52 21.16 14.08
CA ARG C 4703 42.34 21.81 15.13
C ARG C 4703 43.50 22.55 14.49
N LEU C 4704 44.05 22.01 13.40
CA LEU C 4704 45.26 22.61 12.78
C LEU C 4704 44.92 23.93 12.09
N VAL C 4705 43.74 24.07 11.51
CA VAL C 4705 43.49 25.31 10.70
C VAL C 4705 43.65 26.55 11.58
N LEU C 4706 43.31 26.45 12.86
CA LEU C 4706 43.28 27.63 13.74
C LEU C 4706 44.63 28.33 13.78
N ASN C 4707 45.72 27.58 13.92
CA ASN C 4707 47.06 28.20 14.05
C ASN C 4707 47.52 28.74 12.69
N THR C 4708 46.78 28.43 11.63
CA THR C 4708 47.24 28.80 10.27
C THR C 4708 47.42 30.31 10.18
N PRO C 4709 48.42 30.82 9.44
CA PRO C 4709 48.54 32.26 9.21
C PRO C 4709 47.39 32.68 8.28
N SER C 4710 46.70 31.70 7.69
CA SER C 4710 45.56 31.98 6.77
C SER C 4710 44.38 31.08 7.12
N PHE C 4711 43.86 31.16 8.35
CA PHE C 4711 42.76 30.24 8.71
C PHE C 4711 41.60 30.53 7.78
N PRO C 4712 41.22 31.80 7.53
CA PRO C 4712 40.20 32.11 6.55
C PRO C 4712 40.92 32.35 5.23
N SER C 4713 40.69 31.49 4.23
CA SER C 4713 41.27 31.70 2.89
C SER C 4713 40.17 31.77 1.83
N ASN C 4714 39.09 31.02 2.03
CA ASN C 4714 37.98 30.97 1.04
C ASN C 4714 36.71 31.55 1.68
N TYR C 4715 36.83 32.06 2.90
CA TYR C 4715 35.67 32.70 3.56
C TYR C 4715 35.90 34.21 3.55
N TRP C 4716 34.83 35.00 3.41
CA TRP C 4716 34.98 36.47 3.26
C TRP C 4716 35.61 37.13 4.49
N ASP C 4717 35.22 36.70 5.69
CA ASP C 4717 35.69 37.36 6.90
C ASP C 4717 37.16 36.97 7.11
N LYS C 4718 38.05 37.83 6.61
CA LYS C 4718 39.48 37.57 6.70
C LYS C 4718 40.08 37.90 8.06
N PHE C 4719 39.30 38.49 8.97
CA PHE C 4719 39.79 38.88 10.29
C PHE C 4719 38.88 38.28 11.37
N VAL C 4720 38.59 37.00 11.23
CA VAL C 4720 37.77 36.28 12.20
C VAL C 4720 38.46 36.24 13.56
N THR C 4766 59.67 32.61 -4.52
CA THR C 4766 58.98 32.93 -3.28
C THR C 4766 57.74 32.05 -3.10
N TRP C 4767 57.55 31.13 -4.04
CA TRP C 4767 56.40 30.23 -3.97
C TRP C 4767 56.47 29.33 -2.74
N LEU C 4768 57.66 28.80 -2.43
CA LEU C 4768 57.82 27.93 -1.27
C LEU C 4768 57.56 28.68 0.03
N MET C 4769 58.05 29.92 0.14
CA MET C 4769 57.84 30.69 1.36
C MET C 4769 56.38 31.10 1.51
N SER C 4770 55.72 31.43 0.40
CA SER C 4770 54.32 31.86 0.46
C SER C 4770 53.42 30.73 0.92
N ILE C 4771 53.66 29.51 0.44
CA ILE C 4771 52.83 28.38 0.80
C ILE C 4771 53.07 28.00 2.25
N ASP C 4772 51.98 27.80 3.00
CA ASP C 4772 52.04 27.38 4.40
C ASP C 4772 51.77 25.89 4.48
N VAL C 4773 52.71 25.15 5.09
CA VAL C 4773 52.61 23.69 5.11
C VAL C 4773 51.36 23.24 5.86
N LYS C 4774 51.12 23.79 7.05
CA LYS C 4774 49.99 23.34 7.85
C LYS C 4774 48.67 23.56 7.11
N TYR C 4775 48.53 24.71 6.45
CA TYR C 4775 47.35 24.97 5.65
C TYR C 4775 47.22 23.98 4.50
N GLN C 4776 48.35 23.59 3.89
CA GLN C 4776 48.31 22.66 2.76
C GLN C 4776 47.82 21.29 3.19
N ILE C 4777 48.40 20.72 4.27
CA ILE C 4777 47.89 19.43 4.74
C ILE C 4777 46.47 19.53 5.27
N TRP C 4778 46.09 20.64 5.91
CA TRP C 4778 44.70 20.80 6.33
C TRP C 4778 43.76 20.78 5.12
N LYS C 4779 44.06 21.57 4.09
CA LYS C 4779 43.20 21.62 2.91
C LYS C 4779 43.13 20.25 2.24
N PHE C 4780 44.26 19.57 2.12
CA PHE C 4780 44.26 18.23 1.56
C PHE C 4780 43.39 17.29 2.39
N GLY C 4781 43.42 17.44 3.71
CA GLY C 4781 42.52 16.67 4.55
C GLY C 4781 41.06 16.95 4.25
N VAL C 4782 40.74 18.19 3.89
CA VAL C 4782 39.37 18.50 3.47
C VAL C 4782 39.03 17.78 2.16
N ILE C 4783 39.94 17.80 1.19
CA ILE C 4783 39.62 17.25 -0.14
C ILE C 4783 39.43 15.74 -0.09
N PHE C 4784 40.37 15.01 0.50
CA PHE C 4784 40.28 13.55 0.50
C PHE C 4784 39.19 13.02 1.42
N THR C 4785 38.58 13.87 2.25
CA THR C 4785 37.44 13.46 3.05
C THR C 4785 36.11 13.72 2.36
N ASP C 4786 36.11 14.33 1.18
CA ASP C 4786 34.88 14.62 0.47
C ASP C 4786 34.36 13.39 -0.25
N ASN C 4787 33.04 13.23 -0.24
CA ASN C 4787 32.43 12.06 -0.87
C ASN C 4787 32.59 12.10 -2.39
N SER C 4788 32.32 13.26 -3.01
CA SER C 4788 32.45 13.37 -4.45
C SER C 4788 33.89 13.23 -4.90
N PHE C 4789 34.83 13.82 -4.16
CA PHE C 4789 36.24 13.67 -4.51
C PHE C 4789 36.68 12.22 -4.36
N LEU C 4790 36.20 11.53 -3.33
CA LEU C 4790 36.53 10.12 -3.17
C LEU C 4790 35.95 9.29 -4.32
N TYR C 4791 34.72 9.59 -4.74
CA TYR C 4791 34.12 8.88 -5.86
C TYR C 4791 34.92 9.11 -7.15
N LEU C 4792 35.35 10.35 -7.39
CA LEU C 4792 36.14 10.62 -8.57
C LEU C 4792 37.52 9.98 -8.51
N GLY C 4793 38.12 9.91 -7.31
CA GLY C 4793 39.36 9.18 -7.18
C GLY C 4793 39.19 7.69 -7.43
N TRP C 4794 38.07 7.12 -6.98
CA TRP C 4794 37.77 5.73 -7.29
C TRP C 4794 37.60 5.53 -8.80
N TYR C 4795 36.92 6.48 -9.46
CA TYR C 4795 36.81 6.43 -10.91
C TYR C 4795 38.18 6.45 -11.58
N MET C 4796 39.07 7.33 -11.11
CA MET C 4796 40.41 7.43 -11.68
C MET C 4796 41.21 6.14 -11.47
N VAL C 4797 41.14 5.57 -10.26
CA VAL C 4797 41.89 4.35 -10.00
C VAL C 4797 41.33 3.18 -10.79
N MET C 4798 40.01 3.12 -10.98
CA MET C 4798 39.42 2.09 -11.83
C MET C 4798 39.85 2.26 -13.27
N SER C 4799 39.92 3.51 -13.76
CA SER C 4799 40.40 3.75 -15.11
C SER C 4799 41.86 3.31 -15.26
N LEU C 4800 42.68 3.59 -14.24
CA LEU C 4800 44.08 3.15 -14.28
C LEU C 4800 44.18 1.63 -14.27
N LEU C 4801 43.34 0.96 -13.47
CA LEU C 4801 43.38 -0.50 -13.40
C LEU C 4801 42.85 -1.13 -14.69
N GLY C 4802 41.98 -0.43 -15.42
CA GLY C 4802 41.44 -0.95 -16.66
C GLY C 4802 42.48 -1.23 -17.72
N HIS C 4803 43.65 -0.58 -17.64
CA HIS C 4803 44.71 -0.87 -18.58
C HIS C 4803 45.36 -2.22 -18.29
N TYR C 4804 45.47 -2.60 -17.02
CA TYR C 4804 45.97 -3.93 -16.68
C TYR C 4804 45.03 -5.02 -17.18
N ASN C 4805 43.74 -4.82 -17.01
CA ASN C 4805 42.73 -5.76 -17.51
C ASN C 4805 41.54 -4.94 -18.00
N ASN C 4806 41.17 -5.12 -19.28
CA ASN C 4806 40.12 -4.32 -19.87
C ASN C 4806 38.76 -4.57 -19.23
N PHE C 4807 38.57 -5.71 -18.56
CA PHE C 4807 37.30 -6.00 -17.90
C PHE C 4807 37.09 -5.16 -16.65
N PHE C 4808 38.12 -4.47 -16.17
CA PHE C 4808 37.97 -3.59 -15.01
C PHE C 4808 37.20 -2.32 -15.33
N PHE C 4809 36.97 -2.03 -16.61
CA PHE C 4809 36.22 -0.84 -17.00
C PHE C 4809 34.73 -0.96 -16.72
N ALA C 4810 34.25 -2.15 -16.36
CA ALA C 4810 32.83 -2.33 -16.06
C ALA C 4810 32.41 -1.60 -14.79
N ALA C 4811 33.36 -1.22 -13.93
CA ALA C 4811 33.02 -0.49 -12.72
C ALA C 4811 32.49 0.91 -13.04
N HIS C 4812 32.88 1.47 -14.17
CA HIS C 4812 32.41 2.80 -14.56
C HIS C 4812 30.95 2.82 -14.97
N LEU C 4813 30.34 1.65 -15.17
CA LEU C 4813 28.91 1.60 -15.52
C LEU C 4813 28.01 2.04 -14.37
N LEU C 4814 28.54 2.12 -13.15
CA LEU C 4814 27.75 2.57 -12.01
C LEU C 4814 27.41 4.05 -12.07
N ASP C 4815 28.09 4.82 -12.93
CA ASP C 4815 27.78 6.23 -13.07
C ASP C 4815 26.38 6.46 -13.64
N ILE C 4816 25.82 5.47 -14.34
CA ILE C 4816 24.43 5.55 -14.76
C ILE C 4816 23.52 5.60 -13.55
N ALA C 4817 23.80 4.78 -12.53
CA ALA C 4817 22.98 4.75 -11.33
C ALA C 4817 23.05 6.08 -10.59
N MET C 4818 24.24 6.66 -10.48
CA MET C 4818 24.38 7.92 -9.75
C MET C 4818 23.81 9.10 -10.56
N GLY C 4819 24.01 9.09 -11.87
CA GLY C 4819 23.55 10.22 -12.68
C GLY C 4819 22.04 10.34 -12.73
N VAL C 4820 21.34 9.21 -12.91
CA VAL C 4820 19.89 9.22 -13.01
C VAL C 4820 19.29 9.36 -11.62
N LYS C 4821 18.32 10.28 -11.48
CA LYS C 4821 17.69 10.49 -10.18
C LYS C 4821 16.91 9.25 -9.74
N THR C 4822 16.22 8.60 -10.67
CA THR C 4822 15.46 7.39 -10.32
C THR C 4822 16.39 6.27 -9.87
N LEU C 4823 17.49 6.07 -10.58
CA LEU C 4823 18.44 5.02 -10.20
C LEU C 4823 19.14 5.37 -8.89
N ARG C 4824 19.44 6.64 -8.66
CA ARG C 4824 20.00 7.05 -7.39
C ARG C 4824 19.03 6.79 -6.24
N THR C 4825 17.74 7.06 -6.46
CA THR C 4825 16.73 6.75 -5.47
C THR C 4825 16.64 5.24 -5.22
N ILE C 4826 16.74 4.45 -6.28
CA ILE C 4826 16.72 3.00 -6.14
C ILE C 4826 17.89 2.52 -5.28
N LEU C 4827 19.09 3.07 -5.55
CA LEU C 4827 20.25 2.70 -4.74
C LEU C 4827 20.09 3.14 -3.29
N SER C 4828 19.58 4.36 -3.06
CA SER C 4828 19.42 4.87 -1.70
C SER C 4828 18.33 4.13 -0.94
N SER C 4829 17.39 3.49 -1.63
CA SER C 4829 16.36 2.72 -0.94
C SER C 4829 16.95 1.55 -0.19
N VAL C 4830 18.05 0.98 -0.69
CA VAL C 4830 18.68 -0.15 -0.01
C VAL C 4830 19.23 0.29 1.35
N THR C 4831 19.88 1.44 1.40
CA THR C 4831 20.48 1.94 2.64
C THR C 4831 19.53 2.78 3.48
N HIS C 4832 18.32 3.04 2.99
CA HIS C 4832 17.35 3.81 3.76
C HIS C 4832 16.94 3.06 5.03
N ASN C 4833 16.75 1.75 4.91
CA ASN C 4833 16.38 0.91 6.05
C ASN C 4833 17.49 -0.09 6.34
N GLY C 4834 18.74 0.39 6.34
CA GLY C 4834 19.87 -0.52 6.50
C GLY C 4834 19.86 -1.26 7.82
N LYS C 4835 19.52 -0.56 8.91
CA LYS C 4835 19.49 -1.21 10.22
C LYS C 4835 18.40 -2.28 10.27
N GLN C 4836 17.20 -1.96 9.78
CA GLN C 4836 16.11 -2.93 9.77
C GLN C 4836 16.44 -4.10 8.85
N LEU C 4837 17.04 -3.82 7.69
CA LEU C 4837 17.43 -4.89 6.78
C LEU C 4837 18.47 -5.80 7.40
N VAL C 4838 19.45 -5.23 8.11
CA VAL C 4838 20.47 -6.04 8.77
C VAL C 4838 19.84 -6.90 9.87
N MET C 4839 18.91 -6.32 10.64
CA MET C 4839 18.24 -7.08 11.69
C MET C 4839 17.43 -8.23 11.09
N THR C 4840 16.74 -7.97 9.97
CA THR C 4840 15.95 -9.02 9.33
C THR C 4840 16.86 -10.12 8.78
N VAL C 4841 18.01 -9.74 8.20
CA VAL C 4841 18.95 -10.74 7.70
C VAL C 4841 19.49 -11.58 8.84
N GLY C 4842 19.79 -10.95 9.98
CA GLY C 4842 20.24 -11.70 11.13
C GLY C 4842 19.18 -12.66 11.66
N LEU C 4843 17.93 -12.21 11.69
CA LEU C 4843 16.83 -13.09 12.11
C LEU C 4843 16.68 -14.26 11.15
N LEU C 4844 16.78 -14.00 9.85
CA LEU C 4844 16.73 -15.08 8.86
C LEU C 4844 17.87 -16.06 9.07
N ALA C 4845 19.08 -15.56 9.34
CA ALA C 4845 20.22 -16.44 9.58
C ALA C 4845 20.00 -17.29 10.83
N VAL C 4846 19.45 -16.70 11.88
CA VAL C 4846 19.17 -17.46 13.10
C VAL C 4846 18.13 -18.54 12.84
N VAL C 4847 17.08 -18.21 12.10
CA VAL C 4847 16.04 -19.18 11.77
C VAL C 4847 16.62 -20.32 10.95
N VAL C 4848 17.43 -19.99 9.95
CA VAL C 4848 18.05 -21.02 9.11
C VAL C 4848 18.99 -21.89 9.94
N TYR C 4849 19.70 -21.28 10.89
CA TYR C 4849 20.58 -22.05 11.76
C TYR C 4849 19.79 -23.02 12.64
N LEU C 4850 18.64 -22.57 13.16
CA LEU C 4850 17.80 -23.47 13.96
C LEU C 4850 17.28 -24.62 13.11
N TYR C 4851 16.83 -24.33 11.88
CA TYR C 4851 16.35 -25.39 11.01
C TYR C 4851 17.48 -26.35 10.64
N THR C 4852 18.69 -25.84 10.45
CA THR C 4852 19.84 -26.69 10.20
C THR C 4852 20.16 -27.57 11.40
N VAL C 4853 20.01 -27.02 12.61
CA VAL C 4853 20.20 -27.82 13.82
C VAL C 4853 19.21 -28.97 13.84
N VAL C 4854 17.94 -28.67 13.56
CA VAL C 4854 16.91 -29.71 13.57
C VAL C 4854 17.21 -30.77 12.51
N ALA C 4855 17.58 -30.34 11.31
CA ALA C 4855 17.85 -31.29 10.23
C ALA C 4855 19.07 -32.16 10.56
N PHE C 4856 20.13 -31.56 11.12
CA PHE C 4856 21.30 -32.33 11.49
C PHE C 4856 21.00 -33.33 12.59
N ASN C 4857 20.13 -32.95 13.53
CA ASN C 4857 19.82 -33.84 14.63
C ASN C 4857 18.87 -34.96 14.23
N PHE C 4858 17.95 -34.72 13.30
CA PHE C 4858 16.90 -35.70 13.05
C PHE C 4858 16.77 -36.12 11.59
N PHE C 4859 17.10 -35.24 10.65
CA PHE C 4859 16.84 -35.48 9.23
C PHE C 4859 18.12 -35.51 8.41
N ARG C 4860 19.14 -36.21 8.92
CA ARG C 4860 20.42 -36.27 8.20
C ARG C 4860 20.32 -37.13 6.94
N LYS C 4861 19.51 -38.20 6.98
CA LYS C 4861 19.47 -39.15 5.87
C LYS C 4861 18.73 -38.62 4.65
N PHE C 4862 18.03 -37.50 4.75
CA PHE C 4862 17.26 -36.95 3.64
C PHE C 4862 18.06 -35.97 2.80
N TYR C 4863 19.33 -35.74 3.10
CA TYR C 4863 20.14 -34.72 2.43
C TYR C 4863 21.13 -35.34 1.45
N ASN C 4864 20.74 -36.40 0.76
CA ASN C 4864 21.59 -37.02 -0.26
C ASN C 4864 21.28 -36.38 -1.61
N LYS C 4865 22.26 -35.71 -2.20
CA LYS C 4865 22.09 -34.97 -3.44
C LYS C 4865 22.83 -35.63 -4.61
N SER C 4866 23.14 -36.92 -4.52
CA SER C 4866 23.83 -37.64 -5.57
C SER C 4866 22.89 -38.68 -6.18
N GLU C 4867 22.73 -38.62 -7.50
CA GLU C 4867 21.91 -39.61 -8.18
C GLU C 4867 22.51 -41.01 -8.08
N ASP C 4868 23.83 -41.11 -8.25
CA ASP C 4868 24.50 -42.39 -8.13
C ASP C 4868 24.66 -42.79 -6.67
N GLU C 4869 24.29 -44.02 -6.34
CA GLU C 4869 24.38 -44.52 -4.98
C GLU C 4869 25.78 -44.98 -4.60
N ASP C 4870 26.71 -45.06 -5.57
CA ASP C 4870 28.07 -45.49 -5.26
C ASP C 4870 28.76 -44.50 -4.35
N GLU C 4871 28.61 -43.21 -4.62
CA GLU C 4871 29.24 -42.14 -3.84
C GLU C 4871 28.16 -41.13 -3.45
N PRO C 4872 27.42 -41.40 -2.38
CA PRO C 4872 26.38 -40.46 -1.95
C PRO C 4872 26.97 -39.11 -1.57
N ASP C 4873 26.26 -38.04 -1.94
CA ASP C 4873 26.69 -36.67 -1.63
C ASP C 4873 25.90 -36.20 -0.40
N MET C 4874 26.35 -36.64 0.77
CA MET C 4874 25.71 -36.26 2.02
C MET C 4874 25.94 -34.77 2.28
N LYS C 4875 24.88 -33.97 2.19
CA LYS C 4875 24.98 -32.54 2.38
C LYS C 4875 24.73 -32.11 3.83
N CYS C 4876 24.39 -33.02 4.72
CA CYS C 4876 24.09 -32.61 6.12
C CYS C 4876 24.89 -33.46 7.08
N ASP C 4877 25.92 -34.15 6.62
CA ASP C 4877 26.87 -34.89 7.49
C ASP C 4877 27.63 -33.91 8.39
N ASP C 4878 27.98 -32.72 7.93
CA ASP C 4878 28.69 -31.68 8.72
C ASP C 4878 27.76 -30.49 8.92
N MET C 4879 27.77 -29.86 10.07
CA MET C 4879 26.85 -28.74 10.38
C MET C 4879 27.06 -27.52 9.49
N MET C 4880 28.28 -27.15 9.16
CA MET C 4880 28.57 -26.02 8.25
C MET C 4880 28.07 -26.31 6.86
N THR C 4881 28.23 -27.52 6.35
CA THR C 4881 27.67 -27.89 5.05
C THR C 4881 26.16 -27.82 5.15
N CYS C 4882 25.58 -28.32 6.22
CA CYS C 4882 24.13 -28.31 6.28
C CYS C 4882 23.77 -26.85 6.39
N TYR C 4883 24.61 -26.04 7.01
CA TYR C 4883 24.20 -24.64 7.12
C TYR C 4883 24.38 -23.92 5.80
N LEU C 4884 25.52 -24.14 5.12
CA LEU C 4884 25.74 -23.50 3.84
C LEU C 4884 24.74 -23.99 2.80
N PHE C 4885 24.46 -25.30 2.79
CA PHE C 4885 23.46 -25.84 1.86
C PHE C 4885 22.09 -25.21 2.09
N HIS C 4886 21.69 -25.09 3.36
CA HIS C 4886 20.41 -24.46 3.67
C HIS C 4886 20.38 -23.01 3.18
N MET C 4887 21.39 -22.22 3.58
CA MET C 4887 21.42 -20.81 3.22
C MET C 4887 21.52 -20.59 1.71
N TYR C 4888 21.94 -21.58 0.96
CA TYR C 4888 22.12 -21.32 -0.48
C TYR C 4888 20.89 -21.83 -1.22
N VAL C 4889 20.30 -22.91 -0.76
CA VAL C 4889 19.24 -23.56 -1.54
C VAL C 4889 17.85 -23.18 -1.03
N GLY C 4890 17.63 -23.26 0.28
CA GLY C 4890 16.28 -23.05 0.80
C GLY C 4890 15.76 -21.64 0.57
N VAL C 4891 16.65 -20.65 0.69
CA VAL C 4891 16.23 -19.26 0.51
C VAL C 4891 15.80 -18.99 -0.93
N ARG C 4892 16.58 -19.47 -1.89
CA ARG C 4892 16.34 -19.19 -3.30
C ARG C 4892 15.40 -20.20 -3.96
N ALA C 4893 15.03 -21.28 -3.27
CA ALA C 4893 14.16 -22.28 -3.88
C ALA C 4893 12.78 -21.73 -4.18
N GLY C 4894 12.21 -20.97 -3.24
CA GLY C 4894 10.87 -20.44 -3.39
C GLY C 4894 9.77 -21.37 -2.94
N GLY C 4895 10.09 -22.63 -2.65
CA GLY C 4895 9.10 -23.58 -2.18
C GLY C 4895 9.54 -24.27 -0.89
N GLY C 4896 10.64 -23.81 -0.32
CA GLY C 4896 11.17 -24.38 0.90
C GLY C 4896 12.34 -25.32 0.64
N ILE C 4897 12.89 -25.81 1.75
CA ILE C 4897 14.02 -26.74 1.66
C ILE C 4897 13.56 -28.13 1.24
N GLY C 4898 12.26 -28.41 1.29
CA GLY C 4898 11.77 -29.74 0.95
C GLY C 4898 11.91 -30.10 -0.51
N ASP C 4899 11.96 -29.11 -1.40
CA ASP C 4899 12.09 -29.40 -2.82
C ASP C 4899 13.45 -30.04 -3.13
N GLU C 4900 14.52 -29.53 -2.53
CA GLU C 4900 15.85 -30.04 -2.85
C GLU C 4900 16.10 -31.40 -2.22
N ILE C 4901 15.67 -31.59 -0.97
CA ILE C 4901 15.93 -32.83 -0.25
C ILE C 4901 14.96 -33.91 -0.74
N GLU C 4902 15.26 -35.16 -0.41
CA GLU C 4902 14.45 -36.28 -0.86
C GLU C 4902 13.06 -36.23 -0.24
N ASP C 4903 12.07 -36.63 -1.02
CA ASP C 4903 10.70 -36.64 -0.53
C ASP C 4903 10.52 -37.70 0.55
N PRO C 4904 9.82 -37.38 1.64
CA PRO C 4904 9.59 -38.36 2.73
C PRO C 4904 8.48 -39.35 2.39
N ALA C 4905 8.84 -40.39 1.65
CA ALA C 4905 7.91 -41.43 1.22
C ALA C 4905 8.17 -42.69 2.03
N GLY C 4906 7.27 -43.02 2.93
CA GLY C 4906 7.37 -44.22 3.73
C GLY C 4906 8.29 -44.14 4.92
N ASP C 4907 8.91 -42.98 5.18
CA ASP C 4907 9.81 -42.86 6.30
C ASP C 4907 9.05 -42.82 7.62
N GLU C 4908 9.73 -43.22 8.69
CA GLU C 4908 9.11 -43.19 10.02
C GLU C 4908 8.86 -41.77 10.50
N TYR C 4909 9.56 -40.79 9.95
CA TYR C 4909 9.38 -39.38 10.30
C TYR C 4909 8.61 -38.63 9.22
N GLU C 4910 7.62 -39.28 8.62
CA GLU C 4910 6.86 -38.65 7.53
C GLU C 4910 6.16 -37.38 8.00
N LEU C 4911 5.40 -37.47 9.09
CA LEU C 4911 4.70 -36.30 9.61
C LEU C 4911 5.69 -35.24 10.09
N TYR C 4912 6.77 -35.66 10.76
CA TYR C 4912 7.77 -34.72 11.23
C TYR C 4912 8.44 -34.01 10.07
N ARG C 4913 8.89 -34.68 9.01
CA ARG C 4913 9.47 -33.93 7.88
C ARG C 4913 8.39 -33.05 7.28
N VAL C 4914 7.17 -33.56 7.04
CA VAL C 4914 6.19 -32.69 6.39
C VAL C 4914 6.04 -31.40 7.18
N VAL C 4915 5.93 -31.50 8.50
CA VAL C 4915 5.80 -30.31 9.34
C VAL C 4915 7.05 -29.45 9.23
N PHE C 4916 8.23 -30.07 9.24
CA PHE C 4916 9.48 -29.33 9.10
C PHE C 4916 9.51 -28.57 7.79
N ASP C 4917 9.19 -29.21 6.68
CA ASP C 4917 9.24 -28.53 5.38
C ASP C 4917 8.17 -27.47 5.24
N ILE C 4918 6.98 -27.68 5.78
CA ILE C 4918 5.94 -26.65 5.71
C ILE C 4918 6.33 -25.43 6.55
N THR C 4919 6.81 -25.67 7.77
CA THR C 4919 7.20 -24.56 8.63
C THR C 4919 8.36 -23.78 8.05
N PHE C 4920 9.37 -24.48 7.51
CA PHE C 4920 10.49 -23.78 6.89
C PHE C 4920 10.03 -22.93 5.71
N PHE C 4921 9.25 -23.53 4.80
CA PHE C 4921 8.77 -22.81 3.63
C PHE C 4921 7.99 -21.57 4.05
N PHE C 4922 7.02 -21.73 4.96
CA PHE C 4922 6.24 -20.60 5.42
C PHE C 4922 7.16 -19.53 6.02
N PHE C 4923 7.82 -19.87 7.13
CA PHE C 4923 8.56 -18.87 7.90
C PHE C 4923 9.64 -18.18 7.07
N VAL C 4924 10.19 -18.84 6.06
CA VAL C 4924 11.21 -18.17 5.25
C VAL C 4924 10.56 -17.40 4.12
N ILE C 4925 9.91 -18.10 3.19
CA ILE C 4925 9.44 -17.45 1.96
C ILE C 4925 8.35 -16.43 2.27
N VAL C 4926 7.32 -16.84 3.02
CA VAL C 4926 6.15 -15.98 3.18
C VAL C 4926 6.42 -14.84 4.16
N ILE C 4927 7.41 -14.98 5.04
CA ILE C 4927 7.64 -13.97 6.07
C ILE C 4927 8.99 -13.28 5.88
N LEU C 4928 10.08 -14.04 5.99
CA LEU C 4928 11.40 -13.41 6.10
C LEU C 4928 11.80 -12.73 4.79
N LEU C 4929 11.70 -13.44 3.67
CA LEU C 4929 12.03 -12.83 2.38
C LEU C 4929 11.00 -11.78 2.00
N ALA C 4930 9.72 -12.04 2.28
CA ALA C 4930 8.68 -11.07 1.98
C ALA C 4930 8.88 -9.79 2.78
N ILE C 4931 9.31 -9.90 4.04
CA ILE C 4931 9.55 -8.71 4.85
C ILE C 4931 10.68 -7.88 4.26
N ILE C 4932 11.77 -8.54 3.83
CA ILE C 4932 12.90 -7.80 3.26
C ILE C 4932 12.48 -7.11 1.96
N GLN C 4933 11.77 -7.84 1.09
CA GLN C 4933 11.34 -7.24 -0.17
C GLN C 4933 10.38 -6.08 0.08
N GLY C 4934 9.45 -6.24 1.01
CA GLY C 4934 8.53 -5.17 1.34
C GLY C 4934 9.24 -3.97 1.94
N LEU C 4935 10.29 -4.22 2.75
CA LEU C 4935 11.06 -3.12 3.31
C LEU C 4935 11.77 -2.33 2.23
N ILE C 4936 12.38 -3.03 1.26
CA ILE C 4936 13.06 -2.34 0.17
C ILE C 4936 12.05 -1.54 -0.66
N ILE C 4937 10.92 -2.17 -1.00
CA ILE C 4937 9.91 -1.50 -1.80
C ILE C 4937 9.33 -0.30 -1.07
N ASP C 4938 9.11 -0.44 0.24
CA ASP C 4938 8.58 0.66 1.03
C ASP C 4938 9.58 1.79 1.16
N ALA C 4939 10.87 1.47 1.28
CA ALA C 4939 11.88 2.53 1.29
C ALA C 4939 11.90 3.29 -0.03
N PHE C 4940 11.85 2.57 -1.15
CA PHE C 4940 11.83 3.23 -2.45
C PHE C 4940 10.58 4.10 -2.60
N GLY C 4941 9.42 3.57 -2.22
CA GLY C 4941 8.19 4.34 -2.32
C GLY C 4941 8.18 5.53 -1.39
N GLU C 4942 8.77 5.39 -0.20
CA GLU C 4942 8.86 6.49 0.74
C GLU C 4942 9.76 7.60 0.20
N LEU C 4943 10.88 7.24 -0.42
CA LEU C 4943 11.74 8.25 -1.02
C LEU C 4943 11.03 8.96 -2.17
N ARG C 4944 10.33 8.21 -3.02
CA ARG C 4944 9.60 8.84 -4.11
C ARG C 4944 8.49 9.74 -3.59
N ASP C 4945 7.77 9.31 -2.55
CA ASP C 4945 6.73 10.13 -1.95
C ASP C 4945 7.31 11.36 -1.27
N GLN C 4946 8.49 11.25 -0.68
CA GLN C 4946 9.15 12.43 -0.10
C GLN C 4946 9.49 13.44 -1.18
N GLN C 4947 10.02 12.98 -2.31
CA GLN C 4947 10.31 13.89 -3.42
C GLN C 4947 9.03 14.55 -3.93
N GLU C 4948 7.97 13.75 -4.09
CA GLU C 4948 6.70 14.30 -4.57
C GLU C 4948 6.13 15.31 -3.58
N GLN C 4949 6.25 15.03 -2.29
CA GLN C 4949 5.76 15.96 -1.26
C GLN C 4949 6.58 17.24 -1.25
N VAL C 4950 7.89 17.14 -1.47
CA VAL C 4950 8.72 18.33 -1.57
C VAL C 4950 8.27 19.19 -2.74
N LYS C 4951 8.04 18.55 -3.89
CA LYS C 4951 7.57 19.29 -5.06
C LYS C 4951 6.21 19.93 -4.81
N GLU C 4952 5.29 19.19 -4.18
CA GLU C 4952 3.96 19.73 -3.91
C GLU C 4952 4.02 20.89 -2.94
N ASP C 4953 4.86 20.79 -1.91
CA ASP C 4953 5.02 21.91 -0.98
C ASP C 4953 5.61 23.13 -1.67
N MET C 4954 6.60 22.91 -2.55
CA MET C 4954 7.18 24.04 -3.26
C MET C 4954 6.18 24.72 -4.17
N GLU C 4955 5.35 23.95 -4.88
CA GLU C 4955 4.36 24.54 -5.77
C GLU C 4955 3.06 24.92 -5.06
N THR C 4956 2.95 24.67 -3.76
CA THR C 4956 1.75 25.00 -2.99
C THR C 4956 2.00 26.09 -1.97
N LYS C 4957 3.00 25.93 -1.11
CA LYS C 4957 3.33 26.91 -0.09
C LYS C 4957 4.67 27.55 -0.43
N CYS C 4958 4.70 28.89 -0.46
CA CYS C 4958 5.92 29.59 -0.82
C CYS C 4958 6.98 29.42 0.27
N PHE C 4959 8.24 29.56 -0.13
CA PHE C 4959 9.35 29.27 0.77
C PHE C 4959 9.55 30.38 1.81
N ILE C 4960 9.17 31.61 1.48
CA ILE C 4960 9.56 32.75 2.32
C ILE C 4960 8.72 32.79 3.59
N CYS C 4961 7.40 32.95 3.44
CA CYS C 4961 6.53 33.05 4.61
C CYS C 4961 5.63 31.84 4.80
N GLY C 4962 5.46 31.01 3.77
CA GLY C 4962 4.69 29.79 3.91
C GLY C 4962 3.22 29.98 4.20
N ILE C 4963 2.61 31.03 3.65
CA ILE C 4963 1.18 31.28 3.86
C ILE C 4963 0.37 30.22 3.10
N GLY C 4964 -0.93 30.15 3.41
CA GLY C 4964 -1.76 29.15 2.77
C GLY C 4964 -1.92 29.40 1.28
N SER C 4965 -2.10 28.30 0.53
CA SER C 4965 -2.23 28.41 -0.92
C SER C 4965 -3.58 28.98 -1.31
N ASP C 4966 -4.64 28.65 -0.55
CA ASP C 4966 -5.98 29.13 -0.90
C ASP C 4966 -6.11 30.64 -0.76
N TYR C 4967 -5.39 31.23 0.20
CA TYR C 4967 -5.50 32.67 0.42
C TYR C 4967 -5.08 33.44 -0.82
N PHE C 4968 -3.97 33.05 -1.44
CA PHE C 4968 -3.58 33.62 -2.72
C PHE C 4968 -4.39 33.05 -3.89
N ASP C 4969 -4.97 31.87 -3.71
CA ASP C 4969 -5.76 31.28 -4.79
C ASP C 4969 -7.10 31.99 -4.97
N THR C 4970 -7.56 32.73 -3.96
CA THR C 4970 -8.76 33.52 -4.13
C THR C 4970 -8.59 34.55 -5.23
N THR C 4971 -7.46 35.24 -5.26
CA THR C 4971 -7.08 36.14 -6.33
C THR C 4971 -6.48 35.36 -7.50
N PRO C 4972 -6.96 35.60 -8.72
CA PRO C 4972 -6.41 34.88 -9.87
C PRO C 4972 -4.92 35.13 -10.03
N HIS C 4973 -4.17 34.05 -10.19
CA HIS C 4973 -2.70 34.10 -10.27
C HIS C 4973 -2.09 34.79 -9.04
N GLY C 4974 -2.75 34.63 -7.90
CA GLY C 4974 -2.25 35.25 -6.68
C GLY C 4974 -0.93 34.65 -6.22
N PHE C 4975 -0.84 33.31 -6.24
CA PHE C 4975 0.39 32.65 -5.82
C PHE C 4975 1.53 32.93 -6.80
N GLU C 4976 1.23 32.97 -8.10
CA GLU C 4976 2.27 33.27 -9.07
C GLU C 4976 2.85 34.65 -8.86
N THR C 4977 2.00 35.65 -8.64
CA THR C 4977 2.49 37.00 -8.36
C THR C 4977 3.21 37.06 -7.02
N HIS C 4978 2.73 36.32 -6.03
CA HIS C 4978 3.36 36.29 -4.72
C HIS C 4978 4.76 35.71 -4.76
N THR C 4979 5.01 34.72 -5.63
CA THR C 4979 6.32 34.08 -5.71
C THR C 4979 7.25 34.73 -6.74
N LEU C 4980 6.70 35.36 -7.78
CA LEU C 4980 7.54 35.91 -8.82
C LEU C 4980 8.27 37.17 -8.35
N GLU C 4981 7.56 38.07 -7.68
CA GLU C 4981 8.14 39.35 -7.28
C GLU C 4981 7.96 39.66 -5.80
N GLU C 4982 6.85 39.25 -5.20
CA GLU C 4982 6.59 39.61 -3.80
C GLU C 4982 7.56 38.92 -2.85
N HIS C 4983 7.73 37.61 -3.00
CA HIS C 4983 8.56 36.80 -2.12
C HIS C 4983 9.48 35.90 -2.92
N ASN C 4984 10.13 36.45 -3.93
CA ASN C 4984 11.06 35.68 -4.75
C ASN C 4984 12.37 35.46 -3.99
N LEU C 4985 12.82 34.20 -3.95
CA LEU C 4985 14.11 33.90 -3.33
C LEU C 4985 15.24 34.58 -4.06
N ALA C 4986 15.19 34.60 -5.40
CA ALA C 4986 16.20 35.30 -6.18
C ALA C 4986 16.22 36.79 -5.85
N ASN C 4987 15.05 37.36 -5.53
CA ASN C 4987 15.00 38.77 -5.14
C ASN C 4987 15.79 39.01 -3.86
N TYR C 4988 15.60 38.15 -2.86
CA TYR C 4988 16.37 38.30 -1.62
C TYR C 4988 17.86 38.05 -1.85
N MET C 4989 18.19 37.09 -2.72
CA MET C 4989 19.59 36.84 -3.03
C MET C 4989 20.23 38.06 -3.69
N PHE C 4990 19.55 38.66 -4.66
CA PHE C 4990 20.06 39.87 -5.30
C PHE C 4990 20.13 41.03 -4.34
N PHE C 4991 19.20 41.12 -3.39
CA PHE C 4991 19.30 42.13 -2.34
C PHE C 4991 20.55 41.92 -1.50
N LEU C 4992 20.88 40.66 -1.21
CA LEU C 4992 22.09 40.37 -0.46
C LEU C 4992 23.34 40.80 -1.24
N MET C 4993 23.38 40.51 -2.54
CA MET C 4993 24.49 40.99 -3.36
C MET C 4993 24.57 42.52 -3.34
N TYR C 4994 23.43 43.18 -3.46
CA TYR C 4994 23.41 44.64 -3.50
C TYR C 4994 23.88 45.23 -2.18
N LEU C 4995 23.47 44.63 -1.06
CA LEU C 4995 23.95 45.09 0.25
C LEU C 4995 25.44 44.87 0.39
N ILE C 4996 25.95 43.72 -0.08
CA ILE C 4996 27.38 43.45 0.01
C ILE C 4996 28.17 44.47 -0.81
N ASN C 4997 27.71 44.75 -2.02
CA ASN C 4997 28.44 45.66 -2.90
C ASN C 4997 28.36 47.10 -2.40
N LYS C 4998 27.17 47.54 -1.99
CA LYS C 4998 26.97 48.92 -1.59
C LYS C 4998 27.71 49.22 -0.28
N ASP C 4999 28.26 50.43 -0.19
CA ASP C 4999 28.98 50.85 1.00
C ASP C 4999 28.01 51.10 2.15
N GLU C 5000 28.55 51.07 3.37
CA GLU C 5000 27.74 51.27 4.56
C GLU C 5000 27.17 52.69 4.61
N THR C 5001 27.96 53.68 4.20
CA THR C 5001 27.52 55.07 4.27
C THR C 5001 26.33 55.32 3.35
N GLU C 5002 26.36 54.74 2.15
CA GLU C 5002 25.29 54.96 1.17
C GLU C 5002 24.02 54.15 1.48
N HIS C 5003 24.07 53.24 2.46
CA HIS C 5003 22.91 52.44 2.79
C HIS C 5003 21.78 53.31 3.33
N THR C 5004 20.55 52.97 2.95
CA THR C 5004 19.39 53.68 3.47
C THR C 5004 19.05 53.18 4.87
N GLY C 5005 18.04 53.79 5.49
CA GLY C 5005 17.70 53.41 6.85
C GLY C 5005 17.30 51.95 6.97
N GLN C 5006 16.39 51.49 6.10
CA GLN C 5006 16.02 50.09 6.10
C GLN C 5006 17.19 49.21 5.72
N GLU C 5007 17.98 49.62 4.73
CA GLU C 5007 19.15 48.85 4.31
C GLU C 5007 20.19 48.79 5.42
N SER C 5008 20.45 49.92 6.09
CA SER C 5008 21.39 49.93 7.20
C SER C 5008 20.91 49.04 8.33
N TYR C 5009 19.61 49.11 8.65
CA TYR C 5009 19.05 48.27 9.71
C TYR C 5009 19.20 46.79 9.37
N VAL C 5010 18.87 46.41 8.14
CA VAL C 5010 18.93 45.01 7.76
C VAL C 5010 20.37 44.53 7.72
N TRP C 5011 21.31 45.40 7.31
CA TRP C 5011 22.72 45.00 7.30
C TRP C 5011 23.26 44.82 8.71
N LYS C 5012 22.97 45.77 9.60
CA LYS C 5012 23.45 45.69 10.97
C LYS C 5012 22.87 44.46 11.67
N MET C 5013 21.60 44.17 11.45
CA MET C 5013 20.98 43.00 12.06
C MET C 5013 21.37 41.70 11.37
N TYR C 5014 21.84 41.76 10.12
CA TYR C 5014 22.40 40.58 9.49
C TYR C 5014 23.78 40.26 10.06
N GLN C 5015 24.57 41.30 10.36
CA GLN C 5015 25.83 41.06 11.04
C GLN C 5015 25.60 40.53 12.46
N GLU C 5016 24.40 40.72 13.00
CA GLU C 5016 24.03 40.11 14.27
C GLU C 5016 23.64 38.65 14.15
N ARG C 5017 23.51 38.15 12.92
CA ARG C 5017 23.25 36.73 12.64
C ARG C 5017 21.91 36.28 13.25
N CYS C 5018 20.93 37.16 13.29
CA CYS C 5018 19.60 36.85 13.81
C CYS C 5018 18.57 37.15 12.74
N TRP C 5019 17.89 36.11 12.26
CA TRP C 5019 17.01 36.23 11.10
C TRP C 5019 15.54 36.36 11.46
N ASP C 5020 15.14 37.45 12.11
CA ASP C 5020 13.73 37.76 12.26
C ASP C 5020 13.26 38.89 11.33
N PHE C 5021 14.09 39.30 10.37
CA PHE C 5021 13.68 40.31 9.42
C PHE C 5021 12.86 39.76 8.27
N PHE C 5022 12.68 38.44 8.21
CA PHE C 5022 11.85 37.84 7.17
C PHE C 5022 10.38 38.17 7.42
N PRO C 5023 9.55 38.09 6.38
CA PRO C 5023 8.10 38.34 6.58
C PRO C 5023 7.47 37.42 7.61
N ALA C 5024 7.95 36.18 7.71
CA ALA C 5024 7.55 35.24 8.78
C ALA C 5024 6.06 34.95 8.65
N GLY C 5025 5.22 35.39 9.60
CA GLY C 5025 3.84 34.98 9.59
C GLY C 5025 3.04 35.52 8.42
N ASP C 5026 3.19 36.81 8.12
CA ASP C 5026 2.34 37.49 7.15
C ASP C 5026 3.17 38.27 6.15
N CYS C 5027 2.50 38.79 5.14
CA CYS C 5027 3.09 39.59 4.07
C CYS C 5027 2.33 40.92 3.94
N PHE C 5028 2.64 41.65 2.87
CA PHE C 5028 1.99 42.95 2.65
C PHE C 5028 0.50 42.80 2.41
N ARG C 5029 0.10 41.76 1.66
CA ARG C 5029 -1.30 41.58 1.32
C ARG C 5029 -2.16 41.35 2.57
N LYS C 5030 -1.67 40.53 3.50
CA LYS C 5030 -2.42 40.25 4.72
C LYS C 5030 -2.49 41.49 5.62
N GLN C 5031 -1.40 42.27 5.68
CA GLN C 5031 -1.35 43.40 6.59
C GLN C 5031 -2.36 44.48 6.18
N TYR C 5032 -2.48 44.74 4.88
CA TYR C 5032 -3.31 45.84 4.37
C TYR C 5032 -4.27 45.31 3.31
N GLU C 5033 -4.96 44.22 3.63
CA GLU C 5033 -5.92 43.63 2.71
C GLU C 5033 -7.06 44.61 2.39
N ASP C 5034 -7.56 45.32 3.40
CA ASP C 5034 -8.63 46.28 3.17
C ASP C 5034 -8.16 47.41 2.26
N GLN C 5035 -6.95 47.92 2.49
CA GLN C 5035 -6.42 48.99 1.65
C GLN C 5035 -6.15 48.49 0.24
N LEU C 5036 -5.64 47.27 0.09
CA LEU C 5036 -5.35 46.72 -1.23
C LEU C 5036 -6.62 46.23 -1.92
N PHE D 4174 20.03 28.88 40.36
CA PHE D 4174 19.50 27.55 40.68
C PHE D 4174 18.67 27.01 39.53
N ARG D 4175 19.25 27.05 38.33
CA ARG D 4175 18.54 26.56 37.15
C ARG D 4175 18.18 25.08 37.23
N PRO D 4176 19.08 24.16 37.58
CA PRO D 4176 18.69 22.74 37.62
C PRO D 4176 18.06 22.31 38.94
N TYR D 4177 18.05 23.17 39.95
CA TYR D 4177 17.46 22.85 41.24
C TYR D 4177 16.09 23.49 41.43
N LEU D 4178 15.52 24.06 40.36
CA LEU D 4178 14.22 24.69 40.40
C LEU D 4178 13.32 24.05 39.35
N GLY D 4179 12.11 23.68 39.76
CA GLY D 4179 11.15 23.06 38.86
C GLY D 4179 9.89 23.89 38.77
N ARG D 4180 9.35 24.01 37.55
CA ARG D 4180 8.14 24.77 37.29
C ARG D 4180 7.07 23.82 36.78
N ILE D 4181 5.91 23.84 37.41
CA ILE D 4181 4.77 23.03 37.00
C ILE D 4181 3.52 23.91 37.00
N GLU D 4182 2.54 23.51 36.18
CA GLU D 4182 1.29 24.26 36.04
C GLU D 4182 0.14 23.35 36.46
N ILE D 4183 -0.70 23.85 37.36
CA ILE D 4183 -1.87 23.12 37.84
C ILE D 4183 -3.08 24.07 37.86
N MET D 4184 -4.26 23.50 37.66
CA MET D 4184 -5.50 24.25 37.83
C MET D 4184 -5.99 24.12 39.26
N GLY D 4185 -6.25 25.26 39.90
CA GLY D 4185 -6.66 25.25 41.29
C GLY D 4185 -8.12 25.59 41.52
N ALA D 4186 -8.44 26.05 42.73
CA ALA D 4186 -9.82 26.40 43.05
C ALA D 4186 -10.30 27.60 42.24
N SER D 4187 -9.37 28.44 41.78
CA SER D 4187 -9.72 29.62 41.00
C SER D 4187 -10.18 29.28 39.58
N ARG D 4188 -10.20 27.99 39.22
CA ARG D 4188 -10.60 27.50 37.91
C ARG D 4188 -9.71 28.00 36.79
N ARG D 4189 -8.50 28.44 37.11
CA ARG D 4189 -7.55 28.94 36.11
C ARG D 4189 -6.20 28.30 36.36
N ILE D 4190 -5.40 28.22 35.29
CA ILE D 4190 -4.05 27.66 35.39
C ILE D 4190 -3.20 28.57 36.27
N GLU D 4191 -2.25 27.96 36.98
CA GLU D 4191 -1.39 28.71 37.91
C GLU D 4191 -0.08 27.95 38.04
N ARG D 4192 1.03 28.59 37.67
CA ARG D 4192 2.34 27.97 37.79
C ARG D 4192 2.93 28.25 39.16
N ILE D 4193 3.49 27.21 39.78
CA ILE D 4193 4.10 27.31 41.10
C ILE D 4193 5.51 26.77 41.02
N TYR D 4194 6.35 27.20 41.96
CA TYR D 4194 7.76 26.86 41.99
C TYR D 4194 8.05 26.02 43.24
N PHE D 4195 8.76 24.91 43.05
CA PHE D 4195 9.14 24.03 44.14
C PHE D 4195 10.62 23.67 44.01
N GLU D 4196 11.27 23.49 45.16
CA GLU D 4196 12.68 23.19 45.18
C GLU D 4196 12.92 21.74 44.76
N ILE D 4197 13.87 21.54 43.86
CA ILE D 4197 14.23 20.21 43.37
C ILE D 4197 15.60 19.86 43.95
N SER D 4198 15.64 18.80 44.76
CA SER D 4198 16.91 18.33 45.29
C SER D 4198 17.70 17.61 44.21
N GLU D 4199 19.03 17.62 44.36
CA GLU D 4199 19.89 16.99 43.37
C GLU D 4199 19.72 15.48 43.35
N THR D 4200 19.35 14.88 44.49
CA THR D 4200 19.21 13.42 44.55
C THR D 4200 18.08 12.94 43.65
N ASN D 4201 16.95 13.65 43.64
CA ASN D 4201 15.82 13.23 42.82
C ASN D 4201 16.15 13.30 41.34
N ARG D 4202 16.82 14.38 40.91
CA ARG D 4202 17.18 14.52 39.51
C ARG D 4202 18.29 13.56 39.12
N ALA D 4203 19.15 13.17 40.07
CA ALA D 4203 20.23 12.25 39.78
C ALA D 4203 19.69 10.87 39.39
N GLN D 4204 18.69 10.38 40.13
CA GLN D 4204 18.15 9.05 39.86
C GLN D 4204 17.36 8.99 38.56
N TRP D 4205 16.98 10.14 38.00
CA TRP D 4205 16.22 10.18 36.76
C TRP D 4205 17.06 9.81 35.54
N GLU D 4206 18.39 9.81 35.67
CA GLU D 4206 19.28 9.58 34.54
C GLU D 4206 19.65 8.10 34.34
N MET D 4207 19.15 7.20 35.19
CA MET D 4207 19.42 5.78 35.00
C MET D 4207 18.78 5.29 33.70
N PRO D 4208 19.48 4.45 32.94
CA PRO D 4208 18.87 3.93 31.69
C PRO D 4208 17.61 3.13 31.92
N GLN D 4209 17.50 2.43 33.06
CA GLN D 4209 16.32 1.61 33.31
C GLN D 4209 15.06 2.45 33.42
N VAL D 4210 15.11 3.53 34.22
CA VAL D 4210 13.94 4.38 34.37
C VAL D 4210 13.63 5.11 33.08
N LYS D 4211 14.65 5.48 32.30
CA LYS D 4211 14.39 6.12 31.02
C LYS D 4211 13.70 5.16 30.05
N GLU D 4212 14.15 3.90 30.00
CA GLU D 4212 13.50 2.91 29.14
C GLU D 4212 12.07 2.66 29.60
N SER D 4213 11.84 2.59 30.91
CA SER D 4213 10.49 2.43 31.42
C SER D 4213 9.61 3.61 31.03
N LYS D 4214 10.17 4.82 31.07
CA LYS D 4214 9.43 6.01 30.66
C LYS D 4214 9.05 5.94 29.18
N ARG D 4215 10.02 5.61 28.32
CA ARG D 4215 9.72 5.51 26.90
C ARG D 4215 8.65 4.45 26.63
N GLN D 4216 8.74 3.32 27.33
CA GLN D 4216 7.72 2.28 27.20
C GLN D 4216 6.36 2.81 27.64
N PHE D 4217 6.33 3.60 28.72
CA PHE D 4217 5.07 4.12 29.22
C PHE D 4217 4.40 5.05 28.21
N ILE D 4218 5.14 6.03 27.68
CA ILE D 4218 4.55 6.90 26.67
C ILE D 4218 4.16 6.12 25.42
N PHE D 4219 4.99 5.18 25.00
CA PHE D 4219 4.64 4.37 23.82
C PHE D 4219 3.31 3.65 24.04
N ASP D 4220 3.16 3.01 25.18
CA ASP D 4220 1.95 2.24 25.47
C ASP D 4220 0.73 3.14 25.57
N VAL D 4221 0.86 4.29 26.25
CA VAL D 4221 -0.32 5.14 26.43
C VAL D 4221 -0.72 5.80 25.12
N VAL D 4222 0.24 6.18 24.27
CA VAL D 4222 -0.13 6.78 22.99
C VAL D 4222 -0.73 5.73 22.06
N ASN D 4223 -0.19 4.50 22.09
CA ASN D 4223 -0.77 3.43 21.27
C ASN D 4223 -2.18 3.10 21.71
N GLU D 4224 -2.41 3.04 23.02
CA GLU D 4224 -3.75 2.74 23.54
C GLU D 4224 -4.75 3.85 23.19
N GLY D 4225 -4.31 5.11 23.29
CA GLY D 4225 -5.21 6.22 23.01
C GLY D 4225 -6.22 6.51 24.10
N GLY D 4226 -5.97 6.07 25.32
CA GLY D 4226 -6.88 6.30 26.42
C GLY D 4226 -6.75 7.67 27.04
N GLU D 4227 -7.27 8.69 26.35
CA GLU D 4227 -7.17 10.05 26.86
C GLU D 4227 -7.94 10.23 28.17
N ALA D 4228 -9.09 9.55 28.29
CA ALA D 4228 -9.87 9.67 29.51
C ALA D 4228 -9.12 9.13 30.73
N GLU D 4229 -8.42 8.01 30.56
CA GLU D 4229 -7.65 7.39 31.63
C GLU D 4229 -6.17 7.73 31.54
N LYS D 4230 -5.80 8.75 30.75
CA LYS D 4230 -4.40 9.09 30.58
C LYS D 4230 -3.78 9.57 31.89
N MET D 4231 -4.51 10.37 32.66
CA MET D 4231 -3.98 10.89 33.92
C MET D 4231 -3.77 9.77 34.94
N GLU D 4232 -4.70 8.80 34.99
CA GLU D 4232 -4.52 7.67 35.89
C GLU D 4232 -3.29 6.86 35.51
N LEU D 4233 -3.08 6.63 34.21
CA LEU D 4233 -1.88 5.94 33.76
C LEU D 4233 -0.63 6.72 34.11
N PHE D 4234 -0.67 8.05 33.98
CA PHE D 4234 0.49 8.86 34.35
C PHE D 4234 0.79 8.77 35.84
N VAL D 4235 -0.25 8.78 36.67
CA VAL D 4235 -0.05 8.64 38.11
C VAL D 4235 0.54 7.27 38.45
N SER D 4236 0.03 6.22 37.79
CA SER D 4236 0.60 4.89 38.00
C SER D 4236 2.06 4.83 37.58
N PHE D 4237 2.39 5.46 36.45
CA PHE D 4237 3.78 5.52 36.01
C PHE D 4237 4.64 6.28 37.01
N CYS D 4238 4.12 7.37 37.57
CA CYS D 4238 4.87 8.11 38.57
C CYS D 4238 5.15 7.26 39.80
N GLU D 4239 4.14 6.53 40.28
CA GLU D 4239 4.35 5.65 41.43
C GLU D 4239 5.36 4.55 41.11
N ASP D 4240 5.28 3.99 39.90
CA ASP D 4240 6.25 2.99 39.49
C ASP D 4240 7.66 3.57 39.46
N THR D 4241 7.80 4.82 39.03
CA THR D 4241 9.12 5.46 39.04
C THR D 4241 9.61 5.65 40.47
N ILE D 4242 8.73 6.06 41.39
CA ILE D 4242 9.15 6.18 42.79
C ILE D 4242 9.68 4.85 43.30
N PHE D 4243 8.96 3.76 43.01
CA PHE D 4243 9.40 2.45 43.46
C PHE D 4243 10.71 2.04 42.79
N GLU D 4244 10.87 2.34 41.51
CA GLU D 4244 12.11 2.00 40.81
C GLU D 4244 13.31 2.72 41.40
N MET D 4245 13.17 4.02 41.67
CA MET D 4245 14.29 4.75 42.24
C MET D 4245 14.56 4.39 43.69
N GLN D 4246 13.53 4.04 44.46
CA GLN D 4246 13.82 3.57 45.83
C GLN D 4246 14.53 2.22 45.79
N ILE D 4247 14.14 1.35 44.86
CA ILE D 4247 14.86 0.08 44.69
C ILE D 4247 16.31 0.34 44.31
N ALA D 4248 16.53 1.26 43.36
CA ALA D 4248 17.90 1.63 43.00
C ALA D 4248 18.67 2.19 44.19
N ALA D 4249 17.98 2.90 45.08
CA ALA D 4249 18.62 3.38 46.30
C ALA D 4249 19.05 2.22 47.19
N GLN D 4250 18.20 1.21 47.35
CA GLN D 4250 18.61 0.04 48.14
C GLN D 4250 19.79 -0.68 47.50
N ILE D 4251 19.76 -0.85 46.17
CA ILE D 4251 20.83 -1.59 45.50
C ILE D 4251 22.06 -0.73 45.24
N SER D 4252 21.99 0.58 45.51
CA SER D 4252 23.14 1.44 45.30
C SER D 4252 24.27 1.09 46.27
N GLU D 4253 25.49 1.10 45.76
CA GLU D 4253 26.66 0.78 46.57
C GLU D 4253 26.99 1.91 47.53
N THR D 4323 39.09 -19.91 3.82
CA THR D 4323 38.20 -20.99 3.41
C THR D 4323 36.77 -20.74 3.89
N ALA D 4324 36.01 -21.82 4.05
CA ALA D 4324 34.64 -21.70 4.53
C ALA D 4324 34.59 -21.17 5.95
N ARG D 4325 35.52 -21.61 6.80
CA ARG D 4325 35.53 -21.15 8.18
C ARG D 4325 35.85 -19.67 8.29
N GLU D 4326 36.68 -19.14 7.38
CA GLU D 4326 36.94 -17.70 7.37
C GLU D 4326 35.67 -16.92 7.07
N ALA D 4327 34.89 -17.38 6.08
CA ALA D 4327 33.62 -16.72 5.78
C ALA D 4327 32.65 -16.84 6.94
N ALA D 4328 32.62 -18.00 7.61
CA ALA D 4328 31.77 -18.16 8.78
C ALA D 4328 32.15 -17.20 9.89
N THR D 4329 33.45 -17.04 10.14
CA THR D 4329 33.91 -16.08 11.15
C THR D 4329 33.53 -14.67 10.78
N ALA D 4330 33.70 -14.29 9.50
CA ALA D 4330 33.34 -12.95 9.07
C ALA D 4330 31.85 -12.68 9.24
N LEU D 4331 31.01 -13.66 8.85
CA LEU D 4331 29.58 -13.49 9.00
C LEU D 4331 29.17 -13.40 10.46
N ALA D 4332 29.77 -14.24 11.31
CA ALA D 4332 29.46 -14.19 12.74
C ALA D 4332 29.86 -12.86 13.34
N ALA D 4333 31.04 -12.34 12.97
CA ALA D 4333 31.48 -11.05 13.48
C ALA D 4333 30.56 -9.94 13.02
N LEU D 4334 30.13 -9.97 11.75
CA LEU D 4334 29.23 -8.94 11.25
C LEU D 4334 27.89 -9.00 11.99
N LEU D 4335 27.36 -10.21 12.19
CA LEU D 4335 26.09 -10.35 12.89
C LEU D 4335 26.20 -9.87 14.34
N TRP D 4336 27.25 -10.33 15.02
CA TRP D 4336 27.37 -9.97 16.45
C TRP D 4336 27.40 -8.45 16.57
N ALA D 4337 28.15 -7.80 15.70
CA ALA D 4337 28.30 -6.36 15.72
C ALA D 4337 26.98 -5.64 15.81
N VAL D 4338 26.05 -5.95 14.92
CA VAL D 4338 24.80 -5.23 14.94
C VAL D 4338 24.04 -5.59 16.21
N VAL D 4339 23.95 -6.88 16.53
CA VAL D 4339 23.33 -7.30 17.77
C VAL D 4339 23.93 -6.54 18.92
N ALA D 4340 25.24 -6.39 18.90
CA ALA D 4340 25.92 -5.62 19.92
C ALA D 4340 25.34 -4.23 19.98
N ARG D 4341 25.60 -3.44 18.94
CA ARG D 4341 25.09 -2.07 18.90
C ARG D 4341 23.74 -1.98 19.57
N TRP D 4541 26.64 -15.65 60.19
CA TRP D 4541 25.44 -15.11 60.80
C TRP D 4541 25.08 -13.76 60.20
N GLY D 4542 25.21 -12.71 61.00
CA GLY D 4542 24.92 -11.37 60.51
C GLY D 4542 25.87 -10.93 59.41
N GLU D 4543 27.17 -11.22 59.58
CA GLU D 4543 28.15 -10.88 58.55
C GLU D 4543 27.87 -11.65 57.26
N LEU D 4544 27.48 -12.93 57.38
CA LEU D 4544 27.13 -13.70 56.20
C LEU D 4544 25.91 -13.11 55.49
N GLU D 4545 24.91 -12.67 56.26
CA GLU D 4545 23.75 -12.03 55.66
C GLU D 4545 24.12 -10.73 54.95
N VAL D 4546 25.00 -9.94 55.57
CA VAL D 4546 25.44 -8.70 54.94
C VAL D 4546 26.19 -8.99 53.64
N GLN D 4547 27.06 -10.00 53.66
CA GLN D 4547 27.77 -10.37 52.43
C GLN D 4547 26.81 -10.85 51.36
N ARG D 4548 25.80 -11.65 51.74
CA ARG D 4548 24.83 -12.15 50.77
C ARG D 4548 24.02 -11.01 50.16
N VAL D 4549 23.57 -10.06 50.98
CA VAL D 4549 22.78 -8.96 50.42
C VAL D 4549 23.65 -8.03 49.59
N LYS D 4550 24.93 -7.88 49.95
CA LYS D 4550 25.84 -7.09 49.11
C LYS D 4550 26.05 -7.76 47.76
N PHE D 4551 26.22 -9.09 47.74
CA PHE D 4551 26.37 -9.81 46.49
C PHE D 4551 25.11 -9.70 45.65
N LEU D 4552 23.94 -9.79 46.28
CA LEU D 4552 22.68 -9.67 45.57
C LEU D 4552 22.53 -8.27 44.97
N ASN D 4553 22.89 -7.24 45.73
CA ASN D 4553 22.85 -5.88 45.21
C ASN D 4553 23.81 -5.69 44.05
N TYR D 4554 25.00 -6.30 44.14
CA TYR D 4554 25.95 -6.23 43.04
C TYR D 4554 25.38 -6.89 41.80
N LEU D 4555 24.73 -8.04 41.96
CA LEU D 4555 24.08 -8.69 40.82
C LEU D 4555 22.99 -7.82 40.23
N SER D 4556 22.19 -7.17 41.09
CA SER D 4556 21.10 -6.33 40.61
C SER D 4556 21.62 -5.08 39.90
N ARG D 4557 22.79 -4.57 40.30
CA ARG D 4557 23.30 -3.34 39.71
C ARG D 4557 23.56 -3.49 38.22
N ASN D 4558 24.16 -4.60 37.82
CA ASN D 4558 24.45 -4.87 36.40
C ASN D 4558 23.66 -6.11 36.00
N PHE D 4559 22.41 -5.90 35.60
CA PHE D 4559 21.56 -6.97 35.10
C PHE D 4559 21.44 -6.98 33.59
N TYR D 4560 21.33 -5.80 32.97
CA TYR D 4560 21.36 -5.72 31.51
C TYR D 4560 22.72 -6.15 30.98
N THR D 4561 23.79 -5.77 31.68
CA THR D 4561 25.13 -6.23 31.31
C THR D 4561 25.24 -7.75 31.43
N LEU D 4562 24.62 -8.32 32.47
CA LEU D 4562 24.61 -9.76 32.63
C LEU D 4562 23.86 -10.43 31.48
N ARG D 4563 22.74 -9.84 31.07
CA ARG D 4563 22.01 -10.39 29.92
C ARG D 4563 22.82 -10.30 28.64
N PHE D 4564 23.55 -9.19 28.46
CA PHE D 4564 24.41 -9.05 27.29
C PHE D 4564 25.51 -10.10 27.30
N LEU D 4565 26.10 -10.36 28.48
CA LEU D 4565 27.13 -11.39 28.58
C LEU D 4565 26.55 -12.77 28.28
N ALA D 4566 25.33 -13.04 28.76
CA ALA D 4566 24.67 -14.31 28.45
C ALA D 4566 24.43 -14.45 26.96
N LEU D 4567 24.00 -13.36 26.31
CA LEU D 4567 23.79 -13.39 24.87
C LEU D 4567 25.10 -13.64 24.13
N PHE D 4568 26.19 -13.01 24.57
CA PHE D 4568 27.49 -13.25 23.96
C PHE D 4568 27.93 -14.70 24.13
N LEU D 4569 27.71 -15.25 25.32
CA LEU D 4569 28.06 -16.65 25.55
C LEU D 4569 27.25 -17.58 24.67
N ALA D 4570 25.95 -17.31 24.53
CA ALA D 4570 25.10 -18.14 23.66
C ALA D 4570 25.54 -18.03 22.21
N PHE D 4571 25.87 -16.82 21.75
CA PHE D 4571 26.34 -16.64 20.38
C PHE D 4571 27.64 -17.39 20.14
N ALA D 4572 28.58 -17.31 21.10
CA ALA D 4572 29.83 -18.02 20.96
C ALA D 4572 29.60 -19.54 20.93
N ILE D 4573 28.72 -20.03 21.80
CA ILE D 4573 28.43 -21.47 21.81
C ILE D 4573 27.83 -21.91 20.49
N ASN D 4574 26.89 -21.12 19.95
CA ASN D 4574 26.28 -21.46 18.67
C ASN D 4574 27.30 -21.42 17.54
N PHE D 4575 28.22 -20.47 17.58
CA PHE D 4575 29.29 -20.44 16.58
C PHE D 4575 30.18 -21.67 16.69
N ILE D 4576 30.48 -22.10 17.91
CA ILE D 4576 31.27 -23.32 18.10
C ILE D 4576 30.53 -24.53 17.56
N LEU D 4577 29.21 -24.58 17.79
CA LEU D 4577 28.41 -25.72 17.35
C LEU D 4577 28.39 -25.88 15.83
N LEU D 4578 28.71 -24.82 15.08
CA LEU D 4578 28.71 -24.91 13.63
C LEU D 4578 29.80 -25.83 13.10
N PHE D 4579 30.78 -26.19 13.93
CA PHE D 4579 31.88 -27.05 13.52
C PHE D 4579 31.62 -28.52 13.82
N TYR D 4580 30.43 -28.87 14.30
CA TYR D 4580 30.13 -30.25 14.63
C TYR D 4580 30.04 -31.10 13.37
N LYS D 4581 30.49 -32.35 13.49
CA LYS D 4581 30.45 -33.31 12.40
C LYS D 4581 29.98 -34.65 12.95
N VAL D 4582 29.41 -35.46 12.05
CA VAL D 4582 28.88 -36.77 12.41
C VAL D 4582 29.55 -37.83 11.54
N SER D 4583 29.81 -38.99 12.13
CA SER D 4583 30.41 -40.10 11.42
C SER D 4583 30.20 -41.37 12.23
N ASP D 4584 30.10 -42.50 11.53
CA ASP D 4584 29.91 -43.78 12.19
C ASP D 4584 31.17 -44.19 12.96
N SER D 4585 32.34 -43.90 12.41
CA SER D 4585 33.59 -44.29 13.05
C SER D 4585 33.82 -43.47 14.33
N PRO D 4586 34.47 -44.05 15.32
CA PRO D 4586 34.79 -43.29 16.53
C PRO D 4586 35.70 -42.13 16.20
N PRO D 4587 35.59 -41.02 16.94
CA PRO D 4587 36.41 -39.81 16.78
C PRO D 4587 37.90 -40.11 16.69
N ASN D 4626 26.45 -47.22 15.94
CA ASN D 4626 25.45 -46.16 15.84
C ASN D 4626 26.10 -44.84 15.45
N MET D 4627 25.27 -43.82 15.21
CA MET D 4627 25.79 -42.51 14.83
C MET D 4627 26.53 -41.89 16.01
N VAL D 4628 27.69 -41.31 15.71
CA VAL D 4628 28.53 -40.68 16.73
C VAL D 4628 28.80 -39.24 16.29
N TYR D 4629 28.53 -38.29 17.20
CA TYR D 4629 28.76 -36.88 16.95
C TYR D 4629 30.08 -36.47 17.59
N TYR D 4630 31.01 -35.97 16.79
CA TYR D 4630 32.31 -35.54 17.26
C TYR D 4630 32.62 -34.17 16.67
N PHE D 4631 33.80 -33.64 17.01
CA PHE D 4631 34.23 -32.33 16.55
C PHE D 4631 35.32 -32.48 15.50
N LEU D 4632 35.17 -31.78 14.38
CA LEU D 4632 36.15 -31.83 13.31
C LEU D 4632 37.47 -31.23 13.78
N GLU D 4633 38.58 -31.80 13.30
CA GLU D 4633 39.91 -31.35 13.69
C GLU D 4633 40.15 -29.92 13.20
N GLU D 4634 40.26 -28.98 14.14
CA GLU D 4634 40.51 -27.59 13.82
C GLU D 4634 41.98 -27.26 14.00
N SER D 4635 42.38 -26.12 13.44
CA SER D 4635 43.77 -25.68 13.55
C SER D 4635 44.16 -25.39 14.99
N THR D 4636 43.27 -24.73 15.74
CA THR D 4636 43.58 -24.38 17.12
C THR D 4636 43.65 -25.63 18.01
N GLY D 4637 42.64 -26.50 17.91
CA GLY D 4637 42.59 -27.71 18.70
C GLY D 4637 42.04 -27.55 20.09
N TYR D 4638 41.67 -26.35 20.51
CA TYR D 4638 41.10 -26.10 21.82
C TYR D 4638 39.58 -25.97 21.78
N MET D 4639 38.95 -26.56 20.75
CA MET D 4639 37.53 -26.31 20.51
C MET D 4639 36.65 -26.93 21.60
N GLU D 4640 36.87 -28.21 21.91
CA GLU D 4640 36.01 -28.90 22.87
C GLU D 4640 36.10 -28.32 24.27
N PRO D 4641 37.30 -28.11 24.87
CA PRO D 4641 37.33 -27.48 26.19
C PRO D 4641 36.74 -26.08 26.19
N ALA D 4642 36.93 -25.32 25.11
CA ALA D 4642 36.33 -24.00 25.02
C ALA D 4642 34.81 -24.08 25.04
N LEU D 4643 34.25 -25.03 24.30
CA LEU D 4643 32.80 -25.20 24.28
C LEU D 4643 32.29 -25.61 25.66
N TRP D 4644 33.00 -26.53 26.34
CA TRP D 4644 32.58 -26.96 27.66
C TRP D 4644 32.59 -25.81 28.65
N CYS D 4645 33.68 -25.03 28.65
CA CYS D 4645 33.77 -23.88 29.55
C CYS D 4645 32.69 -22.86 29.22
N LEU D 4646 32.45 -22.59 27.94
CA LEU D 4646 31.44 -21.62 27.54
C LEU D 4646 30.06 -22.05 28.01
N SER D 4647 29.76 -23.34 27.89
CA SER D 4647 28.49 -23.84 28.42
C SER D 4647 28.41 -23.66 29.94
N LEU D 4648 29.52 -23.91 30.64
CA LEU D 4648 29.52 -23.74 32.09
C LEU D 4648 29.23 -22.30 32.49
N LEU D 4649 29.94 -21.33 31.90
CA LEU D 4649 29.66 -19.94 32.24
C LEU D 4649 28.30 -19.50 31.71
N HIS D 4650 27.78 -20.11 30.64
CA HIS D 4650 26.44 -19.79 30.20
C HIS D 4650 25.40 -20.19 31.24
N THR D 4651 25.53 -21.40 31.79
CA THR D 4651 24.62 -21.82 32.85
C THR D 4651 24.76 -20.93 34.08
N LEU D 4652 26.01 -20.62 34.46
CA LEU D 4652 26.23 -19.78 35.63
C LEU D 4652 25.63 -18.39 35.44
N VAL D 4653 25.81 -17.80 34.26
CA VAL D 4653 25.29 -16.46 34.00
C VAL D 4653 23.78 -16.49 33.88
N ALA D 4654 23.19 -17.59 33.40
CA ALA D 4654 21.74 -17.70 33.40
C ALA D 4654 21.20 -17.71 34.82
N PHE D 4655 21.84 -18.47 35.70
CA PHE D 4655 21.43 -18.47 37.11
C PHE D 4655 21.58 -17.08 37.72
N LEU D 4656 22.71 -16.41 37.44
CA LEU D 4656 22.92 -15.06 37.97
C LEU D 4656 21.87 -14.09 37.45
N CYS D 4657 21.51 -14.21 36.16
CA CYS D 4657 20.51 -13.33 35.57
C CYS D 4657 19.13 -13.55 36.21
N ILE D 4658 18.77 -14.81 36.45
CA ILE D 4658 17.46 -15.07 37.06
C ILE D 4658 17.45 -14.56 38.49
N ILE D 4659 18.57 -14.68 39.22
CA ILE D 4659 18.64 -14.15 40.57
C ILE D 4659 18.53 -12.63 40.55
N GLY D 4660 19.22 -11.98 39.61
CA GLY D 4660 19.16 -10.53 39.51
C GLY D 4660 17.77 -10.04 39.15
N TYR D 4661 17.07 -10.75 38.26
CA TYR D 4661 15.70 -10.39 37.93
C TYR D 4661 14.79 -10.57 39.14
N ASN D 4662 14.98 -11.66 39.90
CA ASN D 4662 14.17 -11.87 41.09
C ASN D 4662 14.41 -10.77 42.12
N CYS D 4663 15.63 -10.27 42.23
CA CYS D 4663 15.95 -9.26 43.23
C CYS D 4663 15.78 -7.83 42.72
N LEU D 4664 15.51 -7.62 41.43
CA LEU D 4664 15.44 -6.28 40.88
C LEU D 4664 14.07 -5.92 40.33
N LYS D 4665 13.53 -6.71 39.42
CA LYS D 4665 12.27 -6.38 38.77
C LYS D 4665 11.05 -7.08 39.37
N VAL D 4666 11.27 -8.20 40.06
CA VAL D 4666 10.14 -8.88 40.72
C VAL D 4666 9.47 -8.00 41.76
N PRO D 4667 10.18 -7.27 42.63
CA PRO D 4667 9.48 -6.36 43.55
C PRO D 4667 8.65 -5.31 42.84
N LEU D 4668 9.07 -4.87 41.64
CA LEU D 4668 8.29 -3.87 40.92
C LEU D 4668 6.91 -4.41 40.55
N VAL D 4669 6.86 -5.62 39.98
CA VAL D 4669 5.57 -6.20 39.61
C VAL D 4669 4.78 -6.59 40.86
N ILE D 4670 5.47 -6.97 41.94
CA ILE D 4670 4.77 -7.26 43.19
C ILE D 4670 4.07 -6.01 43.70
N PHE D 4671 4.77 -4.87 43.67
CA PHE D 4671 4.18 -3.61 44.11
C PHE D 4671 3.05 -3.18 43.17
N LYS D 4672 3.20 -3.41 41.87
CA LYS D 4672 2.14 -3.05 40.93
C LYS D 4672 0.87 -3.84 41.22
N ARG D 4673 1.00 -5.16 41.41
CA ARG D 4673 -0.17 -5.98 41.74
C ARG D 4673 -0.75 -5.58 43.08
N GLU D 4674 0.08 -5.29 44.09
CA GLU D 4674 -0.46 -4.89 45.42
C GLU D 4674 -1.19 -3.55 45.32
N LYS D 4675 -0.66 -2.60 44.53
CA LYS D 4675 -1.38 -1.34 44.36
C LYS D 4675 -2.69 -1.54 43.62
N GLU D 4676 -2.70 -2.38 42.59
CA GLU D 4676 -3.94 -2.65 41.86
C GLU D 4676 -4.97 -3.26 42.78
N LEU D 4677 -4.56 -4.24 43.60
CA LEU D 4677 -5.49 -4.86 44.54
C LEU D 4677 -6.00 -3.85 45.56
N ALA D 4678 -5.11 -3.01 46.09
CA ALA D 4678 -5.53 -2.03 47.09
C ALA D 4678 -6.53 -1.04 46.51
N ARG D 4679 -6.24 -0.53 45.31
CA ARG D 4679 -7.15 0.41 44.67
C ARG D 4679 -8.50 -0.25 44.38
N LYS D 4680 -8.48 -1.48 43.88
CA LYS D 4680 -9.74 -2.16 43.57
C LYS D 4680 -10.57 -2.37 44.84
N LEU D 4681 -9.92 -2.82 45.91
CA LEU D 4681 -10.64 -3.06 47.16
C LEU D 4681 -11.18 -1.76 47.76
N GLU D 4682 -10.41 -0.67 47.66
CA GLU D 4682 -10.81 0.59 48.28
C GLU D 4682 -11.93 1.27 47.50
N PHE D 4683 -11.84 1.28 46.17
CA PHE D 4683 -12.72 2.10 45.36
C PHE D 4683 -13.75 1.33 44.55
N ASP D 4684 -13.76 -0.01 44.63
CA ASP D 4684 -14.71 -0.80 43.86
C ASP D 4684 -15.41 -1.88 44.66
N GLY D 4685 -14.87 -2.29 45.80
CA GLY D 4685 -15.45 -3.37 46.56
C GLY D 4685 -15.44 -4.68 45.79
N LEU D 4686 -14.30 -5.00 45.19
CA LEU D 4686 -14.20 -6.20 44.35
C LEU D 4686 -14.50 -7.47 45.15
N TYR D 4687 -14.10 -7.49 46.42
CA TYR D 4687 -14.35 -8.64 47.29
C TYR D 4687 -15.39 -8.35 48.37
N ILE D 4688 -15.26 -7.22 49.06
CA ILE D 4688 -16.17 -6.91 50.17
C ILE D 4688 -17.56 -6.62 49.64
N THR D 4689 -17.66 -5.78 48.61
CA THR D 4689 -18.95 -5.32 48.11
C THR D 4689 -19.45 -6.10 46.90
N GLU D 4690 -18.67 -7.04 46.38
CA GLU D 4690 -19.06 -7.80 45.21
C GLU D 4690 -18.25 -9.08 45.14
N GLN D 4691 -18.59 -9.91 44.16
CA GLN D 4691 -17.88 -11.15 43.93
C GLN D 4691 -16.62 -10.89 43.09
N PRO D 4692 -15.60 -11.74 43.23
CA PRO D 4692 -14.40 -11.57 42.38
C PRO D 4692 -14.69 -11.65 40.90
N GLY D 4693 -15.66 -12.46 40.50
CA GLY D 4693 -16.04 -12.61 39.11
C GLY D 4693 -15.60 -13.94 38.53
N ASP D 4694 -15.80 -14.08 37.23
CA ASP D 4694 -15.46 -15.28 36.49
C ASP D 4694 -14.43 -14.96 35.43
N ASP D 4695 -13.68 -16.00 35.03
CA ASP D 4695 -12.62 -15.89 34.03
C ASP D 4695 -11.55 -14.88 34.40
N ASP D 4696 -11.27 -14.73 35.70
CA ASP D 4696 -10.25 -13.80 36.19
C ASP D 4696 -9.32 -14.59 37.11
N VAL D 4697 -8.25 -15.14 36.53
CA VAL D 4697 -7.29 -15.92 37.31
C VAL D 4697 -6.61 -15.04 38.35
N LYS D 4698 -6.21 -13.83 37.95
CA LYS D 4698 -5.55 -12.92 38.89
C LYS D 4698 -6.46 -12.54 40.05
N GLY D 4699 -7.73 -12.27 39.76
CA GLY D 4699 -8.65 -11.90 40.83
C GLY D 4699 -8.92 -13.04 41.79
N GLN D 4700 -9.13 -14.24 41.27
CA GLN D 4700 -9.38 -15.40 42.12
C GLN D 4700 -8.16 -15.76 42.95
N TRP D 4701 -6.98 -15.72 42.34
CA TRP D 4701 -5.75 -16.06 43.07
C TRP D 4701 -5.46 -15.02 44.15
N ASP D 4702 -5.81 -13.77 43.87
CA ASP D 4702 -5.50 -12.65 44.79
C ASP D 4702 -6.32 -12.80 46.07
N ARG D 4703 -7.18 -13.81 46.13
CA ARG D 4703 -8.09 -13.96 47.30
C ARG D 4703 -7.24 -14.18 48.56
N LEU D 4704 -6.13 -14.88 48.43
CA LEU D 4704 -5.32 -15.22 49.63
C LEU D 4704 -4.62 -13.99 50.20
N VAL D 4705 -4.20 -13.04 49.37
CA VAL D 4705 -3.38 -11.92 49.93
C VAL D 4705 -4.17 -11.18 51.01
N LEU D 4706 -5.49 -11.10 50.86
CA LEU D 4706 -6.31 -10.28 51.77
C LEU D 4706 -6.14 -10.69 53.22
N ASN D 4707 -6.15 -11.99 53.50
CA ASN D 4707 -6.07 -12.46 54.91
C ASN D 4707 -4.64 -12.30 55.42
N THR D 4708 -3.70 -11.95 54.55
CA THR D 4708 -2.27 -11.91 54.95
C THR D 4708 -2.09 -10.92 56.10
N PRO D 4709 -1.20 -11.19 57.07
CA PRO D 4709 -0.89 -10.20 58.11
C PRO D 4709 -0.11 -9.06 57.46
N SER D 4710 0.33 -9.26 56.21
CA SER D 4710 1.09 -8.22 55.46
C SER D 4710 0.54 -8.09 54.04
N PHE D 4711 -0.74 -7.76 53.89
CA PHE D 4711 -1.29 -7.70 52.51
C PHE D 4711 -0.52 -6.65 51.76
N PRO D 4712 -0.26 -5.44 52.33
CA PRO D 4712 0.57 -4.46 51.67
C PRO D 4712 1.99 -4.68 52.17
N SER D 4713 2.90 -5.09 51.29
CA SER D 4713 4.32 -5.26 51.68
C SER D 4713 5.22 -4.39 50.79
N ASN D 4714 4.84 -4.21 49.53
CA ASN D 4714 5.66 -3.43 48.57
C ASN D 4714 4.89 -2.18 48.14
N TYR D 4715 3.71 -1.96 48.74
CA TYR D 4715 2.92 -0.75 48.43
C TYR D 4715 3.04 0.20 49.62
N TRP D 4716 3.06 1.51 49.38
CA TRP D 4716 3.29 2.49 50.47
C TRP D 4716 2.19 2.46 51.53
N ASP D 4717 0.93 2.33 51.12
CA ASP D 4717 -0.17 2.42 52.07
C ASP D 4717 -0.19 1.13 52.88
N LYS D 4718 0.46 1.17 54.05
CA LYS D 4718 0.57 0.00 54.91
C LYS D 4718 -0.68 -0.26 55.74
N PHE D 4719 -1.66 0.65 55.72
CA PHE D 4719 -2.88 0.51 56.50
C PHE D 4719 -4.10 0.63 55.58
N VAL D 4720 -4.06 -0.10 54.48
CA VAL D 4720 -5.17 -0.12 53.52
C VAL D 4720 -6.42 -0.71 54.17
N THR D 4766 14.26 -16.68 64.52
CA THR D 4766 12.95 -16.06 64.41
C THR D 4766 12.57 -15.86 62.95
N TRP D 4767 13.42 -16.35 62.05
CA TRP D 4767 13.15 -16.22 60.61
C TRP D 4767 11.91 -17.00 60.22
N LEU D 4768 11.75 -18.22 60.76
CA LEU D 4768 10.58 -19.03 60.43
C LEU D 4768 9.29 -18.38 60.92
N MET D 4769 9.31 -17.83 62.13
CA MET D 4769 8.11 -17.20 62.67
C MET D 4769 7.77 -15.92 61.92
N SER D 4770 8.79 -15.15 61.54
CA SER D 4770 8.55 -13.89 60.83
C SER D 4770 7.92 -14.12 59.47
N ILE D 4771 8.38 -15.16 58.75
CA ILE D 4771 7.85 -15.43 57.42
C ILE D 4771 6.43 -15.96 57.52
N ASP D 4772 5.54 -15.41 56.70
CA ASP D 4772 4.15 -15.85 56.66
C ASP D 4772 3.95 -16.75 55.45
N VAL D 4773 3.45 -17.97 55.69
CA VAL D 4773 3.35 -18.97 54.64
C VAL D 4773 2.41 -18.49 53.53
N LYS D 4774 1.23 -18.00 53.88
CA LYS D 4774 0.26 -17.61 52.87
C LYS D 4774 0.82 -16.50 51.98
N TYR D 4775 1.50 -15.52 52.58
CA TYR D 4775 2.14 -14.48 51.80
C TYR D 4775 3.21 -15.04 50.88
N GLN D 4776 3.96 -16.05 51.34
CA GLN D 4776 5.02 -16.63 50.53
C GLN D 4776 4.47 -17.32 49.29
N ILE D 4777 3.46 -18.20 49.46
CA ILE D 4777 2.86 -18.83 48.28
C ILE D 4777 2.15 -17.81 47.40
N TRP D 4778 1.51 -16.79 47.97
CA TRP D 4778 0.91 -15.75 47.14
C TRP D 4778 1.97 -15.05 46.28
N LYS D 4779 3.07 -14.61 46.91
CA LYS D 4779 4.12 -13.92 46.16
C LYS D 4779 4.71 -14.82 45.09
N PHE D 4780 4.97 -16.08 45.43
CA PHE D 4780 5.45 -17.02 44.43
C PHE D 4780 4.47 -17.16 43.27
N GLY D 4781 3.17 -17.16 43.57
CA GLY D 4781 2.18 -17.16 42.51
C GLY D 4781 2.28 -15.95 41.62
N VAL D 4782 2.66 -14.79 42.18
CA VAL D 4782 2.89 -13.61 41.36
C VAL D 4782 4.10 -13.82 40.45
N ILE D 4783 5.20 -14.36 40.98
CA ILE D 4783 6.44 -14.46 40.21
C ILE D 4783 6.29 -15.44 39.04
N PHE D 4784 5.81 -16.65 39.30
CA PHE D 4784 5.73 -17.65 38.24
C PHE D 4784 4.65 -17.35 37.21
N THR D 4785 3.79 -16.37 37.47
CA THR D 4785 2.81 -15.94 36.47
C THR D 4785 3.31 -14.80 35.60
N ASP D 4786 4.51 -14.28 35.87
CA ASP D 4786 5.06 -13.18 35.09
C ASP D 4786 5.64 -13.68 33.78
N ASN D 4787 5.44 -12.90 32.72
CA ASN D 4787 5.93 -13.29 31.40
C ASN D 4787 7.46 -13.28 31.35
N SER D 4788 8.08 -12.21 31.87
CA SER D 4788 9.54 -12.12 31.83
C SER D 4788 10.17 -13.18 32.72
N PHE D 4789 9.60 -13.44 33.90
CA PHE D 4789 10.13 -14.49 34.76
C PHE D 4789 9.98 -15.86 34.10
N LEU D 4790 8.86 -16.09 33.42
CA LEU D 4790 8.68 -17.35 32.71
C LEU D 4790 9.70 -17.49 31.58
N TYR D 4791 9.96 -16.41 30.84
CA TYR D 4791 10.96 -16.45 29.78
C TYR D 4791 12.35 -16.74 30.34
N LEU D 4792 12.70 -16.12 31.46
CA LEU D 4792 14.00 -16.38 32.07
C LEU D 4792 14.10 -17.79 32.62
N GLY D 4793 13.00 -18.32 33.16
CA GLY D 4793 13.00 -19.72 33.57
C GLY D 4793 13.16 -20.68 32.40
N TRP D 4794 12.53 -20.35 31.26
CA TRP D 4794 12.74 -21.14 30.05
C TRP D 4794 14.20 -21.07 29.60
N TYR D 4795 14.80 -19.88 29.69
CA TYR D 4795 16.22 -19.75 29.37
C TYR D 4795 17.07 -20.63 30.28
N MET D 4796 16.76 -20.62 31.58
CA MET D 4796 17.52 -21.43 32.53
C MET D 4796 17.37 -22.92 32.26
N VAL D 4797 16.14 -23.36 31.98
CA VAL D 4797 15.93 -24.78 31.72
C VAL D 4797 16.58 -25.20 30.40
N MET D 4798 16.58 -24.33 29.39
CA MET D 4798 17.29 -24.63 28.16
C MET D 4798 18.79 -24.71 28.39
N SER D 4799 19.33 -23.81 29.22
CA SER D 4799 20.76 -23.89 29.56
C SER D 4799 21.08 -25.19 30.29
N LEU D 4800 20.20 -25.61 31.20
CA LEU D 4800 20.41 -26.88 31.89
C LEU D 4800 20.35 -28.06 30.93
N LEU D 4801 19.41 -28.03 29.99
CA LEU D 4801 19.28 -29.11 29.01
C LEU D 4801 20.45 -29.13 28.03
N GLY D 4802 21.09 -27.98 27.79
CA GLY D 4802 22.21 -27.92 26.89
C GLY D 4802 23.40 -28.76 27.30
N HIS D 4803 23.51 -29.09 28.59
CA HIS D 4803 24.58 -29.97 29.04
C HIS D 4803 24.32 -31.41 28.61
N TYR D 4804 23.06 -31.84 28.60
CA TYR D 4804 22.74 -33.18 28.10
C TYR D 4804 23.05 -33.30 26.61
N ASN D 4805 22.72 -32.28 25.83
CA ASN D 4805 23.02 -32.24 24.41
C ASN D 4805 23.38 -30.81 24.05
N ASN D 4806 24.58 -30.61 23.49
CA ASN D 4806 25.06 -29.27 23.20
C ASN D 4806 24.22 -28.56 22.14
N PHE D 4807 23.48 -29.31 21.32
CA PHE D 4807 22.65 -28.69 20.30
C PHE D 4807 21.41 -28.01 20.88
N PHE D 4808 21.11 -28.24 22.16
CA PHE D 4808 19.98 -27.57 22.81
C PHE D 4808 20.25 -26.11 23.09
N PHE D 4809 21.50 -25.65 22.95
CA PHE D 4809 21.84 -24.25 23.17
C PHE D 4809 21.34 -23.34 22.06
N ALA D 4810 20.87 -23.90 20.95
CA ALA D 4810 20.36 -23.08 19.85
C ALA D 4810 19.08 -22.35 20.21
N ALA D 4811 18.38 -22.77 21.27
CA ALA D 4811 17.18 -22.08 21.68
C ALA D 4811 17.47 -20.68 22.21
N HIS D 4812 18.68 -20.47 22.73
CA HIS D 4812 19.05 -19.16 23.25
C HIS D 4812 19.25 -18.12 22.15
N LEU D 4813 19.31 -18.54 20.89
CA LEU D 4813 19.45 -17.58 19.79
C LEU D 4813 18.21 -16.72 19.60
N LEU D 4814 17.08 -17.10 20.19
CA LEU D 4814 15.86 -16.30 20.08
C LEU D 4814 15.95 -14.99 20.85
N ASP D 4815 16.92 -14.84 21.75
CA ASP D 4815 17.09 -13.59 22.47
C ASP D 4815 17.46 -12.43 21.55
N ILE D 4816 18.04 -12.73 20.39
CA ILE D 4816 18.26 -11.70 19.38
C ILE D 4816 16.93 -11.11 18.92
N ALA D 4817 15.94 -11.97 18.70
CA ALA D 4817 14.63 -11.50 18.24
C ALA D 4817 13.96 -10.63 19.29
N MET D 4818 14.05 -11.02 20.56
CA MET D 4818 13.41 -10.25 21.63
C MET D 4818 14.16 -8.96 21.92
N GLY D 4819 15.50 -9.02 21.88
CA GLY D 4819 16.28 -7.83 22.21
C GLY D 4819 16.13 -6.71 21.20
N VAL D 4820 16.16 -7.04 19.90
CA VAL D 4820 16.06 -6.03 18.86
C VAL D 4820 14.60 -5.61 18.71
N LYS D 4821 14.37 -4.30 18.66
CA LYS D 4821 13.01 -3.79 18.51
C LYS D 4821 12.40 -4.19 17.17
N THR D 4822 13.20 -4.13 16.11
CA THR D 4822 12.70 -4.51 14.78
C THR D 4822 12.33 -5.99 14.74
N LEU D 4823 13.18 -6.84 15.31
CA LEU D 4823 12.89 -8.28 15.31
C LEU D 4823 11.70 -8.59 16.23
N ARG D 4824 11.58 -7.88 17.35
CA ARG D 4824 10.41 -8.04 18.19
C ARG D 4824 9.13 -7.64 17.48
N THR D 4825 9.19 -6.55 16.71
CA THR D 4825 8.04 -6.16 15.90
C THR D 4825 7.72 -7.21 14.85
N ILE D 4826 8.75 -7.79 14.23
CA ILE D 4826 8.54 -8.84 13.24
C ILE D 4826 7.84 -10.04 13.87
N LEU D 4827 8.29 -10.44 15.06
CA LEU D 4827 7.64 -11.55 15.76
C LEU D 4827 6.20 -11.21 16.13
N SER D 4828 5.96 -9.99 16.63
CA SER D 4828 4.62 -9.59 17.03
C SER D 4828 3.67 -9.45 15.85
N SER D 4829 4.20 -9.22 14.65
CA SER D 4829 3.34 -9.12 13.47
C SER D 4829 2.62 -10.43 13.20
N VAL D 4830 3.25 -11.56 13.54
CA VAL D 4830 2.61 -12.86 13.31
C VAL D 4830 1.36 -13.00 14.18
N THR D 4831 1.45 -12.61 15.44
CA THR D 4831 0.34 -12.73 16.38
C THR D 4831 -0.60 -11.52 16.37
N HIS D 4832 -0.26 -10.47 15.63
CA HIS D 4832 -1.13 -9.30 15.56
C HIS D 4832 -2.47 -9.65 14.91
N ASN D 4833 -2.44 -10.46 13.86
CA ASN D 4833 -3.66 -10.89 13.18
C ASN D 4833 -3.84 -12.40 13.33
N GLY D 4834 -3.65 -12.90 14.55
CA GLY D 4834 -3.68 -14.34 14.77
C GLY D 4834 -5.02 -14.96 14.43
N LYS D 4835 -6.12 -14.29 14.80
CA LYS D 4835 -7.44 -14.83 14.51
C LYS D 4835 -7.69 -14.87 13.00
N GLN D 4836 -7.36 -13.78 12.30
CA GLN D 4836 -7.55 -13.75 10.85
C GLN D 4836 -6.64 -14.76 10.16
N LEU D 4837 -5.39 -14.89 10.64
CA LEU D 4837 -4.49 -15.88 10.05
C LEU D 4837 -5.01 -17.29 10.26
N VAL D 4838 -5.54 -17.59 11.45
CA VAL D 4838 -6.09 -18.92 11.72
C VAL D 4838 -7.30 -19.18 10.82
N MET D 4839 -8.17 -18.18 10.66
CA MET D 4839 -9.34 -18.34 9.79
C MET D 4839 -8.91 -18.58 8.35
N THR D 4840 -7.89 -17.86 7.88
CA THR D 4840 -7.41 -18.05 6.51
C THR D 4840 -6.78 -19.43 6.34
N VAL D 4841 -6.03 -19.90 7.34
CA VAL D 4841 -5.45 -21.23 7.27
C VAL D 4841 -6.55 -22.29 7.24
N GLY D 4842 -7.60 -22.11 8.04
CA GLY D 4842 -8.72 -23.04 7.99
C GLY D 4842 -9.42 -23.04 6.65
N LEU D 4843 -9.61 -21.87 6.06
CA LEU D 4843 -10.21 -21.79 4.73
C LEU D 4843 -9.34 -22.47 3.69
N LEU D 4844 -8.03 -22.27 3.77
CA LEU D 4844 -7.11 -22.96 2.86
C LEU D 4844 -7.20 -24.47 3.04
N ALA D 4845 -7.27 -24.94 4.29
CA ALA D 4845 -7.40 -26.38 4.53
C ALA D 4845 -8.69 -26.92 3.97
N VAL D 4846 -9.79 -26.19 4.10
CA VAL D 4846 -11.07 -26.63 3.55
C VAL D 4846 -11.01 -26.69 2.03
N VAL D 4847 -10.40 -25.68 1.41
CA VAL D 4847 -10.27 -25.66 -0.05
C VAL D 4847 -9.43 -26.83 -0.52
N VAL D 4848 -8.31 -27.09 0.15
CA VAL D 4848 -7.45 -28.20 -0.22
C VAL D 4848 -8.17 -29.53 -0.03
N TYR D 4849 -8.99 -29.63 1.03
CA TYR D 4849 -9.76 -30.84 1.24
C TYR D 4849 -10.77 -31.06 0.13
N LEU D 4850 -11.43 -29.99 -0.31
CA LEU D 4850 -12.37 -30.12 -1.42
C LEU D 4850 -11.67 -30.55 -2.70
N TYR D 4851 -10.50 -29.95 -2.99
CA TYR D 4851 -9.75 -30.34 -4.17
C TYR D 4851 -9.27 -31.79 -4.07
N THR D 4852 -8.89 -32.23 -2.88
CA THR D 4852 -8.52 -33.62 -2.66
C THR D 4852 -9.70 -34.55 -2.88
N VAL D 4853 -10.90 -34.13 -2.45
CA VAL D 4853 -12.11 -34.92 -2.70
C VAL D 4853 -12.32 -35.08 -4.20
N VAL D 4854 -12.20 -33.98 -4.93
CA VAL D 4854 -12.40 -34.04 -6.39
C VAL D 4854 -11.36 -34.94 -7.04
N ALA D 4855 -10.09 -34.80 -6.64
CA ALA D 4855 -9.03 -35.61 -7.22
C ALA D 4855 -9.22 -37.10 -6.91
N PHE D 4856 -9.61 -37.42 -5.67
CA PHE D 4856 -9.84 -38.81 -5.29
C PHE D 4856 -11.02 -39.40 -6.06
N ASN D 4857 -12.05 -38.59 -6.29
CA ASN D 4857 -13.23 -39.09 -6.98
C ASN D 4857 -13.02 -39.24 -8.49
N PHE D 4858 -12.21 -38.38 -9.09
CA PHE D 4858 -12.16 -38.35 -10.56
C PHE D 4858 -10.75 -38.48 -11.13
N PHE D 4859 -9.74 -38.01 -10.42
CA PHE D 4859 -8.38 -37.91 -10.96
C PHE D 4859 -7.39 -38.75 -10.17
N ARG D 4860 -7.78 -40.00 -9.84
CA ARG D 4860 -6.90 -40.87 -9.07
C ARG D 4860 -5.70 -41.34 -9.89
N LYS D 4861 -5.90 -41.57 -11.20
CA LYS D 4861 -4.85 -42.17 -12.02
C LYS D 4861 -3.72 -41.20 -12.35
N PHE D 4862 -3.87 -39.92 -12.07
CA PHE D 4862 -2.85 -38.92 -12.39
C PHE D 4862 -1.86 -38.69 -11.26
N TYR D 4863 -1.98 -39.41 -10.16
CA TYR D 4863 -1.16 -39.18 -8.97
C TYR D 4863 -0.07 -40.25 -8.80
N ASN D 4864 0.51 -40.71 -9.91
CA ASN D 4864 1.61 -41.67 -9.85
C ASN D 4864 2.92 -40.91 -9.82
N LYS D 4865 3.68 -41.06 -8.73
CA LYS D 4865 4.92 -40.33 -8.51
C LYS D 4865 6.14 -41.24 -8.59
N SER D 4866 6.04 -42.38 -9.24
CA SER D 4866 7.14 -43.32 -9.38
C SER D 4866 7.57 -43.40 -10.83
N GLU D 4867 8.86 -43.17 -11.08
CA GLU D 4867 9.37 -43.28 -12.45
C GLU D 4867 9.29 -44.71 -12.96
N ASP D 4868 9.63 -45.68 -12.10
CA ASP D 4868 9.56 -47.08 -12.48
C ASP D 4868 8.12 -47.56 -12.45
N GLU D 4869 7.69 -48.24 -13.51
CA GLU D 4869 6.32 -48.75 -13.59
C GLU D 4869 6.13 -50.06 -12.86
N ASP D 4870 7.21 -50.69 -12.39
CA ASP D 4870 7.07 -51.95 -11.66
C ASP D 4870 6.32 -51.76 -10.35
N GLU D 4871 6.62 -50.70 -9.62
CA GLU D 4871 5.98 -50.40 -8.34
C GLU D 4871 5.49 -48.95 -8.37
N PRO D 4872 4.33 -48.71 -8.95
CA PRO D 4872 3.79 -47.34 -9.00
C PRO D 4872 3.55 -46.79 -7.59
N ASP D 4873 3.87 -45.50 -7.43
CA ASP D 4873 3.69 -44.82 -6.14
C ASP D 4873 2.39 -44.01 -6.22
N MET D 4874 1.28 -44.71 -6.04
CA MET D 4874 -0.04 -44.07 -6.08
C MET D 4874 -0.20 -43.17 -4.86
N LYS D 4875 -0.22 -41.86 -5.09
CA LYS D 4875 -0.34 -40.89 -4.01
C LYS D 4875 -1.78 -40.50 -3.70
N CYS D 4876 -2.75 -40.99 -4.45
CA CYS D 4876 -4.16 -40.57 -4.20
C CYS D 4876 -5.04 -41.80 -4.09
N ASP D 4877 -4.47 -42.98 -3.87
CA ASP D 4877 -5.23 -44.22 -3.58
C ASP D 4877 -5.97 -44.08 -2.25
N ASP D 4878 -5.40 -43.42 -1.23
CA ASP D 4878 -6.05 -43.20 0.08
C ASP D 4878 -6.32 -41.71 0.25
N MET D 4879 -7.43 -41.33 0.85
CA MET D 4879 -7.81 -39.90 0.99
C MET D 4879 -6.84 -39.10 1.85
N MET D 4880 -6.34 -39.65 2.95
CA MET D 4880 -5.35 -38.97 3.80
C MET D 4880 -4.05 -38.74 3.06
N THR D 4881 -3.58 -39.71 2.28
CA THR D 4881 -2.39 -39.51 1.45
C THR D 4881 -2.69 -38.43 0.43
N CYS D 4882 -3.86 -38.48 -0.18
CA CYS D 4882 -4.12 -37.48 -1.21
C CYS D 4882 -4.21 -36.17 -0.46
N TYR D 4883 -4.67 -36.20 0.78
CA TYR D 4883 -4.77 -34.91 1.46
C TYR D 4883 -3.40 -34.42 1.92
N LEU D 4884 -2.59 -35.32 2.48
CA LEU D 4884 -1.26 -34.93 2.92
C LEU D 4884 -0.39 -34.53 1.72
N PHE D 4885 -0.48 -35.29 0.62
CA PHE D 4885 0.28 -34.94 -0.59
C PHE D 4885 -0.12 -33.57 -1.11
N HIS D 4886 -1.42 -33.28 -1.15
CA HIS D 4886 -1.88 -31.97 -1.58
C HIS D 4886 -1.33 -30.87 -0.69
N MET D 4887 -1.55 -31.00 0.63
CA MET D 4887 -1.13 -29.97 1.56
C MET D 4887 0.38 -29.79 1.59
N TYR D 4888 1.14 -30.74 1.11
CA TYR D 4888 2.61 -30.59 1.23
C TYR D 4888 3.14 -30.08 -0.10
N VAL D 4889 2.55 -30.49 -1.20
CA VAL D 4889 3.14 -30.19 -2.50
C VAL D 4889 2.47 -29.00 -3.18
N GLY D 4890 1.14 -28.98 -3.21
CA GLY D 4890 0.44 -27.94 -3.97
C GLY D 4890 0.66 -26.55 -3.41
N VAL D 4891 0.72 -26.44 -2.08
CA VAL D 4891 0.89 -25.13 -1.45
C VAL D 4891 2.27 -24.56 -1.77
N ARG D 4892 3.31 -25.38 -1.66
CA ARG D 4892 4.68 -24.92 -1.84
C ARG D 4892 5.16 -24.97 -3.29
N ALA D 4893 4.37 -25.54 -4.20
CA ALA D 4893 4.81 -25.65 -5.58
C ALA D 4893 4.94 -24.28 -6.24
N GLY D 4894 3.97 -23.40 -6.01
CA GLY D 4894 3.95 -22.09 -6.62
C GLY D 4894 3.31 -22.05 -7.99
N GLY D 4895 3.02 -23.20 -8.59
CA GLY D 4895 2.37 -23.25 -9.88
C GLY D 4895 1.13 -24.12 -9.87
N GLY D 4896 0.73 -24.58 -8.68
CA GLY D 4896 -0.43 -25.43 -8.53
C GLY D 4896 -0.05 -26.90 -8.37
N ILE D 4897 -1.09 -27.70 -8.17
CA ILE D 4897 -0.89 -29.14 -8.00
C ILE D 4897 -0.59 -29.82 -9.33
N GLY D 4898 -0.84 -29.14 -10.46
CA GLY D 4898 -0.64 -29.75 -11.76
C GLY D 4898 0.81 -30.01 -12.11
N ASP D 4899 1.74 -29.27 -11.51
CA ASP D 4899 3.15 -29.48 -11.80
C ASP D 4899 3.63 -30.86 -11.30
N GLU D 4900 3.21 -31.26 -10.10
CA GLU D 4900 3.68 -32.51 -9.54
C GLU D 4900 3.03 -33.72 -10.21
N ILE D 4901 1.73 -33.64 -10.48
CA ILE D 4901 1.00 -34.76 -11.05
C ILE D 4901 1.30 -34.86 -12.54
N GLU D 4902 0.95 -36.00 -13.15
CA GLU D 4902 1.24 -36.22 -14.55
C GLU D 4902 0.43 -35.28 -15.43
N ASP D 4903 1.04 -34.85 -16.53
CA ASP D 4903 0.37 -33.95 -17.45
C ASP D 4903 -0.77 -34.66 -18.16
N PRO D 4904 -1.94 -34.03 -18.29
CA PRO D 4904 -3.08 -34.65 -18.99
C PRO D 4904 -2.95 -34.59 -20.51
N ALA D 4905 -2.21 -35.56 -21.06
CA ALA D 4905 -1.96 -35.64 -22.49
C ALA D 4905 -2.78 -36.80 -23.05
N GLY D 4906 -3.82 -36.47 -23.81
CA GLY D 4906 -4.65 -37.47 -24.46
C GLY D 4906 -5.70 -38.12 -23.58
N ASP D 4907 -5.81 -37.71 -22.31
CA ASP D 4907 -6.80 -38.31 -21.43
C ASP D 4907 -8.20 -37.84 -21.78
N GLU D 4908 -9.18 -38.66 -21.43
CA GLU D 4908 -10.58 -38.31 -21.67
C GLU D 4908 -11.03 -37.13 -20.82
N TYR D 4909 -10.34 -36.85 -19.71
CA TYR D 4909 -10.65 -35.73 -18.83
C TYR D 4909 -9.65 -34.59 -19.01
N GLU D 4910 -9.22 -34.34 -20.25
CA GLU D 4910 -8.23 -33.30 -20.51
C GLU D 4910 -8.74 -31.93 -20.08
N LEU D 4911 -9.92 -31.55 -20.55
CA LEU D 4911 -10.48 -30.25 -20.17
C LEU D 4911 -10.77 -30.18 -18.68
N TYR D 4912 -11.31 -31.27 -18.11
CA TYR D 4912 -11.58 -31.30 -16.68
C TYR D 4912 -10.30 -31.17 -15.86
N ARG D 4913 -9.23 -31.89 -16.14
CA ARG D 4913 -8.00 -31.67 -15.36
C ARG D 4913 -7.51 -30.25 -15.62
N VAL D 4914 -7.46 -29.78 -16.86
CA VAL D 4914 -6.92 -28.44 -17.06
C VAL D 4914 -7.66 -27.44 -16.18
N VAL D 4915 -9.00 -27.53 -16.16
CA VAL D 4915 -9.79 -26.63 -15.32
C VAL D 4915 -9.47 -26.84 -13.85
N PHE D 4916 -9.34 -28.10 -13.43
CA PHE D 4916 -8.99 -28.40 -12.04
C PHE D 4916 -7.66 -27.78 -11.68
N ASP D 4917 -6.64 -27.97 -12.49
CA ASP D 4917 -5.30 -27.43 -12.16
C ASP D 4917 -5.27 -25.91 -12.22
N ILE D 4918 -5.99 -25.29 -13.16
CA ILE D 4918 -6.01 -23.83 -13.20
C ILE D 4918 -6.74 -23.26 -11.98
N THR D 4919 -7.89 -23.84 -11.64
CA THR D 4919 -8.65 -23.35 -10.48
C THR D 4919 -7.86 -23.53 -9.19
N PHE D 4920 -7.22 -24.69 -9.02
CA PHE D 4920 -6.42 -24.91 -7.82
C PHE D 4920 -5.29 -23.91 -7.73
N PHE D 4921 -4.52 -23.75 -8.81
CA PHE D 4921 -3.39 -22.83 -8.81
C PHE D 4921 -3.86 -21.42 -8.48
N PHE D 4922 -4.90 -20.93 -9.16
CA PHE D 4922 -5.41 -19.60 -8.89
C PHE D 4922 -5.84 -19.49 -7.42
N PHE D 4923 -6.85 -20.26 -7.02
CA PHE D 4923 -7.46 -20.08 -5.71
C PHE D 4923 -6.47 -20.26 -4.58
N VAL D 4924 -5.42 -21.05 -4.77
CA VAL D 4924 -4.45 -21.22 -3.69
C VAL D 4924 -3.37 -20.14 -3.77
N ILE D 4925 -2.58 -20.14 -4.85
CA ILE D 4925 -1.41 -19.28 -4.90
C ILE D 4925 -1.82 -17.81 -4.95
N VAL D 4926 -2.72 -17.45 -5.86
CA VAL D 4926 -3.01 -16.04 -6.09
C VAL D 4926 -3.88 -15.45 -4.99
N ILE D 4927 -4.62 -16.28 -4.26
CA ILE D 4927 -5.57 -15.77 -3.27
C ILE D 4927 -5.16 -16.17 -1.85
N LEU D 4928 -5.15 -17.48 -1.58
CA LEU D 4928 -5.04 -17.93 -0.19
C LEU D 4928 -3.66 -17.62 0.39
N LEU D 4929 -2.60 -18.00 -0.31
CA LEU D 4929 -1.25 -17.70 0.17
C LEU D 4929 -0.98 -16.21 0.10
N ALA D 4930 -1.44 -15.55 -0.96
CA ALA D 4930 -1.25 -14.11 -1.08
C ALA D 4930 -1.95 -13.36 0.05
N ILE D 4931 -3.14 -13.82 0.44
CA ILE D 4931 -3.86 -13.17 1.53
C ILE D 4931 -3.08 -13.30 2.84
N ILE D 4932 -2.53 -14.49 3.11
CA ILE D 4932 -1.77 -14.68 4.35
C ILE D 4932 -0.52 -13.82 4.35
N GLN D 4933 0.21 -13.81 3.24
CA GLN D 4933 1.42 -13.00 3.16
C GLN D 4933 1.11 -11.51 3.30
N GLY D 4934 0.04 -11.06 2.64
CA GLY D 4934 -0.37 -9.67 2.77
C GLY D 4934 -0.81 -9.32 4.17
N LEU D 4935 -1.47 -10.27 4.86
CA LEU D 4935 -1.88 -10.03 6.24
C LEU D 4935 -0.67 -9.87 7.14
N ILE D 4936 0.35 -10.73 6.98
CA ILE D 4936 1.55 -10.62 7.80
C ILE D 4936 2.27 -9.31 7.51
N ILE D 4937 2.41 -8.96 6.22
CA ILE D 4937 3.11 -7.74 5.85
C ILE D 4937 2.34 -6.52 6.35
N ASP D 4938 1.01 -6.55 6.27
CA ASP D 4938 0.20 -5.44 6.74
C ASP D 4938 0.27 -5.31 8.25
N ALA D 4939 0.33 -6.42 8.98
CA ALA D 4939 0.49 -6.35 10.43
C ALA D 4939 1.84 -5.72 10.79
N PHE D 4940 2.91 -6.14 10.11
CA PHE D 4940 4.22 -5.56 10.37
C PHE D 4940 4.24 -4.07 10.06
N GLY D 4941 3.67 -3.68 8.90
CA GLY D 4941 3.63 -2.28 8.54
C GLY D 4941 2.76 -1.46 9.47
N GLU D 4942 1.66 -2.05 9.95
CA GLU D 4942 0.79 -1.36 10.89
C GLU D 4942 1.50 -1.14 12.22
N LEU D 4943 2.26 -2.12 12.70
CA LEU D 4943 3.02 -1.94 13.93
C LEU D 4943 4.09 -0.86 13.76
N ARG D 4944 4.79 -0.88 12.63
CA ARG D 4944 5.81 0.15 12.38
C ARG D 4944 5.17 1.53 12.29
N ASP D 4945 4.02 1.63 11.60
CA ASP D 4945 3.32 2.91 11.49
C ASP D 4945 2.79 3.37 12.84
N GLN D 4946 2.37 2.44 13.70
CA GLN D 4946 1.94 2.82 15.04
C GLN D 4946 3.10 3.38 15.84
N GLN D 4947 4.27 2.76 15.76
CA GLN D 4947 5.44 3.30 16.44
C GLN D 4947 5.81 4.68 15.91
N GLU D 4948 5.78 4.84 14.58
CA GLU D 4948 6.09 6.13 13.98
C GLU D 4948 5.08 7.19 14.39
N GLN D 4949 3.81 6.83 14.46
CA GLN D 4949 2.77 7.78 14.88
C GLN D 4949 2.93 8.15 16.35
N VAL D 4950 3.33 7.19 17.19
CA VAL D 4950 3.59 7.49 18.59
C VAL D 4950 4.73 8.51 18.69
N LYS D 4951 5.80 8.27 17.93
CA LYS D 4951 6.93 9.20 17.95
C LYS D 4951 6.51 10.58 17.45
N GLU D 4952 5.74 10.63 16.37
CA GLU D 4952 5.31 11.91 15.81
C GLU D 4952 4.41 12.66 16.78
N ASP D 4953 3.50 11.95 17.45
CA ASP D 4953 2.65 12.59 18.45
C ASP D 4953 3.47 13.12 19.62
N MET D 4954 4.47 12.35 20.06
CA MET D 4954 5.32 12.81 21.17
C MET D 4954 6.10 14.05 20.79
N GLU D 4955 6.65 14.10 19.57
CA GLU D 4955 7.42 15.26 19.14
C GLU D 4955 6.55 16.38 18.57
N THR D 4956 5.24 16.19 18.48
CA THR D 4956 4.33 17.20 17.95
C THR D 4956 3.40 17.76 19.01
N LYS D 4957 2.68 16.91 19.74
CA LYS D 4957 1.76 17.33 20.79
C LYS D 4957 2.31 16.91 22.13
N CYS D 4958 2.41 17.86 23.07
CA CYS D 4958 2.97 17.56 24.37
C CYS D 4958 2.03 16.65 25.16
N PHE D 4959 2.61 15.92 26.11
CA PHE D 4959 1.86 14.89 26.82
C PHE D 4959 0.92 15.49 27.86
N ILE D 4960 1.23 16.67 28.40
CA ILE D 4960 0.51 17.18 29.56
C ILE D 4960 -0.87 17.70 29.15
N CYS D 4961 -0.89 18.73 28.30
CA CYS D 4961 -2.16 19.33 27.89
C CYS D 4961 -2.53 19.04 26.44
N GLY D 4962 -1.57 18.62 25.62
CA GLY D 4962 -1.87 18.25 24.25
C GLY D 4962 -2.37 19.37 23.38
N ILE D 4963 -1.85 20.59 23.57
CA ILE D 4963 -2.24 21.73 22.74
C ILE D 4963 -1.66 21.56 21.34
N GLY D 4964 -2.14 22.37 20.41
CA GLY D 4964 -1.67 22.26 19.04
C GLY D 4964 -0.21 22.64 18.90
N SER D 4965 0.45 22.01 17.91
CA SER D 4965 1.87 22.27 17.70
C SER D 4965 2.10 23.64 17.06
N ASP D 4966 1.19 24.07 16.19
CA ASP D 4966 1.36 25.35 15.50
C ASP D 4966 1.28 26.53 16.47
N TYR D 4967 0.45 26.41 17.51
CA TYR D 4967 0.28 27.52 18.45
C TYR D 4967 1.61 27.88 19.12
N PHE D 4968 2.36 26.87 19.56
CA PHE D 4968 3.71 27.11 20.06
C PHE D 4968 4.72 27.31 18.94
N ASP D 4969 4.41 26.84 17.73
CA ASP D 4969 5.34 27.02 16.62
C ASP D 4969 5.37 28.45 16.12
N THR D 4970 4.33 29.24 16.43
CA THR D 4970 4.36 30.66 16.09
C THR D 4970 5.53 31.36 16.78
N THR D 4971 5.75 31.08 18.05
CA THR D 4971 6.90 31.55 18.80
C THR D 4971 8.10 30.65 18.54
N PRO D 4972 9.26 31.23 18.20
CA PRO D 4972 10.44 30.40 17.95
C PRO D 4972 10.82 29.58 19.17
N HIS D 4973 11.02 28.28 18.95
CA HIS D 4973 11.32 27.32 20.02
C HIS D 4973 10.23 27.34 21.09
N GLY D 4974 8.98 27.60 20.66
CA GLY D 4974 7.88 27.63 21.61
C GLY D 4974 7.58 26.26 22.20
N PHE D 4975 7.56 25.23 21.36
CA PHE D 4975 7.28 23.88 21.85
C PHE D 4975 8.42 23.37 22.72
N GLU D 4976 9.66 23.68 22.36
CA GLU D 4976 10.79 23.25 23.17
C GLU D 4976 10.72 23.85 24.57
N THR D 4977 10.43 25.14 24.67
CA THR D 4977 10.28 25.77 25.98
C THR D 4977 9.06 25.24 26.72
N HIS D 4978 7.98 24.97 25.99
CA HIS D 4978 6.77 24.44 26.60
C HIS D 4978 6.98 23.06 27.20
N THR D 4979 7.83 22.22 26.60
CA THR D 4979 8.06 20.88 27.08
C THR D 4979 9.24 20.77 28.06
N LEU D 4980 10.22 21.68 27.95
CA LEU D 4980 11.41 21.57 28.81
C LEU D 4980 11.08 21.95 30.25
N GLU D 4981 10.37 23.05 30.45
CA GLU D 4981 10.10 23.56 31.78
C GLU D 4981 8.63 23.82 32.06
N GLU D 4982 7.86 24.24 31.07
CA GLU D 4982 6.46 24.59 31.31
C GLU D 4982 5.63 23.37 31.66
N HIS D 4983 5.74 22.30 30.86
CA HIS D 4983 4.94 21.10 31.03
C HIS D 4983 5.82 19.86 30.96
N ASN D 4984 6.94 19.88 31.68
CA ASN D 4984 7.84 18.74 31.71
C ASN D 4984 7.26 17.64 32.59
N LEU D 4985 7.24 16.41 32.06
CA LEU D 4985 6.78 15.27 32.86
C LEU D 4985 7.70 15.04 34.06
N ALA D 4986 9.01 15.18 33.84
CA ALA D 4986 9.95 15.05 34.94
C ALA D 4986 9.71 16.10 36.01
N ASN D 4987 9.25 17.29 35.61
CA ASN D 4987 8.93 18.32 36.60
C ASN D 4987 7.78 17.88 37.51
N TYR D 4988 6.72 17.32 36.92
CA TYR D 4988 5.60 16.82 37.72
C TYR D 4988 6.03 15.65 38.59
N MET D 4989 6.90 14.77 38.06
CA MET D 4989 7.39 13.66 38.85
C MET D 4989 8.18 14.14 40.06
N PHE D 4990 9.07 15.12 39.85
CA PHE D 4990 9.84 15.68 40.96
C PHE D 4990 8.94 16.42 41.94
N PHE D 4991 7.88 17.06 41.44
CA PHE D 4991 6.90 17.66 42.34
C PHE D 4991 6.23 16.60 43.21
N LEU D 4992 5.93 15.44 42.62
CA LEU D 4992 5.35 14.35 43.40
C LEU D 4992 6.31 13.87 44.48
N MET D 4993 7.60 13.71 44.14
CA MET D 4993 8.59 13.35 45.17
C MET D 4993 8.64 14.41 46.26
N TYR D 4994 8.64 15.69 45.88
CA TYR D 4994 8.73 16.76 46.86
C TYR D 4994 7.52 16.79 47.78
N LEU D 4995 6.32 16.56 47.22
CA LEU D 4995 5.13 16.48 48.05
C LEU D 4995 5.17 15.29 49.00
N ILE D 4996 5.66 14.14 48.51
CA ILE D 4996 5.76 12.96 49.36
C ILE D 4996 6.72 13.21 50.52
N ASN D 4997 7.88 13.81 50.22
CA ASN D 4997 8.89 14.03 51.25
C ASN D 4997 8.45 15.11 52.24
N LYS D 4998 7.89 16.21 51.74
CA LYS D 4998 7.53 17.33 52.60
C LYS D 4998 6.35 16.96 53.50
N ASP D 4999 6.40 17.46 54.74
CA ASP D 4999 5.34 17.19 55.70
C ASP D 4999 4.08 17.97 55.33
N GLU D 5000 2.94 17.49 55.85
CA GLU D 5000 1.66 18.12 55.57
C GLU D 5000 1.60 19.54 56.13
N THR D 5001 2.15 19.75 57.32
CA THR D 5001 2.09 21.06 57.97
C THR D 5001 2.84 22.11 57.16
N GLU D 5002 4.00 21.75 56.62
CA GLU D 5002 4.83 22.69 55.88
C GLU D 5002 4.32 22.95 54.46
N HIS D 5003 3.32 22.20 54.00
CA HIS D 5003 2.79 22.39 52.66
C HIS D 5003 2.14 23.75 52.53
N THR D 5004 2.33 24.37 51.36
CA THR D 5004 1.68 25.65 51.07
C THR D 5004 0.23 25.42 50.69
N GLY D 5005 -0.50 26.52 50.45
CA GLY D 5005 -1.91 26.39 50.12
C GLY D 5005 -2.15 25.59 48.86
N GLN D 5006 -1.43 25.93 47.79
CA GLN D 5006 -1.55 25.16 46.56
C GLN D 5006 -1.05 23.74 46.74
N GLU D 5007 0.06 23.57 47.46
CA GLU D 5007 0.60 22.24 47.71
C GLU D 5007 -0.36 21.42 48.57
N SER D 5008 -0.93 22.02 49.61
CA SER D 5008 -1.90 21.31 50.45
C SER D 5008 -3.12 20.92 49.64
N TYR D 5009 -3.62 21.84 48.80
CA TYR D 5009 -4.78 21.55 47.96
C TYR D 5009 -4.49 20.39 47.01
N VAL D 5010 -3.33 20.42 46.35
CA VAL D 5010 -3.01 19.37 45.39
C VAL D 5010 -2.80 18.04 46.09
N TRP D 5011 -2.22 18.06 47.30
CA TRP D 5011 -2.03 16.81 48.04
C TRP D 5011 -3.35 16.22 48.50
N LYS D 5012 -4.23 17.05 49.05
CA LYS D 5012 -5.53 16.58 49.52
C LYS D 5012 -6.35 16.04 48.36
N MET D 5013 -6.33 16.71 47.21
CA MET D 5013 -7.08 16.24 46.06
C MET D 5013 -6.39 15.07 45.35
N TYR D 5014 -5.09 14.87 45.57
CA TYR D 5014 -4.44 13.67 45.08
C TYR D 5014 -4.83 12.46 45.92
N GLN D 5015 -4.96 12.66 47.24
CA GLN D 5015 -5.48 11.58 48.07
C GLN D 5015 -6.92 11.26 47.74
N GLU D 5016 -7.63 12.18 47.07
CA GLU D 5016 -8.96 11.92 46.57
C GLU D 5016 -8.96 11.13 45.27
N ARG D 5017 -7.78 10.93 44.67
CA ARG D 5017 -7.61 10.09 43.47
C ARG D 5017 -8.42 10.62 42.29
N CYS D 5018 -8.55 11.95 42.19
CA CYS D 5018 -9.27 12.59 41.10
C CYS D 5018 -8.34 13.58 40.41
N TRP D 5019 -8.01 13.32 39.15
CA TRP D 5019 -6.98 14.08 38.45
C TRP D 5019 -7.54 15.16 37.52
N ASP D 5020 -8.18 16.18 38.08
CA ASP D 5020 -8.51 17.36 37.29
C ASP D 5020 -7.61 18.55 37.61
N PHE D 5021 -6.53 18.36 38.35
CA PHE D 5021 -5.60 19.43 38.63
C PHE D 5021 -4.60 19.66 37.50
N PHE D 5022 -4.62 18.83 36.46
CA PHE D 5022 -3.74 19.02 35.33
C PHE D 5022 -4.17 20.25 34.53
N PRO D 5023 -3.27 20.83 33.74
CA PRO D 5023 -3.65 21.98 32.90
C PRO D 5023 -4.81 21.67 31.96
N ALA D 5024 -4.90 20.44 31.46
CA ALA D 5024 -6.04 19.95 30.68
C ALA D 5024 -6.14 20.78 29.40
N GLY D 5025 -7.18 21.60 29.22
CA GLY D 5025 -7.38 22.25 27.94
C GLY D 5025 -6.31 23.27 27.58
N ASP D 5026 -5.93 24.12 28.54
CA ASP D 5026 -5.07 25.26 28.26
C ASP D 5026 -3.92 25.32 29.26
N CYS D 5027 -2.99 26.22 29.00
CA CYS D 5027 -1.82 26.47 29.82
C CYS D 5027 -1.74 27.96 30.17
N PHE D 5028 -0.60 28.35 30.75
CA PHE D 5028 -0.42 29.75 31.15
C PHE D 5028 -0.39 30.68 29.94
N ARG D 5029 0.25 30.24 28.85
CA ARG D 5029 0.38 31.09 27.67
C ARG D 5029 -0.99 31.43 27.07
N LYS D 5030 -1.88 30.43 26.99
CA LYS D 5030 -3.19 30.67 26.42
C LYS D 5030 -4.04 31.56 27.33
N GLN D 5031 -3.91 31.38 28.65
CA GLN D 5031 -4.75 32.12 29.59
C GLN D 5031 -4.44 33.62 29.55
N TYR D 5032 -3.16 33.97 29.46
CA TYR D 5032 -2.71 35.37 29.55
C TYR D 5032 -1.82 35.71 28.36
N GLU D 5033 -2.30 35.36 27.15
CA GLU D 5033 -1.53 35.65 25.94
C GLU D 5033 -1.35 37.15 25.75
N ASP D 5034 -2.38 37.95 26.01
CA ASP D 5034 -2.26 39.39 25.88
C ASP D 5034 -1.25 39.95 26.86
N GLN D 5035 -1.28 39.48 28.11
CA GLN D 5035 -0.33 39.95 29.11
C GLN D 5035 1.09 39.50 28.77
N LEU D 5036 1.25 38.27 28.29
CA LEU D 5036 2.56 37.75 27.95
C LEU D 5036 3.06 38.31 26.62
#